data_8QP6
#
_entry.id   8QP6
#
_cell.length_a   72.320
_cell.length_b   121.760
_cell.length_c   234.100
_cell.angle_alpha   90.000
_cell.angle_beta   90.000
_cell.angle_gamma   90.000
#
_symmetry.space_group_name_H-M   'P 21 21 21'
#
loop_
_entity.id
_entity.type
_entity.pdbx_description
1 polymer 1W4K_08
2 polymer 'F(ab) IGH526'
3 water water
#
loop_
_entity_poly.entity_id
_entity_poly.type
_entity_poly.pdbx_seq_one_letter_code
_entity_poly.pdbx_strand_id
1 'polypeptide(L)' MGSREVATPHRAAWLAMMLGIDASKVKGTGPGGVITVEDVKRWAEETAKATAGSENLYFQ A,G,D,J
2 'polypeptide(L)'
;EVQLLEQSGAEVKRPGASVKVSCKASGYTFTSYAIHWVRQAPGQRLEWMGWINPGNGNAKYSQRFQGRVIISRDTSATTS
YMELSSLTSEDTAVYSCARDRGFDLLTGHYLGLDPWGQGTLVTVSSASTKGPSVFPLAPSSKSTSGGTAALGCLVKDYFP
EPVTVSWNSGALTSGVHTFPAVLQSSGLYSLSSVVTVPSSSLGTQTYICNVNHKPSNTKVDKKVEPKSCGSLEDDDDKAG
WSHPQFEKGGGSGGGSGGGSWSHPQFEKEIELTLTQPASASATPGQRVTISCSGSSSNIGGNTVNWYQHLPGAAPKLLIH
NNDLRPSGVPDRFSGSKSGTSASLAVSGLQSEDEADYFCAAWDDGLNGWVFGGGTKLTVLGQPKAAPSVTLFPPSSEELQ
ANKATLVCLISDFYPGAVTVAWKADSSPVKAGVETTTPSKQSNNKYAASSYLSLTPEQWKSHKSYSCQVTHEGSTVEKTV
APTECS
;
B,C,E,H,I,F,K,L
#
# COMPACT_ATOMS: atom_id res chain seq x y z
N GLU A 5 -32.53 -43.24 5.03
CA GLU A 5 -32.56 -41.80 4.89
C GLU A 5 -31.67 -41.34 3.74
N VAL A 6 -32.18 -40.41 2.92
CA VAL A 6 -31.43 -39.95 1.77
C VAL A 6 -30.26 -39.07 2.21
N ALA A 7 -29.30 -38.90 1.29
CA ALA A 7 -28.14 -38.06 1.53
C ALA A 7 -28.46 -36.62 1.16
N THR A 8 -28.26 -35.71 2.10
CA THR A 8 -28.58 -34.30 1.89
C THR A 8 -27.36 -33.43 2.19
N PRO A 9 -27.16 -32.37 1.42
CA PRO A 9 -26.05 -31.46 1.68
C PRO A 9 -26.21 -30.72 3.01
N HIS A 10 -25.12 -30.11 3.45
CA HIS A 10 -25.09 -29.47 4.75
C HIS A 10 -26.03 -28.28 4.84
N ARG A 11 -26.04 -27.42 3.81
CA ARG A 11 -26.97 -26.29 3.82
C ARG A 11 -28.41 -26.76 3.82
N ALA A 12 -28.72 -27.78 3.00
CA ALA A 12 -30.09 -28.29 2.95
C ALA A 12 -30.51 -28.86 4.30
N ALA A 13 -29.61 -29.61 4.95
CA ALA A 13 -29.94 -30.17 6.25
C ALA A 13 -30.15 -29.09 7.29
N TRP A 14 -29.29 -28.06 7.31
CA TRP A 14 -29.44 -26.99 8.28
C TRP A 14 -30.75 -26.24 8.05
N LEU A 15 -31.08 -25.95 6.79
CA LEU A 15 -32.32 -25.25 6.49
C LEU A 15 -33.52 -26.09 6.89
N ALA A 16 -33.49 -27.40 6.60
CA ALA A 16 -34.60 -28.26 6.98
C ALA A 16 -34.76 -28.34 8.49
N MET A 17 -33.66 -28.29 9.23
CA MET A 17 -33.75 -28.32 10.69
C MET A 17 -34.31 -27.01 11.24
N MET A 18 -33.68 -25.89 10.90
CA MET A 18 -34.05 -24.63 11.55
C MET A 18 -35.39 -24.10 11.04
N LEU A 19 -35.67 -24.27 9.75
CA LEU A 19 -36.97 -23.84 9.23
C LEU A 19 -38.08 -24.79 9.66
N GLY A 20 -37.81 -26.09 9.62
CA GLY A 20 -38.77 -27.08 10.06
C GLY A 20 -39.35 -27.91 8.95
N ILE A 21 -38.57 -28.15 7.90
CA ILE A 21 -39.03 -28.96 6.78
C ILE A 21 -38.96 -30.44 7.14
N ALA A 23 -36.80 -32.72 2.75
CA ALA A 23 -36.30 -33.93 2.08
C ALA A 23 -37.04 -34.16 0.76
N SER A 24 -38.24 -33.58 0.64
CA SER A 24 -39.01 -33.73 -0.59
C SER A 24 -38.40 -32.93 -1.74
N LYS A 25 -37.81 -31.78 -1.45
CA LYS A 25 -37.18 -30.96 -2.49
C LYS A 25 -36.13 -30.04 -1.89
N ILE A 35 -35.11 -26.02 -8.07
CA ILE A 35 -33.66 -25.93 -8.18
C ILE A 35 -33.25 -24.53 -8.63
N THR A 36 -34.18 -23.82 -9.26
CA THR A 36 -33.97 -22.46 -9.73
C THR A 36 -34.78 -21.49 -8.88
N VAL A 37 -34.69 -20.21 -9.23
CA VAL A 37 -35.45 -19.19 -8.52
C VAL A 37 -36.94 -19.32 -8.82
N GLU A 38 -37.30 -19.60 -10.07
CA GLU A 38 -38.70 -19.74 -10.42
C GLU A 38 -39.30 -21.05 -9.92
N ASP A 39 -38.46 -22.06 -9.73
CA ASP A 39 -38.94 -23.33 -9.16
C ASP A 39 -39.42 -23.13 -7.74
N VAL A 40 -38.73 -22.30 -6.97
CA VAL A 40 -39.15 -22.01 -5.59
C VAL A 40 -40.50 -21.31 -5.59
N LYS A 41 -40.69 -20.35 -6.50
CA LYS A 41 -41.96 -19.63 -6.56
C LYS A 41 -43.11 -20.57 -6.93
N ARG A 42 -42.88 -21.45 -7.90
CA ARG A 42 -43.91 -22.42 -8.28
C ARG A 42 -44.19 -23.40 -7.15
N TRP A 43 -43.14 -23.90 -6.50
CA TRP A 43 -43.33 -24.85 -5.41
C TRP A 43 -44.05 -24.22 -4.23
N ALA A 44 -43.70 -22.98 -3.89
CA ALA A 44 -44.33 -22.29 -2.77
C ALA A 44 -45.74 -21.85 -3.12
N VAL B 2 -21.02 -13.14 27.57
CA VAL B 2 -20.20 -14.24 27.08
C VAL B 2 -21.08 -15.44 26.71
N GLN B 3 -20.67 -16.17 25.68
CA GLN B 3 -21.40 -17.34 25.22
C GLN B 3 -20.86 -18.55 25.96
N LEU B 4 -21.71 -19.20 26.76
CA LEU B 4 -21.24 -20.30 27.58
C LEU B 4 -22.17 -21.51 27.48
N LEU B 5 -21.56 -22.69 27.41
CA LEU B 5 -22.26 -23.97 27.53
C LEU B 5 -21.66 -24.70 28.72
N GLU B 6 -22.41 -24.75 29.83
CA GLU B 6 -21.99 -25.48 31.00
C GLU B 6 -22.54 -26.90 30.93
N GLN B 7 -21.76 -27.87 31.42
CA GLN B 7 -22.10 -29.26 31.22
C GLN B 7 -21.91 -30.02 32.53
N SER B 8 -22.74 -31.04 32.74
CA SER B 8 -22.82 -31.70 34.03
C SER B 8 -21.54 -32.49 34.32
N GLY B 9 -21.39 -32.89 35.59
CA GLY B 9 -20.20 -33.56 36.05
C GLY B 9 -20.13 -35.00 35.58
N ALA B 10 -18.99 -35.63 35.89
CA ALA B 10 -18.72 -36.97 35.42
C ALA B 10 -19.69 -37.99 36.01
N GLU B 11 -19.87 -39.09 35.28
CA GLU B 11 -20.79 -40.15 35.66
C GLU B 11 -20.09 -41.50 35.59
N VAL B 12 -20.42 -42.38 36.53
CA VAL B 12 -19.98 -43.77 36.51
C VAL B 12 -21.22 -44.64 36.53
N LYS B 13 -21.36 -45.50 35.53
CA LYS B 13 -22.54 -46.34 35.38
C LYS B 13 -22.13 -47.79 35.14
N ARG B 14 -22.96 -48.70 35.64
CA ARG B 14 -22.80 -50.12 35.37
C ARG B 14 -23.29 -50.45 33.97
N PRO B 15 -22.78 -51.52 33.37
CA PRO B 15 -23.27 -51.91 32.04
C PRO B 15 -24.76 -52.21 32.05
N GLY B 16 -25.43 -51.80 30.96
CA GLY B 16 -26.86 -51.96 30.84
C GLY B 16 -27.68 -50.80 31.34
N ALA B 17 -27.08 -49.91 32.14
CA ALA B 17 -27.81 -48.76 32.67
C ALA B 17 -27.93 -47.68 31.59
N SER B 18 -28.44 -46.51 31.98
CA SER B 18 -28.58 -45.37 31.08
C SER B 18 -28.06 -44.13 31.77
N VAL B 19 -27.63 -43.15 30.98
CA VAL B 19 -27.08 -41.91 31.52
C VAL B 19 -27.77 -40.73 30.84
N LYS B 20 -27.93 -39.64 31.60
CA LYS B 20 -28.59 -38.43 31.12
C LYS B 20 -27.68 -37.25 31.40
N VAL B 21 -27.04 -36.73 30.35
CA VAL B 21 -26.09 -35.63 30.46
C VAL B 21 -26.78 -34.34 30.07
N SER B 22 -26.54 -33.28 30.84
CA SER B 22 -27.17 -31.99 30.63
C SER B 22 -26.21 -31.00 29.99
N CYS B 23 -26.78 -29.93 29.43
CA CYS B 23 -26.03 -28.89 28.75
C CYS B 23 -26.81 -27.59 28.90
N LYS B 24 -26.42 -26.78 29.86
CA LYS B 24 -27.06 -25.50 30.12
C LYS B 24 -26.42 -24.42 29.26
N ALA B 25 -27.24 -23.61 28.61
CA ALA B 25 -26.77 -22.59 27.68
C ALA B 25 -27.01 -21.21 28.27
N SER B 26 -26.07 -20.30 28.03
CA SER B 26 -26.22 -18.93 28.48
C SER B 26 -25.46 -18.01 27.53
N GLY B 27 -25.90 -16.75 27.49
CA GLY B 27 -25.28 -15.75 26.66
C GLY B 27 -25.89 -15.58 25.28
N TYR B 28 -26.84 -16.43 24.89
CA TYR B 28 -27.46 -16.31 23.58
C TYR B 28 -28.89 -16.83 23.65
N THR B 29 -29.67 -16.47 22.63
CA THR B 29 -31.04 -16.97 22.51
C THR B 29 -31.04 -18.48 22.30
N PHE B 30 -31.55 -19.21 23.29
CA PHE B 30 -31.44 -20.67 23.28
C PHE B 30 -32.18 -21.30 22.11
N THR B 31 -33.30 -20.72 21.70
CA THR B 31 -34.16 -21.32 20.69
C THR B 31 -33.79 -20.93 19.26
N SER B 32 -32.74 -20.13 19.06
CA SER B 32 -32.36 -19.67 17.73
C SER B 32 -31.12 -20.37 17.20
N TYR B 33 -30.61 -21.38 17.91
CA TYR B 33 -29.41 -22.08 17.47
C TYR B 33 -29.52 -23.55 17.87
N ALA B 34 -29.22 -24.44 16.92
CA ALA B 34 -29.33 -25.87 17.16
C ALA B 34 -28.19 -26.37 18.05
N ILE B 35 -28.45 -27.47 18.75
CA ILE B 35 -27.49 -28.07 19.67
C ILE B 35 -27.08 -29.42 19.11
N HIS B 36 -25.78 -29.68 19.10
CA HIS B 36 -25.20 -30.94 18.65
C HIS B 36 -24.64 -31.71 19.84
N TRP B 37 -24.73 -33.03 19.77
CA TRP B 37 -24.15 -33.92 20.75
C TRP B 37 -23.19 -34.87 20.04
N VAL B 38 -21.95 -34.92 20.53
CA VAL B 38 -20.89 -35.77 20.01
C VAL B 38 -20.22 -36.46 21.18
N ARG B 39 -19.48 -37.53 20.87
CA ARG B 39 -18.70 -38.22 21.90
C ARG B 39 -17.31 -38.54 21.38
N GLN B 40 -16.38 -38.68 22.32
CA GLN B 40 -15.01 -39.10 22.01
C GLN B 40 -14.60 -40.16 23.02
N ALA B 41 -14.44 -41.39 22.56
CA ALA B 41 -13.88 -42.45 23.37
C ALA B 41 -12.37 -42.25 23.53
N PRO B 42 -11.78 -42.79 24.59
CA PRO B 42 -10.32 -42.65 24.77
C PRO B 42 -9.56 -43.23 23.59
N GLY B 43 -8.58 -42.49 23.10
CA GLY B 43 -7.81 -42.92 21.94
C GLY B 43 -8.64 -43.11 20.69
N GLN B 44 -9.66 -42.27 20.50
CA GLN B 44 -10.56 -42.38 19.37
C GLN B 44 -10.91 -40.99 18.87
N ARG B 45 -11.31 -40.90 17.60
CA ARG B 45 -11.76 -39.64 17.06
C ARG B 45 -13.16 -39.31 17.56
N LEU B 46 -13.52 -38.04 17.48
CA LEU B 46 -14.86 -37.63 17.88
C LEU B 46 -15.89 -38.30 16.98
N GLU B 47 -17.01 -38.72 17.58
CA GLU B 47 -18.07 -39.41 16.88
C GLU B 47 -19.36 -38.62 17.06
N TRP B 48 -19.87 -38.08 15.96
CA TRP B 48 -21.12 -37.31 16.02
C TRP B 48 -22.28 -38.21 16.39
N MET B 49 -23.09 -37.77 17.34
CA MET B 49 -24.23 -38.55 17.82
C MET B 49 -25.57 -38.03 17.33
N GLY B 50 -25.86 -36.75 17.54
CA GLY B 50 -27.14 -36.25 17.09
C GLY B 50 -27.25 -34.75 17.26
N TRP B 51 -28.44 -34.23 16.97
CA TRP B 51 -28.63 -32.79 17.02
C TRP B 51 -30.11 -32.46 17.13
N ILE B 52 -30.39 -31.27 17.65
CA ILE B 52 -31.75 -30.88 18.00
C ILE B 52 -31.92 -29.39 17.74
N ASN B 53 -33.15 -29.01 17.37
CA ASN B 53 -33.54 -27.61 17.27
C ASN B 53 -34.32 -27.23 18.52
N PRO B 54 -33.74 -26.48 19.45
CA PRO B 54 -34.47 -26.12 20.67
C PRO B 54 -35.70 -25.26 20.42
N GLY B 55 -35.77 -24.58 19.29
CA GLY B 55 -36.96 -23.77 19.00
C GLY B 55 -38.21 -24.60 18.85
N ASN B 56 -38.13 -25.69 18.09
CA ASN B 56 -39.29 -26.53 17.80
C ASN B 56 -39.19 -27.94 18.36
N GLY B 57 -38.04 -28.34 18.90
CA GLY B 57 -37.91 -29.63 19.55
C GLY B 57 -37.59 -30.80 18.63
N ASN B 58 -37.52 -30.58 17.32
CA ASN B 58 -37.21 -31.67 16.40
C ASN B 58 -35.76 -32.12 16.58
N ALA B 59 -35.55 -33.43 16.68
CA ALA B 59 -34.23 -33.98 16.91
C ALA B 59 -33.95 -35.09 15.90
N LYS B 60 -32.70 -35.17 15.45
CA LYS B 60 -32.26 -36.20 14.52
C LYS B 60 -30.99 -36.85 15.07
N TYR B 61 -30.77 -38.09 14.65
CA TYR B 61 -29.73 -38.92 15.24
C TYR B 61 -28.95 -39.63 14.15
N SER B 62 -27.71 -39.99 14.47
CA SER B 62 -26.92 -40.83 13.59
C SER B 62 -27.50 -42.24 13.56
N GLN B 63 -27.20 -42.97 12.47
CA GLN B 63 -27.75 -44.31 12.29
C GLN B 63 -27.23 -45.26 13.36
N ARG B 64 -25.96 -45.12 13.74
CA ARG B 64 -25.36 -46.04 14.71
C ARG B 64 -25.97 -45.91 16.10
N PHE B 65 -26.68 -44.82 16.39
CA PHE B 65 -27.22 -44.58 17.72
C PHE B 65 -28.74 -44.55 17.77
N GLN B 66 -29.44 -44.67 16.64
CA GLN B 66 -30.89 -44.67 16.66
C GLN B 66 -31.43 -45.81 17.52
N GLY B 67 -32.40 -45.49 18.36
CA GLY B 67 -32.98 -46.44 19.28
C GLY B 67 -32.29 -46.52 20.63
N ARG B 68 -31.15 -45.84 20.81
CA ARG B 68 -30.43 -45.82 22.07
C ARG B 68 -30.26 -44.43 22.65
N VAL B 69 -30.31 -43.39 21.84
CA VAL B 69 -30.07 -42.02 22.29
C VAL B 69 -31.37 -41.24 22.16
N ILE B 70 -31.62 -40.36 23.14
CA ILE B 70 -32.73 -39.41 23.10
C ILE B 70 -32.17 -38.04 23.43
N ILE B 71 -32.37 -37.08 22.52
CA ILE B 71 -31.96 -35.71 22.74
C ILE B 71 -33.21 -34.86 22.93
N SER B 72 -33.25 -34.12 24.03
CA SER B 72 -34.39 -33.29 24.40
C SER B 72 -33.89 -31.92 24.83
N ARG B 73 -34.81 -31.03 25.16
CA ARG B 73 -34.43 -29.69 25.58
C ARG B 73 -35.48 -29.13 26.53
N ASP B 74 -35.05 -28.15 27.33
CA ASP B 74 -35.91 -27.45 28.27
C ASP B 74 -35.75 -25.95 28.00
N THR B 75 -36.76 -25.35 27.37
CA THR B 75 -36.67 -23.95 26.99
C THR B 75 -36.60 -23.05 28.21
N SER B 76 -37.38 -23.35 29.25
CA SER B 76 -37.39 -22.51 30.44
C SER B 76 -36.02 -22.50 31.11
N ALA B 77 -35.36 -23.65 31.18
CA ALA B 77 -34.02 -23.74 31.75
C ALA B 77 -32.91 -23.51 30.73
N THR B 78 -33.26 -23.37 29.45
CA THR B 78 -32.29 -23.24 28.37
C THR B 78 -31.26 -24.36 28.43
N THR B 79 -31.76 -25.58 28.61
CA THR B 79 -30.92 -26.76 28.82
C THR B 79 -31.28 -27.82 27.78
N SER B 80 -30.25 -28.47 27.24
CA SER B 80 -30.41 -29.61 26.35
C SER B 80 -29.91 -30.88 27.05
N TYR B 81 -30.62 -31.97 26.86
CA TYR B 81 -30.33 -33.23 27.52
C TYR B 81 -30.07 -34.32 26.49
N MET B 82 -29.10 -35.18 26.79
CA MET B 82 -28.83 -36.36 25.97
C MET B 82 -28.84 -37.57 26.87
N GLU B 83 -29.70 -38.55 26.57
CA GLU B 83 -29.82 -39.77 27.35
C GLU B 83 -29.42 -40.95 26.48
N LEU B 84 -28.44 -41.72 26.96
CA LEU B 84 -27.94 -42.90 26.27
C LEU B 84 -28.29 -44.14 27.08
N SER B 85 -28.87 -45.13 26.39
CA SER B 85 -29.42 -46.33 27.00
C SER B 85 -28.63 -47.56 26.57
N SER B 86 -28.78 -48.63 27.35
CA SER B 86 -28.10 -49.91 27.11
C SER B 86 -26.58 -49.70 27.02
N LEU B 87 -26.03 -49.10 28.08
CA LEU B 87 -24.61 -48.79 28.11
C LEU B 87 -23.78 -50.08 28.11
N THR B 88 -22.65 -50.02 27.41
CA THR B 88 -21.65 -51.08 27.39
C THR B 88 -20.29 -50.43 27.61
N SER B 89 -19.25 -51.28 27.66
CA SER B 89 -17.89 -50.76 27.87
C SER B 89 -17.47 -49.83 26.74
N GLU B 90 -18.03 -50.01 25.54
CA GLU B 90 -17.69 -49.15 24.41
C GLU B 90 -18.34 -47.78 24.50
N ASP B 91 -19.26 -47.56 25.44
CA ASP B 91 -19.92 -46.28 25.61
C ASP B 91 -19.19 -45.35 26.58
N THR B 92 -18.11 -45.82 27.21
CA THR B 92 -17.28 -44.96 28.03
C THR B 92 -16.59 -43.93 27.16
N ALA B 93 -16.86 -42.65 27.41
CA ALA B 93 -16.34 -41.60 26.54
C ALA B 93 -16.61 -40.24 27.17
N VAL B 94 -16.02 -39.21 26.58
CA VAL B 94 -16.34 -37.83 26.93
C VAL B 94 -17.44 -37.36 25.99
N TYR B 95 -18.55 -36.90 26.57
CA TYR B 95 -19.73 -36.47 25.82
C TYR B 95 -19.78 -34.95 25.81
N SER B 96 -19.99 -34.36 24.65
CA SER B 96 -19.93 -32.92 24.48
C SER B 96 -21.14 -32.40 23.71
N CYS B 97 -21.57 -31.19 24.08
CA CYS B 97 -22.60 -30.45 23.37
C CYS B 97 -21.98 -29.20 22.75
N ALA B 98 -22.44 -28.86 21.54
CA ALA B 98 -21.89 -27.74 20.79
C ALA B 98 -23.00 -26.96 20.12
N ARG B 99 -22.87 -25.63 20.11
CA ARG B 99 -23.85 -24.79 19.44
C ARG B 99 -23.53 -24.68 17.96
N ASP B 100 -24.56 -24.81 17.12
CA ASP B 100 -24.41 -24.68 15.67
C ASP B 100 -24.77 -23.24 15.31
N ARG B 101 -23.75 -22.43 15.02
CA ARG B 101 -23.98 -21.03 14.68
C ARG B 101 -24.70 -20.88 13.34
N GLY B 102 -24.72 -21.93 12.52
CA GLY B 102 -25.49 -21.93 11.29
C GLY B 102 -24.87 -21.12 10.16
N PHE B 103 -25.71 -20.85 9.17
CA PHE B 103 -25.32 -20.13 7.96
C PHE B 103 -25.73 -18.67 8.05
N ASP B 104 -24.84 -17.78 7.63
CA ASP B 104 -25.18 -16.38 7.42
C ASP B 104 -25.93 -16.25 6.10
N LEU B 105 -27.14 -15.70 6.16
CA LEU B 105 -27.97 -15.61 4.95
C LEU B 105 -27.35 -14.71 3.90
N LEU B 106 -26.80 -13.57 4.31
CA LEU B 106 -26.28 -12.59 3.34
C LEU B 106 -25.06 -13.14 2.61
N THR B 107 -24.08 -13.66 3.34
CA THR B 107 -22.85 -14.13 2.74
C THR B 107 -22.92 -15.61 2.32
N GLY B 108 -23.88 -16.37 2.82
CA GLY B 108 -23.89 -17.79 2.59
C GLY B 108 -22.82 -18.56 3.34
N HIS B 109 -22.07 -17.89 4.21
CA HIS B 109 -20.99 -18.52 4.95
C HIS B 109 -21.54 -19.38 6.09
N TYR B 110 -20.84 -20.48 6.35
CA TYR B 110 -21.13 -21.29 7.54
C TYR B 110 -20.28 -20.81 8.70
N LEU B 111 -20.91 -20.56 9.84
CA LEU B 111 -20.27 -19.88 10.95
C LEU B 111 -19.61 -20.83 11.95
N GLY B 112 -19.72 -22.14 11.75
CA GLY B 112 -19.02 -23.09 12.59
C GLY B 112 -19.82 -23.52 13.82
N LEU B 113 -19.32 -24.56 14.48
CA LEU B 113 -19.88 -25.03 15.74
C LEU B 113 -19.16 -24.32 16.89
N ASP B 114 -19.91 -23.49 17.62
CA ASP B 114 -19.31 -22.64 18.64
C ASP B 114 -20.40 -22.05 19.53
N PRO B 115 -20.21 -22.04 20.87
CA PRO B 115 -19.06 -22.66 21.54
C PRO B 115 -19.27 -24.15 21.85
N TRP B 116 -18.38 -24.69 22.65
CA TRP B 116 -18.38 -26.10 23.04
C TRP B 116 -18.53 -26.22 24.56
N GLY B 117 -19.24 -27.25 24.99
CA GLY B 117 -19.26 -27.59 26.39
C GLY B 117 -17.92 -28.16 26.85
N GLN B 118 -17.70 -28.11 28.17
CA GLN B 118 -16.43 -28.61 28.70
C GLN B 118 -16.33 -30.11 28.67
N GLY B 119 -17.42 -30.82 28.40
CA GLY B 119 -17.42 -32.26 28.32
C GLY B 119 -17.88 -32.92 29.61
N THR B 120 -18.33 -34.17 29.48
CA THR B 120 -18.70 -34.99 30.61
C THR B 120 -18.13 -36.39 30.41
N LEU B 121 -17.28 -36.81 31.31
CA LEU B 121 -16.73 -38.17 31.25
C LEU B 121 -17.75 -39.15 31.79
N VAL B 122 -18.18 -40.08 30.94
CA VAL B 122 -19.07 -41.17 31.34
C VAL B 122 -18.27 -42.46 31.27
N THR B 123 -18.07 -43.09 32.42
CA THR B 123 -17.33 -44.34 32.52
C THR B 123 -18.33 -45.47 32.76
N VAL B 124 -18.35 -46.45 31.87
CA VAL B 124 -19.19 -47.63 31.99
C VAL B 124 -18.30 -48.79 32.40
N SER B 125 -18.38 -49.18 33.67
CA SER B 125 -17.55 -50.23 34.23
C SER B 125 -18.37 -51.09 35.17
N SER B 126 -18.15 -52.41 35.10
CA SER B 126 -18.82 -53.34 36.01
C SER B 126 -18.26 -53.28 37.42
N ALA B 127 -17.10 -52.67 37.62
CA ALA B 127 -16.49 -52.58 38.94
C ALA B 127 -17.36 -51.73 39.87
N SER B 128 -17.28 -52.05 41.16
CA SER B 128 -18.00 -51.33 42.20
C SER B 128 -17.05 -50.49 43.03
N THR B 129 -17.62 -49.53 43.75
CA THR B 129 -16.84 -48.59 44.54
C THR B 129 -15.97 -49.33 45.55
N LYS B 130 -14.69 -48.96 45.63
CA LYS B 130 -13.76 -49.60 46.53
C LYS B 130 -12.71 -48.59 46.99
N GLY B 131 -12.45 -48.56 48.30
CA GLY B 131 -11.38 -47.76 48.83
C GLY B 131 -10.03 -48.38 48.52
N PRO B 132 -8.98 -47.57 48.56
CA PRO B 132 -7.65 -48.07 48.20
C PRO B 132 -6.96 -48.78 49.34
N SER B 133 -6.02 -49.64 48.97
CA SER B 133 -5.01 -50.15 49.88
C SER B 133 -3.73 -49.35 49.67
N VAL B 134 -3.11 -48.91 50.77
CA VAL B 134 -1.96 -48.03 50.71
C VAL B 134 -0.75 -48.78 51.27
N PHE B 135 0.32 -48.85 50.46
CA PHE B 135 1.52 -49.55 50.84
C PHE B 135 2.72 -48.61 50.79
N PRO B 136 3.61 -48.69 51.77
CA PRO B 136 4.81 -47.85 51.74
C PRO B 136 5.75 -48.26 50.62
N LEU B 137 6.48 -47.28 50.09
CA LEU B 137 7.48 -47.52 49.06
C LEU B 137 8.85 -47.12 49.61
N ALA B 138 9.74 -48.10 49.72
CA ALA B 138 11.07 -47.88 50.26
C ALA B 138 12.11 -48.54 49.36
N PRO B 139 13.33 -47.99 49.30
CA PRO B 139 14.38 -48.60 48.47
C PRO B 139 14.89 -49.93 49.04
N GLY B 147 23.40 -39.61 48.08
CA GLY B 147 23.05 -38.22 48.27
C GLY B 147 21.69 -38.01 48.90
N THR B 148 20.64 -38.27 48.13
CA THR B 148 19.26 -38.11 48.57
C THR B 148 18.54 -39.45 48.52
N ALA B 149 17.33 -39.47 49.06
CA ALA B 149 16.52 -40.68 49.10
C ALA B 149 15.09 -40.35 48.70
N ALA B 150 14.40 -41.35 48.18
CA ALA B 150 13.02 -41.21 47.71
C ALA B 150 12.12 -42.16 48.48
N LEU B 151 11.06 -41.62 49.06
CA LEU B 151 10.07 -42.40 49.80
C LEU B 151 8.71 -42.17 49.17
N GLY B 152 7.86 -43.21 49.20
CA GLY B 152 6.59 -43.12 48.51
C GLY B 152 5.49 -43.95 49.13
N CYS B 153 4.28 -43.73 48.62
CA CYS B 153 3.09 -44.48 49.03
C CYS B 153 2.42 -45.05 47.78
N LEU B 154 2.12 -46.34 47.82
CA LEU B 154 1.44 -47.02 46.72
C LEU B 154 -0.05 -47.06 47.02
N VAL B 155 -0.82 -46.26 46.29
CA VAL B 155 -2.28 -46.25 46.42
C VAL B 155 -2.82 -47.22 45.38
N LYS B 156 -3.30 -48.38 45.85
CA LYS B 156 -3.59 -49.51 44.98
C LYS B 156 -5.04 -49.94 45.10
N ASP B 157 -5.61 -50.37 43.97
CA ASP B 157 -6.89 -51.09 43.92
C ASP B 157 -8.04 -50.22 44.47
N TYR B 158 -8.27 -49.09 43.81
CA TYR B 158 -9.39 -48.24 44.16
C TYR B 158 -10.22 -47.95 42.92
N PHE B 159 -11.45 -47.50 43.16
CA PHE B 159 -12.40 -47.18 42.10
C PHE B 159 -13.57 -46.39 42.68
N PRO B 160 -14.04 -45.34 42.00
CA PRO B 160 -13.46 -44.76 40.80
C PRO B 160 -12.48 -43.63 41.10
N GLU B 161 -12.15 -42.85 40.08
CA GLU B 161 -11.35 -41.65 40.26
C GLU B 161 -12.16 -40.59 40.99
N PRO B 162 -11.49 -39.61 41.63
CA PRO B 162 -10.04 -39.48 41.80
C PRO B 162 -9.57 -39.77 43.22
N VAL B 163 -8.25 -39.77 43.42
CA VAL B 163 -7.64 -39.86 44.74
C VAL B 163 -6.73 -38.65 44.93
N THR B 164 -6.85 -37.99 46.08
CA THR B 164 -5.97 -36.90 46.46
C THR B 164 -4.92 -37.42 47.43
N VAL B 165 -3.67 -37.01 47.22
CA VAL B 165 -2.55 -37.42 48.06
C VAL B 165 -1.82 -36.18 48.55
N SER B 166 -1.57 -36.10 49.85
CA SER B 166 -0.82 -35.02 50.45
C SER B 166 0.14 -35.61 51.48
N TRP B 167 1.18 -34.86 51.80
CA TRP B 167 2.24 -35.31 52.68
C TRP B 167 2.32 -34.42 53.92
N ASN B 168 2.31 -35.05 55.09
CA ASN B 168 2.33 -34.36 56.38
C ASN B 168 1.21 -33.33 56.48
N SER B 169 0.02 -33.72 56.03
CA SER B 169 -1.18 -32.86 56.08
C SER B 169 -0.95 -31.54 55.35
N GLY B 170 -0.19 -31.60 54.25
CA GLY B 170 0.09 -30.44 53.45
C GLY B 170 1.35 -29.68 53.83
N ALA B 171 1.98 -30.04 54.95
CA ALA B 171 3.21 -29.36 55.35
C ALA B 171 4.35 -29.64 54.37
N LEU B 172 4.46 -30.87 53.91
CA LEU B 172 5.51 -31.27 52.96
C LEU B 172 4.95 -31.11 51.54
N THR B 173 5.52 -30.18 50.78
CA THR B 173 5.08 -29.96 49.41
C THR B 173 6.27 -29.99 48.45
N SER B 174 7.45 -29.63 48.93
CA SER B 174 8.65 -29.65 48.11
C SER B 174 9.13 -31.08 47.93
N GLY B 175 9.36 -31.48 46.69
CA GLY B 175 9.75 -32.83 46.36
C GLY B 175 8.61 -33.80 46.19
N VAL B 176 7.38 -33.38 46.46
CA VAL B 176 6.22 -34.24 46.31
C VAL B 176 5.89 -34.35 44.82
N HIS B 177 5.66 -35.57 44.36
CA HIS B 177 5.25 -35.77 42.97
C HIS B 177 4.32 -36.97 42.91
N THR B 178 3.07 -36.74 42.53
CA THR B 178 2.05 -37.78 42.47
C THR B 178 1.73 -38.06 41.01
N PHE B 179 2.05 -39.27 40.55
CA PHE B 179 1.79 -39.64 39.17
C PHE B 179 0.30 -39.87 38.94
N PRO B 180 -0.15 -39.71 37.69
CA PRO B 180 -1.50 -40.15 37.34
C PRO B 180 -1.64 -41.65 37.47
N ALA B 181 -2.87 -42.09 37.75
CA ALA B 181 -3.11 -43.49 38.03
C ALA B 181 -3.16 -44.32 36.75
N VAL B 182 -3.04 -45.64 36.93
CA VAL B 182 -3.17 -46.60 35.85
C VAL B 182 -4.47 -47.38 36.06
N LEU B 183 -5.04 -47.87 34.98
CA LEU B 183 -6.23 -48.71 35.02
C LEU B 183 -5.82 -50.13 34.66
N GLN B 184 -5.78 -51.00 35.66
CA GLN B 184 -5.33 -52.37 35.45
C GLN B 184 -6.51 -53.27 35.06
N SER B 185 -6.18 -54.50 34.68
CA SER B 185 -7.17 -55.40 34.08
C SER B 185 -8.32 -55.73 35.03
N SER B 186 -8.11 -55.62 36.35
CA SER B 186 -9.17 -55.89 37.30
C SER B 186 -10.26 -54.84 37.29
N GLY B 187 -10.08 -53.74 36.56
CA GLY B 187 -11.03 -52.65 36.56
C GLY B 187 -10.79 -51.63 37.65
N LEU B 188 -9.69 -51.73 38.38
CA LEU B 188 -9.37 -50.85 39.50
C LEU B 188 -8.20 -49.95 39.14
N TYR B 189 -8.13 -48.79 39.79
CA TYR B 189 -7.08 -47.82 39.55
C TYR B 189 -5.97 -47.97 40.59
N SER B 190 -4.78 -47.52 40.21
CA SER B 190 -3.63 -47.53 41.10
C SER B 190 -2.67 -46.42 40.70
N LEU B 191 -2.25 -45.63 41.67
CA LEU B 191 -1.27 -44.57 41.46
C LEU B 191 -0.19 -44.65 42.54
N SER B 192 0.86 -43.86 42.34
CA SER B 192 1.94 -43.74 43.30
C SER B 192 2.25 -42.27 43.54
N SER B 193 2.69 -41.96 44.75
CA SER B 193 3.18 -40.63 45.11
C SER B 193 4.49 -40.79 45.84
N VAL B 194 5.49 -39.98 45.48
CA VAL B 194 6.80 -40.03 46.09
C VAL B 194 7.25 -38.64 46.48
N VAL B 195 8.14 -38.59 47.47
CA VAL B 195 8.75 -37.35 47.93
C VAL B 195 10.26 -37.56 47.99
N THR B 196 11.02 -36.59 47.48
CA THR B 196 12.47 -36.63 47.55
C THR B 196 12.94 -35.93 48.83
N VAL B 197 13.72 -36.65 49.62
CA VAL B 197 14.14 -36.17 50.95
C VAL B 197 15.65 -36.30 51.09
N PRO B 198 16.32 -35.38 51.78
CA PRO B 198 17.75 -35.57 52.07
C PRO B 198 17.97 -36.82 52.92
N SER B 199 19.07 -37.51 52.66
CA SER B 199 19.33 -38.78 53.34
C SER B 199 19.53 -38.59 54.83
N SER B 200 20.19 -37.51 55.23
CA SER B 200 20.44 -37.28 56.65
C SER B 200 19.15 -37.09 57.44
N SER B 201 18.21 -36.32 56.89
CA SER B 201 16.95 -36.04 57.55
C SER B 201 16.02 -37.24 57.61
N LEU B 202 16.30 -38.30 56.85
CA LEU B 202 15.44 -39.49 56.87
C LEU B 202 15.41 -40.14 58.25
N GLY B 203 16.57 -40.21 58.92
CA GLY B 203 16.62 -40.88 60.20
C GLY B 203 15.81 -40.18 61.28
N THR B 204 15.83 -38.85 61.29
CA THR B 204 15.13 -38.07 62.30
C THR B 204 13.69 -37.74 61.90
N GLN B 205 13.52 -37.12 60.74
CA GLN B 205 12.18 -36.72 60.30
C GLN B 205 11.36 -37.93 59.86
N THR B 206 10.04 -37.79 59.99
CA THR B 206 9.07 -38.80 59.59
C THR B 206 8.17 -38.22 58.51
N TYR B 207 7.78 -39.04 57.54
CA TYR B 207 7.00 -38.59 56.41
C TYR B 207 5.76 -39.44 56.27
N ILE B 208 4.59 -38.80 56.38
CA ILE B 208 3.30 -39.47 56.38
C ILE B 208 2.49 -38.93 55.20
N CYS B 209 2.04 -39.83 54.33
CA CYS B 209 1.20 -39.45 53.20
C CYS B 209 -0.27 -39.57 53.58
N ASN B 210 -1.06 -38.59 53.16
CA ASN B 210 -2.48 -38.54 53.47
C ASN B 210 -3.26 -38.81 52.19
N VAL B 211 -4.03 -39.90 52.18
CA VAL B 211 -4.79 -40.34 51.02
C VAL B 211 -6.27 -40.17 51.31
N ASN B 212 -6.99 -39.54 50.39
CA ASN B 212 -8.43 -39.30 50.55
C ASN B 212 -9.13 -39.76 49.28
N HIS B 213 -10.06 -40.70 49.42
CA HIS B 213 -10.87 -41.22 48.32
C HIS B 213 -12.33 -40.93 48.65
N LYS B 214 -12.81 -39.79 48.17
CA LYS B 214 -14.19 -39.37 48.45
C LYS B 214 -15.25 -40.37 48.01
N PRO B 215 -15.17 -41.01 46.83
CA PRO B 215 -16.27 -41.91 46.43
C PRO B 215 -16.53 -43.04 47.41
N SER B 216 -15.52 -43.48 48.16
CA SER B 216 -15.71 -44.49 49.19
C SER B 216 -15.57 -43.92 50.60
N ASN B 217 -15.41 -42.61 50.72
CA ASN B 217 -15.27 -41.93 52.01
C ASN B 217 -14.12 -42.53 52.81
N THR B 218 -13.00 -42.79 52.14
CA THR B 218 -11.86 -43.45 52.74
C THR B 218 -10.73 -42.46 52.93
N LYS B 219 -10.19 -42.40 54.15
CA LYS B 219 -9.02 -41.60 54.47
C LYS B 219 -8.00 -42.50 55.14
N VAL B 220 -6.80 -42.56 54.57
CA VAL B 220 -5.74 -43.43 55.07
C VAL B 220 -4.49 -42.60 55.32
N ASP B 221 -3.90 -42.74 56.50
CA ASP B 221 -2.65 -42.07 56.87
C ASP B 221 -1.58 -43.15 57.06
N LYS B 222 -0.62 -43.20 56.14
CA LYS B 222 0.43 -44.21 56.15
C LYS B 222 1.78 -43.53 56.15
N LYS B 223 2.61 -43.84 57.15
CA LYS B 223 3.97 -43.34 57.17
C LYS B 223 4.88 -44.24 56.34
N VAL B 224 5.78 -43.63 55.59
CA VAL B 224 6.76 -44.35 54.78
C VAL B 224 8.12 -44.23 55.45
N GLU B 225 8.82 -45.34 55.58
CA GLU B 225 10.10 -45.41 56.27
C GLU B 225 10.98 -46.42 55.55
N PRO B 226 12.30 -46.30 55.70
CA PRO B 226 13.20 -47.30 55.10
C PRO B 226 13.00 -48.67 55.72
N LYS B 227 13.18 -49.70 54.90
CA LYS B 227 13.02 -51.06 55.37
C LYS B 227 14.22 -51.47 56.23
N SER B 228 13.94 -52.32 57.22
CA SER B 228 14.98 -52.80 58.12
C SER B 228 15.26 -54.28 57.89
N GLU C 5 -30.55 14.56 37.64
CA GLU C 5 -30.38 15.75 38.47
C GLU C 5 -30.40 15.40 39.95
N VAL C 6 -30.83 14.18 40.26
CA VAL C 6 -30.91 13.69 41.63
C VAL C 6 -30.04 12.45 41.75
N ALA C 7 -29.35 12.33 42.88
CA ALA C 7 -28.43 11.21 43.11
C ALA C 7 -29.22 9.92 43.25
N THR C 8 -29.05 9.01 42.28
CA THR C 8 -29.75 7.74 42.28
C THR C 8 -28.75 6.59 42.24
N PRO C 9 -28.97 5.54 43.03
CA PRO C 9 -28.04 4.41 43.05
C PRO C 9 -28.00 3.69 41.71
N HIS C 10 -26.94 2.91 41.52
CA HIS C 10 -26.71 2.24 40.24
C HIS C 10 -27.83 1.24 39.94
N ARG C 11 -28.22 0.43 40.93
CA ARG C 11 -29.32 -0.49 40.71
C ARG C 11 -30.63 0.24 40.46
N ALA C 12 -30.89 1.31 41.22
CA ALA C 12 -32.12 2.08 41.02
C ALA C 12 -32.14 2.71 39.64
N ALA C 13 -31.01 3.28 39.22
CA ALA C 13 -30.94 3.92 37.90
C ALA C 13 -31.11 2.91 36.79
N TRP C 14 -30.51 1.73 36.92
CA TRP C 14 -30.65 0.70 35.89
C TRP C 14 -32.10 0.26 35.73
N LEU C 15 -32.80 0.06 36.85
CA LEU C 15 -34.19 -0.38 36.80
C LEU C 15 -35.07 0.67 36.13
N ALA C 16 -34.84 1.95 36.44
CA ALA C 16 -35.65 3.01 35.86
C ALA C 16 -35.48 3.08 34.34
N MET C 17 -34.25 2.92 33.85
CA MET C 17 -34.00 2.98 32.41
C MET C 17 -34.65 1.82 31.68
N MET C 18 -34.52 0.61 32.22
CA MET C 18 -35.00 -0.58 31.54
C MET C 18 -36.45 -0.91 31.86
N LEU C 19 -37.09 -0.14 32.74
CA LEU C 19 -38.49 -0.36 33.13
C LEU C 19 -38.71 -1.77 33.66
N LEU D 272 -17.62 -42.97 5.44
CA LEU D 272 -16.58 -42.03 5.07
C LEU D 272 -16.16 -41.17 6.25
N THR D 273 -14.85 -41.10 6.49
CA THR D 273 -14.29 -40.34 7.60
C THR D 273 -13.18 -39.45 7.10
N LEU D 274 -12.65 -38.61 7.99
CA LEU D 274 -11.62 -37.64 7.66
C LEU D 274 -10.26 -38.17 8.09
N THR D 275 -9.32 -38.25 7.16
CA THR D 275 -7.98 -38.73 7.46
C THR D 275 -7.08 -37.54 7.75
N GLN D 276 -6.30 -37.64 8.84
CA GLN D 276 -5.52 -36.53 9.36
C GLN D 276 -4.27 -37.13 9.99
N PRO D 277 -3.10 -36.53 9.78
CA PRO D 277 -1.87 -37.12 10.32
C PRO D 277 -1.91 -37.22 11.84
N ALA D 278 -1.29 -38.29 12.36
CA ALA D 278 -1.36 -38.57 13.78
C ALA D 278 -0.68 -37.49 14.61
N SER D 279 0.47 -37.01 14.16
CA SER D 279 1.25 -36.08 14.96
C SER D 279 2.01 -35.11 14.05
N ALA D 280 2.41 -33.98 14.65
CA ALA D 280 3.24 -32.99 13.99
C ALA D 280 3.99 -32.21 15.05
N SER D 281 5.19 -31.75 14.70
CA SER D 281 6.02 -31.04 15.66
C SER D 281 6.99 -30.14 14.92
N ALA D 282 7.37 -29.05 15.60
CA ALA D 282 8.37 -28.12 15.09
C ALA D 282 8.81 -27.22 16.24
N THR D 283 9.96 -26.57 16.05
CA THR D 283 10.50 -25.66 17.05
C THR D 283 9.74 -24.33 17.01
N PRO D 284 9.79 -23.55 18.10
CA PRO D 284 9.05 -22.29 18.13
C PRO D 284 9.48 -21.33 17.03
N GLY D 285 8.52 -20.58 16.51
CA GLY D 285 8.76 -19.62 15.46
C GLY D 285 8.68 -20.16 14.05
N GLN D 286 8.52 -21.47 13.88
CA GLN D 286 8.45 -22.07 12.55
C GLN D 286 7.00 -22.19 12.09
N ARG D 287 6.83 -22.69 10.88
CA ARG D 287 5.53 -22.89 10.27
C ARG D 287 5.26 -24.38 10.13
N VAL D 288 4.09 -24.82 10.58
CA VAL D 288 3.68 -26.21 10.48
C VAL D 288 2.30 -26.26 9.82
N THR D 289 2.09 -27.27 8.98
CA THR D 289 0.84 -27.46 8.27
C THR D 289 0.22 -28.80 8.66
N ILE D 290 -1.08 -28.79 8.90
CA ILE D 290 -1.82 -29.99 9.29
C ILE D 290 -2.82 -30.31 8.19
N SER D 291 -2.75 -31.52 7.65
CA SER D 291 -3.58 -31.92 6.53
C SER D 291 -4.89 -32.54 7.00
N CYS D 292 -5.87 -32.58 6.09
CA CYS D 292 -7.15 -33.21 6.34
C CYS D 292 -7.67 -33.75 5.02
N SER D 293 -7.87 -35.07 4.95
CA SER D 293 -8.27 -35.74 3.72
C SER D 293 -9.71 -36.21 3.84
N GLY D 294 -10.51 -35.91 2.82
CA GLY D 294 -11.91 -36.33 2.81
C GLY D 294 -12.34 -36.92 1.48
N SER D 295 -13.64 -36.94 1.23
CA SER D 295 -14.21 -37.50 0.02
C SER D 295 -15.18 -36.51 -0.60
N SER D 296 -15.83 -36.95 -1.69
CA SER D 296 -16.79 -36.09 -2.37
C SER D 296 -17.99 -35.76 -1.49
N SER D 297 -18.31 -36.62 -0.52
CA SER D 297 -19.52 -36.46 0.27
C SER D 297 -19.34 -35.56 1.48
N ASN D 298 -18.10 -35.31 1.92
CA ASN D 298 -17.87 -34.48 3.10
C ASN D 298 -17.08 -33.22 2.80
N ILE D 299 -15.88 -33.31 2.26
CA ILE D 299 -15.08 -32.11 2.01
C ILE D 299 -15.32 -31.56 0.61
N GLY D 300 -15.48 -32.44 -0.38
CA GLY D 300 -15.67 -31.98 -1.74
C GLY D 300 -16.88 -31.09 -1.91
N GLY D 301 -17.96 -31.39 -1.19
CA GLY D 301 -19.19 -30.65 -1.34
C GLY D 301 -19.51 -29.69 -0.21
N ASN D 302 -18.85 -29.86 0.94
CA ASN D 302 -19.17 -29.07 2.12
C ASN D 302 -17.89 -28.43 2.66
N THR D 303 -18.06 -27.49 3.59
CA THR D 303 -16.96 -26.73 4.12
C THR D 303 -16.23 -27.49 5.22
N VAL D 304 -14.97 -27.13 5.44
CA VAL D 304 -14.10 -27.74 6.44
C VAL D 304 -13.89 -26.74 7.56
N ASN D 305 -13.99 -27.20 8.80
CA ASN D 305 -13.85 -26.36 9.97
C ASN D 305 -12.77 -26.94 10.88
N TRP D 306 -11.94 -26.06 11.45
CA TRP D 306 -10.79 -26.46 12.22
C TRP D 306 -10.96 -26.05 13.68
N TYR D 307 -10.50 -26.93 14.59
CA TYR D 307 -10.66 -26.73 16.02
C TYR D 307 -9.35 -26.99 16.75
N GLN D 308 -9.04 -26.11 17.71
CA GLN D 308 -7.93 -26.32 18.64
C GLN D 308 -8.50 -26.94 19.91
N HIS D 309 -7.97 -28.09 20.31
CA HIS D 309 -8.45 -28.81 21.48
C HIS D 309 -7.32 -28.81 22.49
N LEU D 310 -7.36 -27.85 23.41
CA LEU D 310 -6.34 -27.75 24.44
C LEU D 310 -6.48 -28.89 25.46
N PRO D 311 -5.38 -29.28 26.10
CA PRO D 311 -5.46 -30.35 27.11
C PRO D 311 -6.41 -29.97 28.24
N GLY D 312 -7.46 -30.77 28.41
CA GLY D 312 -8.45 -30.51 29.44
C GLY D 312 -9.25 -29.23 29.24
N ALA D 313 -9.66 -28.94 28.00
CA ALA D 313 -10.43 -27.75 27.71
C ALA D 313 -11.39 -28.04 26.57
N ALA D 314 -12.44 -27.22 26.47
CA ALA D 314 -13.37 -27.36 25.38
C ALA D 314 -12.72 -26.96 24.06
N PRO D 315 -13.10 -27.60 22.95
CA PRO D 315 -12.52 -27.25 21.65
C PRO D 315 -12.78 -25.79 21.30
N LYS D 316 -11.78 -25.17 20.68
CA LYS D 316 -11.85 -23.76 20.30
C LYS D 316 -11.87 -23.66 18.78
N LEU D 317 -12.87 -22.95 18.26
CA LEU D 317 -12.98 -22.77 16.82
C LEU D 317 -11.86 -21.87 16.31
N LEU D 318 -11.11 -22.35 15.33
CA LEU D 318 -10.01 -21.61 14.72
C LEU D 318 -10.35 -21.13 13.32
N ILE D 319 -10.89 -22.00 12.48
CA ILE D 319 -11.23 -21.68 11.10
C ILE D 319 -12.61 -22.24 10.80
N HIS D 320 -13.47 -21.41 10.24
CA HIS D 320 -14.78 -21.83 9.74
C HIS D 320 -14.93 -21.38 8.30
N ASN D 321 -15.73 -22.13 7.54
CA ASN D 321 -15.91 -21.91 6.10
C ASN D 321 -14.55 -21.92 5.39
N ASN D 322 -13.69 -22.83 5.83
CA ASN D 322 -12.45 -23.26 5.18
C ASN D 322 -11.30 -22.28 5.26
N ASP D 323 -11.58 -21.00 5.53
CA ASP D 323 -10.49 -20.05 5.70
C ASP D 323 -10.79 -18.88 6.62
N LEU D 324 -11.97 -18.80 7.23
CA LEU D 324 -12.37 -17.62 7.98
C LEU D 324 -12.04 -17.79 9.45
N ARG D 325 -11.52 -16.72 10.06
CA ARG D 325 -11.16 -16.86 11.46
C ARG D 325 -12.10 -16.05 12.34
N PRO D 326 -12.44 -16.57 13.53
CA PRO D 326 -13.24 -15.78 14.47
C PRO D 326 -12.52 -14.54 14.96
N SER D 327 -13.20 -13.72 15.76
CA SER D 327 -12.64 -12.44 16.18
C SER D 327 -11.35 -12.61 16.98
N GLY D 328 -11.34 -13.58 17.90
CA GLY D 328 -10.21 -13.75 18.78
C GLY D 328 -9.07 -14.60 18.26
N VAL D 329 -9.19 -15.17 17.08
CA VAL D 329 -8.14 -16.03 16.52
C VAL D 329 -7.14 -15.16 15.77
N PRO D 330 -5.85 -15.25 16.08
CA PRO D 330 -4.87 -14.38 15.43
C PRO D 330 -4.67 -14.74 13.96
N ASP D 331 -3.93 -13.88 13.27
CA ASP D 331 -3.64 -14.08 11.85
C ASP D 331 -2.75 -15.29 11.60
N ARG D 332 -2.11 -15.81 12.64
CA ARG D 332 -1.16 -16.91 12.46
C ARG D 332 -1.87 -18.15 11.91
N PHE D 333 -3.08 -18.42 12.38
CA PHE D 333 -3.82 -19.59 11.96
C PHE D 333 -4.51 -19.28 10.64
N SER D 334 -4.28 -20.11 9.63
CA SER D 334 -4.90 -19.94 8.33
C SER D 334 -5.27 -21.29 7.75
N GLY D 335 -6.28 -21.30 6.90
CA GLY D 335 -6.77 -22.53 6.31
C GLY D 335 -6.85 -22.43 4.80
N SER D 336 -6.56 -23.56 4.16
CA SER D 336 -6.64 -23.68 2.71
C SER D 336 -7.42 -24.93 2.36
N LYS D 337 -8.10 -24.89 1.20
CA LYS D 337 -8.93 -26.01 0.76
C LYS D 337 -8.71 -26.22 -0.73
N SER D 338 -8.62 -27.49 -1.12
CA SER D 338 -8.48 -27.86 -2.53
C SER D 338 -9.24 -29.18 -2.73
N GLY D 339 -10.46 -29.08 -3.24
CA GLY D 339 -11.24 -30.27 -3.51
C GLY D 339 -11.55 -31.01 -2.22
N THR D 340 -11.13 -32.27 -2.15
CA THR D 340 -11.36 -33.12 -1.00
C THR D 340 -10.30 -32.99 0.07
N SER D 341 -9.30 -32.13 -0.13
CA SER D 341 -8.22 -31.95 0.83
C SER D 341 -8.25 -30.54 1.39
N ALA D 342 -7.85 -30.42 2.66
CA ALA D 342 -7.78 -29.14 3.35
C ALA D 342 -6.56 -29.14 4.25
N SER D 343 -6.18 -27.95 4.71
CA SER D 343 -4.96 -27.80 5.48
C SER D 343 -5.08 -26.59 6.42
N LEU D 344 -4.51 -26.74 7.61
CA LEU D 344 -4.41 -25.66 8.58
C LEU D 344 -2.95 -25.28 8.73
N ALA D 345 -2.64 -24.01 8.53
CA ALA D 345 -1.27 -23.51 8.62
C ALA D 345 -1.12 -22.65 9.86
N VAL D 346 -0.12 -22.97 10.68
CA VAL D 346 0.20 -22.19 11.87
C VAL D 346 1.59 -21.62 11.67
N SER D 347 1.70 -20.29 11.70
CA SER D 347 2.94 -19.59 11.47
C SER D 347 3.39 -18.92 12.76
N GLY D 348 4.70 -18.92 13.00
CA GLY D 348 5.22 -18.37 14.23
C GLY D 348 4.75 -19.15 15.44
N LEU D 349 5.19 -20.39 15.57
CA LEU D 349 4.74 -21.24 16.67
C LEU D 349 5.12 -20.65 18.02
N GLN D 350 4.23 -20.83 18.99
CA GLN D 350 4.44 -20.40 20.37
C GLN D 350 4.11 -21.56 21.30
N SER D 351 4.53 -21.41 22.56
CA SER D 351 4.28 -22.46 23.54
C SER D 351 2.80 -22.75 23.70
N GLU D 352 1.96 -21.72 23.56
CA GLU D 352 0.52 -21.89 23.64
C GLU D 352 -0.04 -22.73 22.50
N ASP D 353 0.71 -22.87 21.40
CA ASP D 353 0.20 -23.59 20.24
C ASP D 353 0.27 -25.11 20.40
N GLU D 354 0.92 -25.61 21.45
CA GLU D 354 1.01 -27.04 21.68
C GLU D 354 -0.34 -27.57 22.15
N ALA D 355 -1.06 -28.21 21.25
CA ALA D 355 -2.41 -28.72 21.53
C ALA D 355 -2.76 -29.76 20.47
N ASP D 356 -4.03 -30.17 20.44
CA ASP D 356 -4.56 -31.10 19.46
C ASP D 356 -5.42 -30.33 18.47
N TYR D 357 -5.22 -30.58 17.18
CA TYR D 357 -5.95 -29.92 16.11
C TYR D 357 -6.68 -30.96 15.29
N PHE D 358 -7.98 -30.78 15.10
CA PHE D 358 -8.77 -31.69 14.29
C PHE D 358 -9.68 -30.91 13.35
N CYS D 359 -9.89 -31.48 12.16
CA CYS D 359 -10.81 -30.92 11.17
C CYS D 359 -12.19 -31.55 11.32
N ALA D 360 -13.19 -30.82 10.82
CA ALA D 360 -14.58 -31.25 10.96
C ALA D 360 -15.36 -30.81 9.73
N ALA D 361 -16.23 -31.70 9.24
CA ALA D 361 -17.03 -31.42 8.06
C ALA D 361 -18.31 -32.23 8.10
N TRP D 362 -19.35 -31.68 7.48
CA TRP D 362 -20.60 -32.41 7.31
C TRP D 362 -20.43 -33.49 6.25
N ASP D 363 -21.03 -34.65 6.50
CA ASP D 363 -21.03 -35.76 5.55
C ASP D 363 -22.45 -36.01 5.07
N ASP D 364 -22.64 -36.04 3.75
CA ASP D 364 -23.98 -36.19 3.20
C ASP D 364 -24.51 -37.61 3.42
N GLY D 365 -23.64 -38.61 3.29
CA GLY D 365 -24.08 -39.98 3.50
C GLY D 365 -24.51 -40.24 4.94
N LEU D 366 -23.70 -39.78 5.90
CA LEU D 366 -24.05 -39.93 7.31
C LEU D 366 -25.20 -39.03 7.72
N ASN D 367 -25.47 -37.97 6.95
CA ASN D 367 -26.39 -36.91 7.37
C ASN D 367 -26.00 -36.37 8.74
N GLY D 368 -24.71 -36.19 8.94
CA GLY D 368 -24.19 -35.69 10.21
C GLY D 368 -22.73 -35.32 10.06
N TRP D 369 -22.20 -34.74 11.13
CA TRP D 369 -20.81 -34.32 11.16
C TRP D 369 -19.86 -35.51 11.20
N VAL D 370 -18.69 -35.34 10.60
CA VAL D 370 -17.59 -36.28 10.73
C VAL D 370 -16.36 -35.49 11.15
N PHE D 371 -15.46 -36.15 11.87
CA PHE D 371 -14.31 -35.50 12.47
C PHE D 371 -13.04 -36.25 12.09
N GLY D 372 -11.94 -35.50 12.00
CA GLY D 372 -10.65 -36.12 11.80
C GLY D 372 -10.14 -36.79 13.06
N GLY D 373 -9.12 -37.62 12.89
CA GLY D 373 -8.52 -38.29 14.02
C GLY D 373 -7.78 -37.35 14.96
N GLY D 374 -7.41 -36.17 14.48
CA GLY D 374 -6.68 -35.22 15.30
C GLY D 374 -5.19 -35.31 15.11
N THR D 375 -4.51 -34.17 15.09
CA THR D 375 -3.06 -34.11 15.00
C THR D 375 -2.54 -33.44 16.26
N LYS D 376 -1.84 -34.21 17.10
CA LYS D 376 -1.24 -33.67 18.31
C LYS D 376 -0.02 -32.84 17.93
N LEU D 377 -0.10 -31.53 18.10
CA LEU D 377 0.99 -30.63 17.77
C LEU D 377 1.77 -30.30 19.03
N THR D 378 3.05 -30.65 19.05
CA THR D 378 3.94 -30.33 20.15
C THR D 378 5.00 -29.35 19.65
N VAL D 379 5.12 -28.22 20.32
CA VAL D 379 6.17 -27.25 20.01
C VAL D 379 7.39 -27.57 20.88
N LEU D 380 8.49 -27.91 20.23
CA LEU D 380 9.70 -28.36 20.93
C LEU D 380 10.38 -27.15 21.54
N GLY D 381 10.02 -26.85 22.79
CA GLY D 381 10.49 -25.67 23.48
C GLY D 381 11.62 -25.87 24.48
N GLN D 382 12.16 -27.08 24.58
CA GLN D 382 13.26 -27.34 25.49
C GLN D 382 14.15 -28.42 24.90
N PRO D 383 15.40 -28.51 25.32
CA PRO D 383 16.28 -29.57 24.81
C PRO D 383 15.87 -30.93 25.37
N LYS D 384 16.38 -31.98 24.73
CA LYS D 384 16.06 -33.33 25.16
C LYS D 384 16.58 -33.59 26.57
N ALA D 385 15.77 -34.27 27.37
CA ALA D 385 16.10 -34.59 28.75
C ALA D 385 15.89 -36.08 28.98
N ALA D 386 16.91 -36.74 29.52
CA ALA D 386 16.80 -38.15 29.82
C ALA D 386 15.86 -38.39 31.00
N PRO D 387 15.10 -39.47 31.00
CA PRO D 387 14.17 -39.73 32.10
C PRO D 387 14.91 -40.16 33.36
N SER D 388 14.33 -39.79 34.50
CA SER D 388 14.76 -40.28 35.79
C SER D 388 13.88 -41.47 36.17
N VAL D 389 14.51 -42.61 36.46
CA VAL D 389 13.80 -43.85 36.71
C VAL D 389 14.10 -44.31 38.13
N THR D 390 13.05 -44.60 38.90
CA THR D 390 13.16 -45.19 40.22
C THR D 390 12.25 -46.41 40.29
N LEU D 391 12.78 -47.52 40.77
CA LEU D 391 12.07 -48.79 40.81
C LEU D 391 11.94 -49.24 42.26
N PHE D 392 10.70 -49.48 42.69
CA PHE D 392 10.42 -49.91 44.05
C PHE D 392 10.06 -51.39 44.09
N PRO D 393 10.71 -52.18 44.94
CA PRO D 393 10.28 -53.57 45.12
C PRO D 393 8.97 -53.61 45.90
N PRO D 394 8.22 -54.70 45.82
CA PRO D 394 6.98 -54.80 46.60
C PRO D 394 7.28 -54.72 48.09
N SER D 395 6.44 -54.00 48.82
CA SER D 395 6.62 -53.86 50.25
C SER D 395 6.32 -55.18 50.96
N SER D 396 6.88 -55.32 52.16
CA SER D 396 6.60 -56.50 52.97
C SER D 396 5.12 -56.60 53.29
N GLU D 397 4.44 -55.47 53.44
CA GLU D 397 3.00 -55.49 53.72
C GLU D 397 2.22 -56.12 52.56
N GLU D 398 2.57 -55.74 51.32
CA GLU D 398 1.86 -56.28 50.17
C GLU D 398 2.13 -57.77 49.99
N LEU D 399 3.40 -58.18 50.13
CA LEU D 399 3.73 -59.60 50.02
C LEU D 399 2.97 -60.42 51.05
N GLN D 400 2.85 -59.89 52.26
CA GLN D 400 2.10 -60.55 53.32
C GLN D 400 0.61 -60.56 53.04
N ALA D 401 0.14 -59.73 52.11
CA ALA D 401 -1.23 -59.77 51.61
C ALA D 401 -1.39 -60.71 50.42
N ASN D 402 -0.37 -61.51 50.11
CA ASN D 402 -0.37 -62.43 48.97
C ASN D 402 -0.50 -61.66 47.65
N LYS D 403 0.17 -60.52 47.57
CA LYS D 403 0.22 -59.73 46.35
C LYS D 403 1.62 -59.15 46.20
N ALA D 404 1.99 -58.83 44.96
CA ALA D 404 3.28 -58.21 44.69
C ALA D 404 3.15 -57.28 43.49
N THR D 405 3.67 -56.06 43.63
CA THR D 405 3.63 -55.08 42.54
C THR D 405 4.96 -54.35 42.49
N LEU D 406 5.64 -54.42 41.34
CA LEU D 406 6.79 -53.58 41.09
C LEU D 406 6.33 -52.23 40.55
N VAL D 407 6.90 -51.16 41.07
CA VAL D 407 6.52 -49.81 40.74
C VAL D 407 7.71 -49.14 40.08
N CYS D 408 7.58 -48.82 38.79
CA CYS D 408 8.63 -48.16 38.02
C CYS D 408 8.17 -46.74 37.71
N LEU D 409 8.92 -45.76 38.20
CA LEU D 409 8.53 -44.36 38.12
C LEU D 409 9.46 -43.62 37.17
N ILE D 410 8.87 -42.92 36.19
CA ILE D 410 9.61 -42.27 35.12
C ILE D 410 9.30 -40.78 35.18
N SER D 411 10.33 -39.95 35.29
CA SER D 411 10.13 -38.53 35.49
C SER D 411 11.16 -37.71 34.73
N ASP D 412 10.80 -36.46 34.46
CA ASP D 412 11.72 -35.43 33.97
C ASP D 412 12.37 -35.80 32.63
N PHE D 413 11.55 -36.28 31.70
CA PHE D 413 12.00 -36.56 30.35
C PHE D 413 11.26 -35.67 29.36
N TYR D 414 11.91 -35.44 28.21
CA TYR D 414 11.37 -34.58 27.17
C TYR D 414 12.04 -34.93 25.84
N PRO D 415 11.28 -35.11 24.75
CA PRO D 415 9.81 -35.01 24.67
C PRO D 415 9.09 -36.20 25.31
N GLY D 416 7.76 -36.11 25.44
CA GLY D 416 7.00 -37.09 26.17
C GLY D 416 6.71 -38.38 25.43
N ALA D 417 7.73 -39.21 25.26
CA ALA D 417 7.56 -40.52 24.65
C ALA D 417 8.61 -41.47 25.21
N VAL D 418 8.18 -42.54 25.85
CA VAL D 418 9.07 -43.52 26.46
C VAL D 418 8.60 -44.93 26.11
N THR D 419 9.56 -45.83 25.94
CA THR D 419 9.30 -47.26 25.83
C THR D 419 9.76 -47.95 27.10
N VAL D 420 8.90 -48.79 27.66
CA VAL D 420 9.16 -49.46 28.93
C VAL D 420 9.20 -50.97 28.67
N ALA D 421 10.26 -51.61 29.16
CA ALA D 421 10.40 -53.06 29.09
C ALA D 421 10.68 -53.61 30.49
N TRP D 422 10.25 -54.85 30.70
CA TRP D 422 10.45 -55.54 31.97
C TRP D 422 11.24 -56.82 31.75
N LYS D 423 12.16 -57.09 32.68
CA LYS D 423 13.05 -58.24 32.58
C LYS D 423 13.00 -59.06 33.85
N ALA D 424 13.01 -60.38 33.69
CA ALA D 424 13.09 -61.33 34.80
C ALA D 424 14.33 -62.18 34.59
N ASP D 425 15.36 -61.94 35.40
CA ASP D 425 16.66 -62.60 35.24
C ASP D 425 17.17 -62.43 33.82
N SER D 426 17.09 -61.19 33.33
CA SER D 426 17.49 -60.74 32.00
C SER D 426 16.57 -61.26 30.89
N SER D 427 15.55 -62.05 31.22
CA SER D 427 14.60 -62.48 30.20
C SER D 427 13.40 -61.55 30.17
N PRO D 428 12.86 -61.25 28.99
CA PRO D 428 11.73 -60.32 28.90
C PRO D 428 10.47 -60.85 29.55
N VAL D 429 9.67 -59.92 30.05
CA VAL D 429 8.36 -60.21 30.64
C VAL D 429 7.32 -59.34 29.96
N LYS D 430 6.24 -59.97 29.48
CA LYS D 430 5.20 -59.25 28.75
C LYS D 430 3.88 -59.16 29.52
N ALA D 431 3.45 -60.25 30.16
CA ALA D 431 2.18 -60.27 30.87
C ALA D 431 2.29 -59.54 32.20
N GLY D 432 1.16 -59.02 32.67
CA GLY D 432 1.12 -58.33 33.94
C GLY D 432 1.73 -56.95 33.95
N VAL D 433 1.84 -56.30 32.79
CA VAL D 433 2.47 -54.98 32.67
C VAL D 433 1.39 -53.96 32.33
N GLU D 434 1.36 -52.88 33.10
CA GLU D 434 0.44 -51.77 32.87
C GLU D 434 1.22 -50.47 32.89
N THR D 435 1.27 -49.77 31.77
CA THR D 435 2.03 -48.53 31.64
C THR D 435 1.06 -47.38 31.38
N THR D 436 1.26 -46.27 32.08
CA THR D 436 0.45 -45.09 31.87
C THR D 436 0.93 -44.29 30.67
N THR D 437 0.03 -43.50 30.11
CA THR D 437 0.42 -42.54 29.09
C THR D 437 1.20 -41.39 29.73
N PRO D 438 2.13 -40.78 29.00
CA PRO D 438 2.89 -39.66 29.57
C PRO D 438 1.98 -38.49 29.92
N SER D 439 2.36 -37.77 30.98
CA SER D 439 1.60 -36.62 31.45
C SER D 439 2.55 -35.44 31.66
N LYS D 440 2.02 -34.24 31.49
CA LYS D 440 2.81 -33.04 31.64
C LYS D 440 3.07 -32.75 33.11
N GLN D 441 4.25 -32.21 33.38
CA GLN D 441 4.71 -31.88 34.72
C GLN D 441 4.83 -30.37 34.86
N SER D 442 4.96 -29.91 36.10
CA SER D 442 5.00 -28.46 36.37
C SER D 442 6.16 -27.79 35.65
N ASN D 443 7.32 -28.45 35.59
CA ASN D 443 8.47 -27.92 34.89
C ASN D 443 8.41 -28.15 33.38
N ASN D 444 7.23 -28.46 32.85
CA ASN D 444 6.95 -28.69 31.45
C ASN D 444 7.66 -29.92 30.89
N LYS D 445 8.23 -30.76 31.75
CA LYS D 445 8.70 -32.06 31.32
C LYS D 445 7.58 -33.09 31.53
N TYR D 446 7.88 -34.36 31.28
CA TYR D 446 6.85 -35.38 31.27
C TYR D 446 7.16 -36.47 32.29
N ALA D 447 6.12 -37.14 32.76
CA ALA D 447 6.22 -38.20 33.74
C ALA D 447 5.39 -39.40 33.29
N ALA D 448 5.87 -40.58 33.63
CA ALA D 448 5.17 -41.81 33.30
C ALA D 448 5.40 -42.84 34.40
N SER D 449 4.54 -43.85 34.45
CA SER D 449 4.65 -44.90 35.45
C SER D 449 4.22 -46.22 34.83
N SER D 450 4.96 -47.28 35.15
CA SER D 450 4.66 -48.62 34.69
C SER D 450 4.66 -49.56 35.88
N TYR D 451 3.65 -50.43 35.94
CA TYR D 451 3.46 -51.35 37.06
C TYR D 451 3.52 -52.78 36.57
N LEU D 452 4.18 -53.63 37.35
CA LEU D 452 4.29 -55.06 37.07
C LEU D 452 3.63 -55.82 38.22
N SER D 453 2.46 -56.40 37.96
CA SER D 453 1.75 -57.18 38.96
C SER D 453 2.14 -58.64 38.85
N LEU D 454 2.32 -59.28 40.00
CA LEU D 454 2.83 -60.65 40.04
C LEU D 454 2.53 -61.25 41.41
N THR D 455 2.68 -62.57 41.50
CA THR D 455 2.47 -63.29 42.75
C THR D 455 3.74 -63.26 43.59
N PRO D 456 3.60 -63.42 44.91
CA PRO D 456 4.81 -63.50 45.76
C PRO D 456 5.74 -64.64 45.38
N GLU D 457 5.20 -65.76 44.90
CA GLU D 457 6.05 -66.85 44.44
C GLU D 457 6.90 -66.43 43.25
N GLN D 458 6.31 -65.69 42.30
CA GLN D 458 7.08 -65.21 41.16
C GLN D 458 8.18 -64.25 41.59
N TRP D 459 7.89 -63.37 42.55
CA TRP D 459 8.89 -62.43 43.03
C TRP D 459 10.07 -63.15 43.67
N LYS D 460 9.82 -64.18 44.48
CA LYS D 460 10.90 -64.90 45.13
C LYS D 460 11.57 -65.91 44.21
N SER D 461 10.95 -66.25 43.08
CA SER D 461 11.49 -67.28 42.20
C SER D 461 12.66 -66.79 41.35
N HIS D 462 12.80 -65.48 41.16
CA HIS D 462 13.84 -64.93 40.32
C HIS D 462 14.84 -64.13 41.16
N LYS D 463 16.09 -64.07 40.67
CA LYS D 463 17.13 -63.36 41.39
C LYS D 463 16.85 -61.85 41.46
N SER D 464 16.39 -61.27 40.35
CA SER D 464 16.10 -59.84 40.33
C SER D 464 15.20 -59.54 39.13
N TYR D 465 14.56 -58.37 39.21
CA TYR D 465 13.77 -57.83 38.10
C TYR D 465 14.30 -56.47 37.72
N SER D 466 14.08 -56.09 36.46
CA SER D 466 14.60 -54.84 35.92
C SER D 466 13.50 -54.09 35.17
N CYS D 467 13.54 -52.76 35.26
CA CYS D 467 12.69 -51.89 34.47
C CYS D 467 13.58 -51.15 33.48
N GLN D 468 13.27 -51.27 32.19
CA GLN D 468 14.08 -50.66 31.13
C GLN D 468 13.24 -49.59 30.44
N VAL D 469 13.75 -48.37 30.44
CA VAL D 469 13.05 -47.21 29.90
C VAL D 469 13.86 -46.65 28.75
N THR D 470 13.29 -46.66 27.55
CA THR D 470 13.96 -46.17 26.35
C THR D 470 13.37 -44.82 25.97
N HIS D 471 14.26 -43.85 25.74
CA HIS D 471 13.85 -42.48 25.41
C HIS D 471 14.84 -41.91 24.40
N GLU D 472 14.33 -41.57 23.21
CA GLU D 472 15.15 -40.97 22.15
C GLU D 472 16.37 -41.83 21.83
N GLY D 473 16.17 -43.15 21.79
CA GLY D 473 17.25 -44.05 21.47
C GLY D 473 18.20 -44.35 22.60
N SER D 474 17.95 -43.83 23.79
CA SER D 474 18.79 -44.06 24.95
C SER D 474 17.98 -44.75 26.04
N THR D 475 18.57 -45.74 26.68
CA THR D 475 17.87 -46.59 27.63
C THR D 475 18.42 -46.37 29.04
N VAL D 476 17.52 -46.41 30.03
CA VAL D 476 17.86 -46.31 31.44
C VAL D 476 17.26 -47.51 32.16
N GLU D 477 18.07 -48.20 32.96
CA GLU D 477 17.66 -49.45 33.59
C GLU D 477 17.84 -49.37 35.10
N LYS D 478 16.87 -49.90 35.82
CA LYS D 478 16.94 -50.04 37.27
C LYS D 478 16.61 -51.47 37.64
N THR D 479 17.13 -51.93 38.78
CA THR D 479 17.00 -53.33 39.18
C THR D 479 16.70 -53.42 40.66
N VAL D 480 15.76 -54.30 41.02
CA VAL D 480 15.43 -54.59 42.40
C VAL D 480 15.44 -56.11 42.59
N ALA D 481 15.68 -56.52 43.83
CA ALA D 481 15.81 -57.93 44.18
C ALA D 481 15.09 -58.19 45.49
N PRO D 482 14.66 -59.44 45.72
CA PRO D 482 14.06 -59.77 47.02
C PRO D 482 15.02 -59.52 48.16
N THR D 483 14.47 -59.09 49.30
CA THR D 483 15.27 -58.73 50.45
C THR D 483 15.43 -59.91 51.39
N GLU D 484 16.61 -60.01 51.99
CA GLU D 484 16.94 -61.10 52.92
C GLU D 484 15.98 -61.15 54.10
N GLU E 5 -22.85 2.93 -3.50
CA GLU E 5 -23.80 2.10 -2.78
C GLU E 5 -23.10 1.25 -1.72
N VAL E 6 -23.87 0.75 -0.75
CA VAL E 6 -23.30 -0.06 0.31
C VAL E 6 -22.84 -1.40 -0.26
N ALA E 7 -21.76 -1.93 0.32
CA ALA E 7 -21.22 -3.20 -0.13
C ALA E 7 -22.12 -4.35 0.31
N THR E 8 -22.49 -5.22 -0.63
CA THR E 8 -23.36 -6.35 -0.36
C THR E 8 -22.67 -7.62 -0.86
N PRO E 9 -22.63 -8.68 -0.07
CA PRO E 9 -21.97 -9.92 -0.52
C PRO E 9 -22.66 -10.53 -1.73
N HIS E 10 -21.96 -11.49 -2.34
CA HIS E 10 -22.39 -12.01 -3.63
C HIS E 10 -23.72 -12.75 -3.54
N ARG E 11 -23.91 -13.55 -2.48
CA ARG E 11 -25.19 -14.25 -2.33
C ARG E 11 -26.33 -13.27 -2.12
N ALA E 12 -26.09 -12.23 -1.31
CA ALA E 12 -27.13 -11.23 -1.08
C ALA E 12 -27.52 -10.51 -2.37
N ALA E 13 -26.52 -10.14 -3.18
CA ALA E 13 -26.79 -9.43 -4.42
C ALA E 13 -27.54 -10.31 -5.41
N TRP E 14 -27.17 -11.58 -5.50
CA TRP E 14 -27.85 -12.48 -6.44
C TRP E 14 -29.30 -12.69 -6.03
N LEU E 15 -29.57 -12.86 -4.74
CA LEU E 15 -30.93 -13.07 -4.28
C LEU E 15 -31.81 -11.86 -4.54
N ALA E 16 -31.28 -10.66 -4.31
CA ALA E 16 -32.05 -9.45 -4.56
C ALA E 16 -32.39 -9.31 -6.05
N MET E 17 -31.43 -9.61 -6.92
CA MET E 17 -31.68 -9.52 -8.36
C MET E 17 -32.68 -10.57 -8.82
N MET E 18 -32.55 -11.80 -8.33
CA MET E 18 -33.34 -12.91 -8.83
C MET E 18 -34.62 -13.14 -8.03
N LEU E 19 -34.94 -12.27 -7.07
CA LEU E 19 -36.20 -12.33 -6.37
C LEU E 19 -36.90 -10.98 -6.21
N GLY E 20 -36.35 -9.91 -6.78
CA GLY E 20 -37.00 -8.62 -6.79
C GLY E 20 -36.78 -7.73 -5.59
N ILE E 21 -35.93 -8.13 -4.65
CA ILE E 21 -35.63 -7.31 -3.49
C ILE E 21 -34.63 -6.21 -3.89
N ASP E 22 -34.77 -5.05 -3.27
CA ASP E 22 -33.87 -3.93 -3.51
C ASP E 22 -32.43 -4.29 -3.13
N VAL F 2 -29.24 -27.03 -26.72
CA VAL F 2 -27.98 -26.73 -26.04
C VAL F 2 -28.00 -25.29 -25.56
N GLN F 3 -27.51 -25.06 -24.34
CA GLN F 3 -27.46 -23.72 -23.78
C GLN F 3 -26.47 -22.88 -24.58
N LEU F 4 -27.01 -21.96 -25.39
CA LEU F 4 -26.22 -21.16 -26.31
C LEU F 4 -26.61 -19.70 -26.16
N LEU F 5 -25.62 -18.81 -26.23
CA LEU F 5 -25.84 -17.37 -26.23
C LEU F 5 -25.25 -16.81 -27.52
N GLU F 6 -26.13 -16.49 -28.47
CA GLU F 6 -25.73 -15.92 -29.76
C GLU F 6 -25.70 -14.41 -29.65
N GLN F 7 -24.60 -13.81 -30.09
CA GLN F 7 -24.36 -12.39 -29.92
C GLN F 7 -24.17 -11.74 -31.29
N SER F 8 -24.58 -10.47 -31.38
CA SER F 8 -24.67 -9.79 -32.67
C SER F 8 -23.28 -9.58 -33.29
N GLY F 9 -23.30 -9.07 -34.53
CA GLY F 9 -22.09 -8.91 -35.31
C GLY F 9 -21.30 -7.67 -34.93
N ALA F 10 -20.13 -7.55 -35.58
CA ALA F 10 -19.19 -6.49 -35.25
C ALA F 10 -19.77 -5.11 -35.58
N GLU F 11 -19.29 -4.10 -34.86
CA GLU F 11 -19.78 -2.74 -35.00
C GLU F 11 -18.61 -1.78 -35.16
N VAL F 12 -18.78 -0.79 -36.03
CA VAL F 12 -17.82 0.30 -36.20
C VAL F 12 -18.61 1.61 -36.13
N LYS F 13 -18.25 2.47 -35.18
CA LYS F 13 -18.99 3.70 -34.95
C LYS F 13 -18.02 4.83 -34.61
N ARG F 14 -18.48 6.07 -34.86
CA ARG F 14 -17.74 7.30 -34.63
C ARG F 14 -17.93 7.78 -33.19
N PRO F 15 -16.94 8.49 -32.64
CA PRO F 15 -17.07 9.00 -31.27
C PRO F 15 -18.27 9.92 -31.13
N GLY F 16 -18.94 9.82 -29.99
CA GLY F 16 -20.16 10.56 -29.72
C GLY F 16 -21.43 9.81 -30.05
N ALA F 17 -21.33 8.68 -30.74
CA ALA F 17 -22.50 7.90 -31.13
C ALA F 17 -22.84 6.89 -30.04
N SER F 18 -23.76 5.98 -30.34
CA SER F 18 -24.13 4.92 -29.42
C SER F 18 -24.24 3.61 -30.17
N VAL F 19 -23.95 2.51 -29.48
CA VAL F 19 -23.99 1.17 -30.06
C VAL F 19 -24.92 0.31 -29.21
N LYS F 20 -25.71 -0.54 -29.87
CA LYS F 20 -26.62 -1.46 -29.20
C LYS F 20 -26.25 -2.88 -29.62
N VAL F 21 -25.78 -3.67 -28.67
CA VAL F 21 -25.35 -5.04 -28.91
C VAL F 21 -26.39 -5.99 -28.33
N SER F 22 -26.72 -7.04 -29.08
CA SER F 22 -27.74 -8.00 -28.68
C SER F 22 -27.09 -9.32 -28.28
N CYS F 23 -27.83 -10.11 -27.50
CA CYS F 23 -27.39 -11.41 -27.00
C CYS F 23 -28.62 -12.30 -26.95
N LYS F 24 -28.74 -13.18 -27.94
CA LYS F 24 -29.91 -14.06 -28.06
C LYS F 24 -29.61 -15.39 -27.38
N ALA F 25 -30.47 -15.78 -26.44
CA ALA F 25 -30.30 -17.00 -25.67
C ALA F 25 -31.17 -18.11 -26.23
N SER F 26 -30.71 -19.34 -26.06
CA SER F 26 -31.47 -20.51 -26.51
C SER F 26 -31.02 -21.71 -25.69
N GLY F 27 -31.83 -22.75 -25.71
CA GLY F 27 -31.51 -23.99 -25.04
C GLY F 27 -31.79 -24.02 -23.55
N TYR F 28 -32.39 -22.98 -22.99
CA TYR F 28 -32.75 -22.97 -21.57
C TYR F 28 -33.85 -21.94 -21.37
N THR F 29 -34.30 -21.82 -20.13
CA THR F 29 -35.36 -20.88 -19.77
C THR F 29 -34.74 -19.49 -19.60
N PHE F 30 -35.08 -18.58 -20.51
CA PHE F 30 -34.46 -17.27 -20.54
C PHE F 30 -34.75 -16.46 -19.28
N THR F 31 -35.96 -16.57 -18.75
CA THR F 31 -36.41 -15.74 -17.64
C THR F 31 -35.90 -16.20 -16.28
N SER F 32 -35.20 -17.34 -16.21
CA SER F 32 -34.80 -17.92 -14.93
C SER F 32 -33.31 -17.78 -14.64
N TYR F 33 -32.58 -16.98 -15.42
CA TYR F 33 -31.14 -16.85 -15.21
C TYR F 33 -30.71 -15.44 -15.57
N ALA F 34 -29.97 -14.80 -14.67
CA ALA F 34 -29.50 -13.44 -14.89
C ALA F 34 -28.48 -13.39 -16.03
N ILE F 35 -28.39 -12.22 -16.66
CA ILE F 35 -27.50 -11.98 -17.79
C ILE F 35 -26.50 -10.91 -17.41
N HIS F 36 -25.22 -11.17 -17.68
CA HIS F 36 -24.14 -10.24 -17.39
C HIS F 36 -23.54 -9.70 -18.68
N TRP F 37 -23.19 -8.41 -18.67
CA TRP F 37 -22.48 -7.78 -19.77
C TRP F 37 -21.10 -7.33 -19.30
N VAL F 38 -20.07 -7.75 -20.02
CA VAL F 38 -18.69 -7.40 -19.72
C VAL F 38 -18.03 -6.93 -21.01
N ARG F 39 -16.84 -6.35 -20.87
CA ARG F 39 -16.08 -5.93 -22.03
C ARG F 39 -14.59 -6.11 -21.76
N GLN F 40 -13.83 -6.25 -22.84
CA GLN F 40 -12.38 -6.38 -22.75
C GLN F 40 -11.75 -5.56 -23.86
N ALA F 41 -11.08 -4.47 -23.50
CA ALA F 41 -10.31 -3.71 -24.48
C ALA F 41 -9.08 -4.52 -24.88
N PRO F 42 -8.55 -4.30 -26.08
CA PRO F 42 -7.40 -5.08 -26.53
C PRO F 42 -6.21 -4.91 -25.59
N GLY F 43 -5.68 -6.04 -25.14
CA GLY F 43 -4.54 -6.02 -24.23
C GLY F 43 -4.84 -5.52 -22.84
N GLN F 44 -6.10 -5.60 -22.40
CA GLN F 44 -6.49 -5.05 -21.11
C GLN F 44 -7.37 -6.04 -20.36
N ARG F 45 -7.57 -5.74 -19.08
CA ARG F 45 -8.36 -6.57 -18.18
C ARG F 45 -9.84 -6.50 -18.52
N LEU F 46 -10.56 -7.59 -18.27
CA LEU F 46 -12.00 -7.59 -18.46
C LEU F 46 -12.66 -6.60 -17.49
N GLU F 47 -13.73 -5.97 -17.95
CA GLU F 47 -14.40 -4.93 -17.18
C GLU F 47 -15.89 -5.25 -17.09
N TRP F 48 -16.36 -5.50 -15.88
CA TRP F 48 -17.78 -5.76 -15.67
C TRP F 48 -18.58 -4.48 -15.90
N MET F 49 -19.68 -4.59 -16.64
CA MET F 49 -20.52 -3.44 -16.96
C MET F 49 -21.85 -3.43 -16.21
N GLY F 50 -22.61 -4.51 -16.27
CA GLY F 50 -23.90 -4.54 -15.61
C GLY F 50 -24.53 -5.91 -15.74
N TRP F 51 -25.78 -6.00 -15.27
CA TRP F 51 -26.44 -7.30 -15.22
C TRP F 51 -27.93 -7.09 -14.99
N ILE F 52 -28.74 -7.96 -15.59
CA ILE F 52 -30.18 -7.79 -15.63
C ILE F 52 -30.86 -9.11 -15.32
N ASN F 53 -32.09 -9.03 -14.78
CA ASN F 53 -32.95 -10.18 -14.60
C ASN F 53 -33.92 -10.24 -15.77
N PRO F 54 -33.85 -11.26 -16.62
CA PRO F 54 -34.71 -11.29 -17.82
C PRO F 54 -36.20 -11.35 -17.50
N GLY F 55 -36.59 -11.79 -16.31
CA GLY F 55 -37.99 -11.78 -15.94
C GLY F 55 -38.40 -10.48 -15.28
N ASN F 56 -37.70 -10.13 -14.20
CA ASN F 56 -38.00 -8.89 -13.50
C ASN F 56 -37.76 -7.67 -14.38
N GLY F 57 -36.68 -7.69 -15.15
CA GLY F 57 -36.25 -6.52 -15.89
C GLY F 57 -35.39 -5.55 -15.09
N ASN F 58 -35.22 -5.80 -13.78
CA ASN F 58 -34.34 -4.98 -12.98
C ASN F 58 -32.91 -5.11 -13.46
N ALA F 59 -32.24 -3.96 -13.61
CA ALA F 59 -30.87 -3.91 -14.10
C ALA F 59 -30.03 -3.04 -13.19
N LYS F 60 -28.82 -3.50 -12.89
CA LYS F 60 -27.88 -2.75 -12.06
C LYS F 60 -26.57 -2.62 -12.81
N TYR F 61 -25.86 -1.52 -12.56
CA TYR F 61 -24.71 -1.14 -13.38
C TYR F 61 -23.54 -0.76 -12.49
N SER F 62 -22.33 -0.92 -13.05
CA SER F 62 -21.13 -0.45 -12.37
C SER F 62 -21.11 1.08 -12.31
N GLN F 63 -20.43 1.60 -11.30
CA GLN F 63 -20.31 3.05 -11.14
C GLN F 63 -19.56 3.68 -12.31
N ARG F 64 -18.70 2.92 -12.99
CA ARG F 64 -17.99 3.45 -14.15
C ARG F 64 -18.91 3.69 -15.33
N PHE F 65 -20.13 3.13 -15.32
CA PHE F 65 -21.02 3.18 -16.47
C PHE F 65 -22.41 3.71 -16.15
N GLN F 66 -22.63 4.23 -14.95
CA GLN F 66 -23.95 4.75 -14.59
C GLN F 66 -24.29 5.96 -15.45
N GLY F 67 -25.47 5.92 -16.07
CA GLY F 67 -25.91 7.00 -16.93
C GLY F 67 -25.43 6.93 -18.36
N ARG F 68 -24.59 5.96 -18.71
CA ARG F 68 -24.07 5.80 -20.06
C ARG F 68 -24.49 4.51 -20.75
N VAL F 69 -24.90 3.50 -19.99
CA VAL F 69 -25.24 2.20 -20.55
C VAL F 69 -26.61 1.79 -20.07
N ILE F 70 -27.39 1.16 -20.95
CA ILE F 70 -28.71 0.64 -20.62
C ILE F 70 -28.75 -0.81 -21.06
N ILE F 71 -29.04 -1.71 -20.13
CA ILE F 71 -29.21 -3.13 -20.42
C ILE F 71 -30.69 -3.46 -20.33
N SER F 72 -31.21 -4.12 -21.37
CA SER F 72 -32.64 -4.36 -21.49
C SER F 72 -32.88 -5.81 -21.91
N ARG F 73 -34.14 -6.20 -21.88
CA ARG F 73 -34.56 -7.57 -22.14
C ARG F 73 -35.64 -7.58 -23.21
N ASP F 74 -35.77 -8.71 -23.89
CA ASP F 74 -36.90 -8.97 -24.78
C ASP F 74 -37.24 -10.45 -24.62
N THR F 75 -38.18 -10.73 -23.72
CA THR F 75 -38.49 -12.12 -23.37
C THR F 75 -39.08 -12.88 -24.55
N SER F 76 -39.84 -12.21 -25.41
CA SER F 76 -40.42 -12.87 -26.57
C SER F 76 -39.35 -13.42 -27.50
N ALA F 77 -38.28 -12.65 -27.72
CA ALA F 77 -37.14 -13.10 -28.51
C ALA F 77 -36.02 -13.68 -27.67
N THR F 78 -36.17 -13.70 -26.35
CA THR F 78 -35.14 -14.20 -25.42
C THR F 78 -33.79 -13.56 -25.71
N THR F 79 -33.79 -12.24 -25.83
CA THR F 79 -32.60 -11.48 -26.20
C THR F 79 -32.33 -10.40 -25.18
N SER F 80 -31.08 -10.33 -24.71
CA SER F 80 -30.64 -9.24 -23.85
C SER F 80 -29.91 -8.20 -24.70
N TYR F 81 -30.15 -6.93 -24.41
CA TYR F 81 -29.61 -5.83 -25.18
C TYR F 81 -28.76 -4.93 -24.29
N MET F 82 -27.67 -4.41 -24.85
CA MET F 82 -26.79 -3.50 -24.14
C MET F 82 -26.46 -2.34 -25.06
N GLU F 83 -26.90 -1.12 -24.71
CA GLU F 83 -26.60 0.07 -25.49
C GLU F 83 -25.68 0.99 -24.68
N LEU F 84 -24.55 1.34 -25.28
CA LEU F 84 -23.59 2.24 -24.66
C LEU F 84 -23.54 3.54 -25.45
N SER F 85 -23.74 4.66 -24.76
CA SER F 85 -23.87 5.96 -25.38
C SER F 85 -22.63 6.81 -25.13
N SER F 86 -22.49 7.88 -25.92
CA SER F 86 -21.34 8.78 -25.86
C SER F 86 -20.04 8.00 -26.02
N LEU F 87 -19.98 7.21 -27.09
CA LEU F 87 -18.84 6.33 -27.31
C LEU F 87 -17.56 7.13 -27.53
N THR F 88 -16.47 6.63 -26.96
CA THR F 88 -15.14 7.19 -27.17
C THR F 88 -14.22 6.08 -27.66
N SER F 89 -13.02 6.48 -28.09
CA SER F 89 -12.05 5.49 -28.54
C SER F 89 -11.64 4.56 -27.41
N GLU F 90 -11.74 5.02 -26.16
CA GLU F 90 -11.51 4.16 -25.01
C GLU F 90 -12.59 3.11 -24.83
N ASP F 91 -13.74 3.27 -25.50
CA ASP F 91 -14.81 2.28 -25.44
C ASP F 91 -14.65 1.19 -26.49
N THR F 92 -13.59 1.25 -27.28
CA THR F 92 -13.30 0.18 -28.25
C THR F 92 -12.89 -1.08 -27.50
N ALA F 93 -13.67 -2.14 -27.63
CA ALA F 93 -13.45 -3.36 -26.88
C ALA F 93 -14.31 -4.47 -27.47
N VAL F 94 -14.08 -5.69 -26.98
CA VAL F 94 -14.94 -6.83 -27.29
C VAL F 94 -15.99 -6.93 -26.21
N TYR F 95 -17.26 -6.82 -26.59
CA TYR F 95 -18.37 -6.85 -25.64
C TYR F 95 -18.94 -8.26 -25.59
N SER F 96 -19.11 -8.79 -24.37
CA SER F 96 -19.52 -10.16 -24.17
C SER F 96 -20.68 -10.23 -23.20
N CYS F 97 -21.57 -11.19 -23.44
CA CYS F 97 -22.66 -11.52 -22.54
C CYS F 97 -22.43 -12.90 -21.94
N ALA F 98 -22.84 -13.08 -20.69
CA ALA F 98 -22.68 -14.35 -20.00
C ALA F 98 -23.93 -14.65 -19.19
N ARG F 99 -24.27 -15.93 -19.11
CA ARG F 99 -25.40 -16.39 -18.31
C ARG F 99 -24.93 -16.66 -16.90
N ASP F 100 -25.69 -16.16 -15.92
CA ASP F 100 -25.37 -16.35 -14.51
C ASP F 100 -26.14 -17.58 -14.01
N ARG F 101 -25.41 -18.68 -13.79
CA ARG F 101 -26.06 -19.90 -13.31
C ARG F 101 -26.53 -19.78 -11.87
N GLY F 102 -26.03 -18.79 -11.13
CA GLY F 102 -26.54 -18.52 -9.81
C GLY F 102 -26.05 -19.48 -8.75
N PHE F 103 -26.83 -19.53 -7.66
CA PHE F 103 -26.52 -20.36 -6.50
C PHE F 103 -27.43 -21.59 -6.47
N ASP F 104 -26.83 -22.74 -6.22
CA ASP F 104 -27.61 -23.93 -5.86
C ASP F 104 -28.09 -23.77 -4.44
N LEU F 105 -29.42 -23.72 -4.26
CA LEU F 105 -29.96 -23.47 -2.92
C LEU F 105 -29.80 -24.68 -2.01
N LEU F 106 -29.70 -25.88 -2.58
CA LEU F 106 -29.50 -27.08 -1.76
C LEU F 106 -28.11 -27.11 -1.15
N THR F 107 -27.08 -26.87 -1.97
CA THR F 107 -25.70 -26.97 -1.52
C THR F 107 -25.09 -25.63 -1.13
N GLY F 108 -25.73 -24.51 -1.49
CA GLY F 108 -25.13 -23.22 -1.26
C GLY F 108 -24.01 -22.88 -2.20
N HIS F 109 -23.75 -23.72 -3.20
CA HIS F 109 -22.66 -23.52 -4.13
C HIS F 109 -23.02 -22.49 -5.18
N TYR F 110 -22.01 -21.79 -5.69
CA TYR F 110 -22.17 -20.91 -6.83
C TYR F 110 -21.72 -21.66 -8.08
N LEU F 111 -22.58 -21.67 -9.10
CA LEU F 111 -22.38 -22.51 -10.27
C LEU F 111 -21.59 -21.84 -11.39
N GLY F 112 -21.24 -20.56 -11.23
CA GLY F 112 -20.38 -19.87 -12.17
C GLY F 112 -21.13 -19.19 -13.29
N LEU F 113 -20.38 -18.39 -14.06
CA LEU F 113 -20.90 -17.73 -15.25
C LEU F 113 -20.68 -18.65 -16.44
N ASP F 114 -21.77 -19.16 -17.01
CA ASP F 114 -21.70 -20.15 -18.08
C ASP F 114 -23.08 -20.29 -18.72
N PRO F 115 -23.18 -20.28 -20.06
CA PRO F 115 -22.05 -20.09 -20.98
C PRO F 115 -21.77 -18.63 -21.30
N TRP F 116 -20.88 -18.42 -22.26
CA TRP F 116 -20.45 -17.09 -22.69
C TRP F 116 -20.85 -16.86 -24.15
N GLY F 117 -21.09 -15.60 -24.48
CA GLY F 117 -21.25 -15.23 -25.87
C GLY F 117 -19.92 -15.21 -26.59
N GLN F 118 -19.98 -15.27 -27.92
CA GLN F 118 -18.75 -15.25 -28.71
C GLN F 118 -18.07 -13.89 -28.70
N GLY F 119 -18.73 -12.86 -28.22
CA GLY F 119 -18.14 -11.53 -28.19
C GLY F 119 -18.52 -10.70 -29.41
N THR F 120 -18.51 -9.39 -29.22
CA THR F 120 -18.76 -8.44 -30.30
C THR F 120 -17.69 -7.36 -30.27
N LEU F 121 -16.92 -7.27 -31.35
CA LEU F 121 -15.88 -6.24 -31.46
C LEU F 121 -16.53 -4.93 -31.88
N VAL F 122 -16.43 -3.92 -31.02
CA VAL F 122 -16.93 -2.58 -31.31
C VAL F 122 -15.72 -1.65 -31.43
N THR F 123 -15.55 -1.07 -32.61
CA THR F 123 -14.45 -0.15 -32.88
C THR F 123 -14.98 1.27 -32.93
N VAL F 124 -14.33 2.16 -32.19
CA VAL F 124 -14.71 3.57 -32.14
C VAL F 124 -13.50 4.40 -32.55
N SER F 125 -13.62 5.11 -33.67
CA SER F 125 -12.57 6.00 -34.13
C SER F 125 -13.16 7.01 -35.11
N SER F 126 -12.60 8.22 -35.09
CA SER F 126 -12.96 9.25 -36.04
C SER F 126 -12.12 9.20 -37.31
N ALA F 127 -11.20 8.23 -37.40
CA ALA F 127 -10.31 8.12 -38.55
C ALA F 127 -11.08 7.72 -39.81
N SER F 128 -10.61 8.23 -40.94
CA SER F 128 -11.10 7.89 -42.27
C SER F 128 -9.92 7.40 -43.11
N THR F 129 -10.22 6.99 -44.35
CA THR F 129 -9.20 6.40 -45.21
C THR F 129 -8.06 7.38 -45.44
N LYS F 130 -6.83 6.89 -45.26
CA LYS F 130 -5.64 7.72 -45.42
C LYS F 130 -4.48 6.87 -45.92
N GLY F 131 -3.77 7.36 -46.93
CA GLY F 131 -2.61 6.69 -47.45
C GLY F 131 -1.40 6.84 -46.54
N PRO F 132 -0.50 5.87 -46.58
CA PRO F 132 0.64 5.88 -45.67
C PRO F 132 1.71 6.89 -46.06
N SER F 133 2.50 7.27 -45.06
CA SER F 133 3.72 8.06 -45.25
C SER F 133 4.91 7.13 -45.02
N VAL F 134 5.76 6.99 -46.03
CA VAL F 134 6.85 6.02 -46.00
C VAL F 134 8.16 6.75 -45.76
N PHE F 135 8.93 6.30 -44.78
CA PHE F 135 10.21 6.89 -44.47
C PHE F 135 11.29 5.81 -44.42
N PRO F 136 12.47 6.08 -44.96
CA PRO F 136 13.56 5.11 -44.88
C PRO F 136 14.09 4.99 -43.46
N LEU F 137 14.53 3.78 -43.13
CA LEU F 137 15.13 3.48 -41.83
C LEU F 137 16.58 3.06 -42.06
N ALA F 138 17.51 3.98 -41.79
CA ALA F 138 18.93 3.81 -41.97
C ALA F 138 19.60 3.51 -40.63
N PRO F 139 20.71 2.74 -40.63
CA PRO F 139 21.41 2.37 -39.40
C PRO F 139 21.97 3.59 -38.66
N GLY F 147 28.63 -8.21 -39.40
CA GLY F 147 28.81 -7.84 -40.79
C GLY F 147 27.52 -7.74 -41.57
N THR F 148 26.40 -7.78 -40.85
CA THR F 148 25.07 -7.70 -41.43
C THR F 148 24.46 -6.35 -41.10
N ALA F 149 23.89 -5.70 -42.12
CA ALA F 149 23.31 -4.37 -41.97
C ALA F 149 21.79 -4.47 -41.84
N ALA F 150 21.22 -3.59 -41.02
CA ALA F 150 19.79 -3.55 -40.79
C ALA F 150 19.24 -2.23 -41.31
N LEU F 151 18.38 -2.30 -42.32
CA LEU F 151 17.73 -1.14 -42.89
C LEU F 151 16.32 -1.51 -43.32
N GLY F 152 15.46 -0.51 -43.42
CA GLY F 152 14.07 -0.78 -43.75
C GLY F 152 13.30 0.48 -44.01
N CYS F 153 11.98 0.32 -44.05
CA CYS F 153 11.05 1.43 -44.32
C CYS F 153 10.05 1.54 -43.19
N LEU F 154 9.77 2.78 -42.78
CA LEU F 154 8.74 3.08 -41.80
C LEU F 154 7.46 3.47 -42.53
N VAL F 155 6.44 2.64 -42.42
CA VAL F 155 5.13 2.90 -43.01
C VAL F 155 4.25 3.49 -41.92
N LYS F 156 3.97 4.79 -42.00
CA LYS F 156 3.40 5.53 -40.90
C LYS F 156 2.10 6.20 -41.29
N ASP F 157 1.16 6.27 -40.34
CA ASP F 157 -0.05 7.07 -40.43
C ASP F 157 -0.91 6.70 -41.64
N TYR F 158 -1.42 5.48 -41.62
CA TYR F 158 -2.35 5.01 -42.65
C TYR F 158 -3.57 4.40 -41.99
N PHE F 159 -4.65 4.34 -42.76
CA PHE F 159 -5.92 3.80 -42.29
C PHE F 159 -6.80 3.52 -43.50
N PRO F 160 -7.52 2.40 -43.54
CA PRO F 160 -7.44 1.32 -42.55
C PRO F 160 -6.37 0.29 -42.92
N GLU F 161 -6.40 -0.85 -42.23
CA GLU F 161 -5.59 -1.98 -42.60
C GLU F 161 -6.23 -2.70 -43.79
N PRO F 162 -5.45 -3.52 -44.53
CA PRO F 162 -4.02 -3.80 -44.38
C PRO F 162 -3.14 -2.99 -45.33
N VAL F 163 -1.83 -3.10 -45.13
CA VAL F 163 -0.84 -2.57 -46.07
C VAL F 163 0.13 -3.70 -46.40
N THR F 164 0.57 -3.75 -47.65
CA THR F 164 1.45 -4.79 -48.13
C THR F 164 2.83 -4.21 -48.42
N VAL F 165 3.87 -4.90 -47.94
CA VAL F 165 5.25 -4.44 -48.12
C VAL F 165 6.04 -5.56 -48.78
N SER F 166 6.78 -5.21 -49.83
CA SER F 166 7.70 -6.11 -50.49
C SER F 166 8.96 -5.34 -50.83
N TRP F 167 10.04 -6.07 -51.11
CA TRP F 167 11.34 -5.49 -51.37
C TRP F 167 11.82 -5.86 -52.76
N ASN F 168 12.25 -4.85 -53.53
CA ASN F 168 12.72 -5.01 -54.90
C ASN F 168 11.66 -5.73 -55.75
N SER F 169 10.41 -5.32 -55.58
CA SER F 169 9.27 -5.91 -56.31
C SER F 169 9.17 -7.41 -56.05
N GLY F 170 9.47 -7.82 -54.82
CA GLY F 170 9.38 -9.21 -54.44
C GLY F 170 10.60 -10.05 -54.76
N ALA F 171 11.60 -9.48 -55.43
CA ALA F 171 12.80 -10.24 -55.76
C ALA F 171 13.56 -10.66 -54.51
N LEU F 172 13.62 -9.78 -53.50
CA LEU F 172 14.35 -10.04 -52.27
C LEU F 172 13.36 -10.50 -51.20
N THR F 173 13.50 -11.75 -50.75
CA THR F 173 12.66 -12.31 -49.71
C THR F 173 13.43 -12.81 -48.50
N SER F 174 14.69 -13.21 -48.67
CA SER F 174 15.49 -13.66 -47.54
C SER F 174 15.91 -12.46 -46.68
N GLY F 175 15.74 -12.60 -45.37
CA GLY F 175 16.10 -11.54 -44.46
C GLY F 175 15.06 -10.46 -44.30
N VAL F 176 13.88 -10.62 -44.89
CA VAL F 176 12.81 -9.62 -44.78
C VAL F 176 11.90 -10.01 -43.62
N HIS F 177 11.61 -9.04 -42.76
CA HIS F 177 10.73 -9.26 -41.62
C HIS F 177 9.79 -8.06 -41.51
N THR F 178 8.51 -8.28 -41.77
CA THR F 178 7.51 -7.22 -41.69
C THR F 178 6.72 -7.37 -40.38
N PHE F 179 6.85 -6.39 -39.50
CA PHE F 179 6.21 -6.41 -38.21
C PHE F 179 4.74 -5.99 -38.31
N PRO F 180 3.88 -6.51 -37.44
CA PRO F 180 2.48 -6.07 -37.42
C PRO F 180 2.36 -4.60 -37.04
N ALA F 181 1.28 -3.98 -37.52
CA ALA F 181 1.09 -2.56 -37.32
C ALA F 181 0.69 -2.25 -35.87
N VAL F 182 0.83 -0.98 -35.51
CA VAL F 182 0.42 -0.48 -34.21
C VAL F 182 -0.72 0.51 -34.42
N LEU F 183 -1.57 0.64 -33.40
CA LEU F 183 -2.68 1.59 -33.41
C LEU F 183 -2.35 2.67 -32.39
N GLN F 184 -1.87 3.82 -32.87
CA GLN F 184 -1.53 4.91 -31.96
C GLN F 184 -2.78 5.69 -31.58
N SER F 185 -2.59 6.67 -30.69
CA SER F 185 -3.71 7.43 -30.14
C SER F 185 -4.45 8.25 -31.19
N SER F 186 -3.81 8.57 -32.31
CA SER F 186 -4.49 9.32 -33.36
C SER F 186 -5.53 8.49 -34.10
N GLY F 187 -5.60 7.19 -33.85
CA GLY F 187 -6.50 6.32 -34.56
C GLY F 187 -5.91 5.73 -35.84
N LEU F 188 -4.72 6.15 -36.22
CA LEU F 188 -4.06 5.68 -37.43
C LEU F 188 -3.16 4.49 -37.12
N TYR F 189 -2.77 3.78 -38.18
CA TYR F 189 -1.89 2.63 -38.07
C TYR F 189 -0.50 2.96 -38.58
N SER F 190 0.48 2.21 -38.09
CA SER F 190 1.87 2.36 -38.49
C SER F 190 2.59 1.05 -38.29
N LEU F 191 3.35 0.60 -39.30
CA LEU F 191 4.19 -0.57 -39.15
C LEU F 191 5.54 -0.30 -39.77
N SER F 192 6.46 -1.24 -39.56
CA SER F 192 7.81 -1.17 -40.08
C SER F 192 8.16 -2.49 -40.74
N SER F 193 9.02 -2.40 -41.76
CA SER F 193 9.54 -3.57 -42.45
C SER F 193 11.04 -3.43 -42.58
N VAL F 194 11.79 -4.36 -41.99
CA VAL F 194 13.23 -4.31 -41.95
C VAL F 194 13.80 -5.51 -42.70
N VAL F 195 14.88 -5.28 -43.45
CA VAL F 195 15.56 -6.32 -44.20
C VAL F 195 17.01 -6.38 -43.75
N THR F 196 17.50 -7.58 -43.50
CA THR F 196 18.90 -7.79 -43.13
C THR F 196 19.70 -8.07 -44.39
N VAL F 197 20.70 -7.24 -44.65
CA VAL F 197 21.46 -7.32 -45.91
C VAL F 197 22.95 -7.37 -45.60
N PRO F 198 23.77 -7.95 -46.48
CA PRO F 198 25.22 -7.90 -46.28
C PRO F 198 25.76 -6.48 -46.38
N SER F 199 26.81 -6.21 -45.61
CA SER F 199 27.43 -4.89 -45.62
C SER F 199 28.15 -4.63 -46.94
N SER F 200 28.78 -5.66 -47.50
CA SER F 200 29.54 -5.50 -48.73
C SER F 200 28.64 -5.12 -49.90
N SER F 201 27.45 -5.70 -49.98
CA SER F 201 26.54 -5.47 -51.09
C SER F 201 25.91 -4.08 -51.06
N LEU F 202 26.08 -3.32 -49.98
CA LEU F 202 25.45 -2.01 -49.89
C LEU F 202 25.96 -1.06 -50.97
N GLY F 203 27.26 -1.12 -51.28
CA GLY F 203 27.82 -0.19 -52.25
C GLY F 203 27.29 -0.41 -53.66
N THR F 204 27.09 -1.67 -54.06
CA THR F 204 26.72 -1.98 -55.43
C THR F 204 25.24 -2.27 -55.63
N GLN F 205 24.53 -2.67 -54.58
CA GLN F 205 23.12 -3.04 -54.69
C GLN F 205 22.27 -2.08 -53.87
N THR F 206 21.13 -1.69 -54.45
CA THR F 206 20.17 -0.82 -53.79
C THR F 206 18.96 -1.63 -53.34
N TYR F 207 18.27 -1.11 -52.33
CA TYR F 207 17.12 -1.80 -51.74
C TYR F 207 15.94 -0.84 -51.70
N ILE F 208 14.87 -1.20 -52.39
CA ILE F 208 13.67 -0.37 -52.49
C ILE F 208 12.49 -1.16 -51.95
N CYS F 209 11.79 -0.59 -50.98
CA CYS F 209 10.61 -1.22 -50.42
C CYS F 209 9.37 -0.80 -51.20
N ASN F 210 8.44 -1.73 -51.35
CA ASN F 210 7.24 -1.53 -52.15
C ASN F 210 6.04 -1.51 -51.21
N VAL F 211 5.62 -0.31 -50.83
CA VAL F 211 4.51 -0.14 -49.91
C VAL F 211 3.22 -0.02 -50.72
N ASN F 212 2.31 -0.96 -50.50
CA ASN F 212 1.04 -1.01 -51.22
C ASN F 212 -0.09 -0.98 -50.20
N HIS F 213 -0.96 0.03 -50.30
CA HIS F 213 -2.08 0.23 -49.40
C HIS F 213 -3.35 0.31 -50.26
N LYS F 214 -3.95 -0.85 -50.49
CA LYS F 214 -5.14 -0.92 -51.35
C LYS F 214 -6.30 -0.05 -50.88
N PRO F 215 -6.65 0.03 -49.59
CA PRO F 215 -7.84 0.81 -49.21
C PRO F 215 -7.79 2.26 -49.66
N SER F 216 -6.61 2.87 -49.72
CA SER F 216 -6.45 4.22 -50.26
C SER F 216 -5.94 4.23 -51.68
N ASN F 217 -5.83 3.06 -52.32
CA ASN F 217 -5.32 2.94 -53.68
C ASN F 217 -3.96 3.62 -53.83
N THR F 218 -3.08 3.33 -52.89
CA THR F 218 -1.77 3.98 -52.78
C THR F 218 -0.68 2.95 -53.00
N LYS F 219 0.28 3.28 -53.86
CA LYS F 219 1.50 2.51 -54.02
C LYS F 219 2.68 3.46 -53.85
N VAL F 220 3.58 3.11 -52.93
CA VAL F 220 4.75 3.94 -52.63
C VAL F 220 6.00 3.10 -52.77
N ASP F 221 6.97 3.59 -53.53
CA ASP F 221 8.29 2.98 -53.64
C ASP F 221 9.31 3.94 -53.07
N LYS F 222 10.09 3.47 -52.10
CA LYS F 222 11.07 4.29 -51.39
C LYS F 222 12.39 3.53 -51.32
N LYS F 223 13.48 4.20 -51.63
CA LYS F 223 14.82 3.62 -51.51
C LYS F 223 15.41 4.01 -50.17
N VAL F 224 15.89 3.02 -49.42
CA VAL F 224 16.50 3.23 -48.11
C VAL F 224 18.00 2.94 -48.22
N GLU F 225 18.80 3.91 -47.83
CA GLU F 225 20.26 3.83 -47.93
C GLU F 225 20.86 4.34 -46.62
N PRO F 226 22.08 3.94 -46.31
CA PRO F 226 22.72 4.44 -45.08
C PRO F 226 22.84 5.96 -45.09
N LYS F 227 22.65 6.57 -43.92
CA LYS F 227 22.68 8.01 -43.78
C LYS F 227 24.09 8.56 -43.90
N VAL G 2 -22.05 -15.35 18.58
CA VAL G 2 -21.30 -14.46 19.44
C VAL G 2 -21.83 -13.03 19.35
N GLN G 3 -21.76 -12.31 20.46
CA GLN G 3 -22.23 -10.93 20.54
C GLN G 3 -21.10 -9.98 20.15
N LEU G 4 -21.32 -9.19 19.10
CA LEU G 4 -20.32 -8.31 18.55
C LEU G 4 -20.94 -6.93 18.37
N LEU G 5 -20.17 -5.89 18.67
CA LEU G 5 -20.55 -4.50 18.42
C LEU G 5 -19.59 -3.91 17.41
N GLU G 6 -20.07 -3.70 16.18
CA GLU G 6 -19.27 -3.09 15.13
C GLU G 6 -19.52 -1.59 15.13
N GLN G 7 -18.46 -0.82 14.86
CA GLN G 7 -18.49 0.62 15.02
C GLN G 7 -17.84 1.27 13.81
N SER G 8 -18.33 2.45 13.45
CA SER G 8 -17.95 3.09 12.20
C SER G 8 -16.50 3.55 12.22
N GLY G 9 -15.98 3.85 11.03
CA GLY G 9 -14.60 4.23 10.85
C GLY G 9 -14.28 5.62 11.36
N ALA G 10 -12.99 5.96 11.30
CA ALA G 10 -12.50 7.22 11.83
C ALA G 10 -13.07 8.41 11.07
N GLU G 11 -13.12 9.55 11.75
CA GLU G 11 -13.68 10.77 11.20
C GLU G 11 -12.73 11.93 11.41
N VAL G 12 -12.68 12.84 10.43
CA VAL G 12 -11.97 14.11 10.55
C VAL G 12 -12.96 15.22 10.30
N LYS G 13 -13.11 16.13 11.27
CA LYS G 13 -14.09 17.19 11.21
C LYS G 13 -13.45 18.53 11.51
N ARG G 14 -13.95 19.57 10.88
CA ARG G 14 -13.55 20.93 11.20
C ARG G 14 -14.23 21.39 12.48
N PRO G 15 -13.63 22.33 13.21
CA PRO G 15 -14.30 22.86 14.41
C PRO G 15 -15.64 23.48 14.07
N GLY G 16 -16.61 23.27 14.97
CA GLY G 16 -17.96 23.76 14.78
C GLY G 16 -18.88 22.82 14.05
N ALA G 17 -18.35 21.81 13.36
CA ALA G 17 -19.16 20.85 12.63
C ALA G 17 -19.73 19.82 13.60
N SER G 18 -20.38 18.79 13.06
CA SER G 18 -20.96 17.72 13.86
C SER G 18 -20.57 16.37 13.28
N VAL G 19 -20.55 15.36 14.15
CA VAL G 19 -20.16 14.01 13.77
C VAL G 19 -21.22 13.03 14.27
N LYS G 20 -21.44 11.97 13.50
CA LYS G 20 -22.43 10.94 13.83
C LYS G 20 -21.76 9.57 13.75
N VAL G 21 -21.51 8.96 14.90
CA VAL G 21 -20.85 7.67 14.99
C VAL G 21 -21.90 6.59 15.22
N SER G 22 -21.77 5.48 14.51
CA SER G 22 -22.73 4.38 14.59
C SER G 22 -22.18 3.23 15.42
N CYS G 23 -23.07 2.32 15.82
CA CYS G 23 -22.72 1.17 16.64
C CYS G 23 -23.69 0.04 16.28
N LYS G 24 -23.26 -0.86 15.40
CA LYS G 24 -24.08 -1.97 14.95
C LYS G 24 -23.93 -3.16 15.90
N ALA G 25 -25.05 -3.75 16.29
CA ALA G 25 -25.08 -4.84 17.25
C ALA G 25 -25.52 -6.13 16.58
N SER G 26 -24.92 -7.24 17.02
CA SER G 26 -25.28 -8.56 16.53
C SER G 26 -25.00 -9.58 17.62
N GLY G 27 -25.69 -10.72 17.54
CA GLY G 27 -25.49 -11.80 18.48
C GLY G 27 -26.41 -11.80 19.69
N TYR G 28 -27.22 -10.76 19.89
CA TYR G 28 -28.12 -10.71 21.03
C TYR G 28 -29.35 -9.92 20.65
N THR G 29 -30.40 -10.07 21.45
CA THR G 29 -31.62 -9.29 21.27
C THR G 29 -31.31 -7.81 21.51
N PHE G 30 -31.39 -7.01 20.45
CA PHE G 30 -30.92 -5.63 20.51
C PHE G 30 -31.66 -4.80 21.55
N THR G 31 -32.95 -5.07 21.74
CA THR G 31 -33.80 -4.25 22.60
C THR G 31 -33.79 -4.68 24.06
N SER G 32 -32.99 -5.69 24.43
CA SER G 32 -32.97 -6.21 25.78
C SER G 32 -31.74 -5.77 26.58
N TYR G 33 -30.91 -4.89 26.03
CA TYR G 33 -29.71 -4.45 26.72
C TYR G 33 -29.42 -3.01 26.38
N ALA G 34 -29.13 -2.20 27.39
CA ALA G 34 -28.85 -0.78 27.18
C ALA G 34 -27.47 -0.59 26.57
N ILE G 35 -27.32 0.52 25.84
CA ILE G 35 -26.09 0.86 25.15
C ILE G 35 -25.49 2.11 25.79
N HIS G 36 -24.19 2.06 26.08
CA HIS G 36 -23.46 3.18 26.65
C HIS G 36 -22.51 3.78 25.62
N TRP G 37 -22.32 5.10 25.73
CA TRP G 37 -21.36 5.82 24.90
C TRP G 37 -20.36 6.53 25.80
N VAL G 38 -19.07 6.28 25.56
CA VAL G 38 -18.00 6.90 26.32
C VAL G 38 -16.96 7.41 25.32
N ARG G 39 -16.11 8.31 25.79
CA ARG G 39 -15.01 8.80 24.98
C ARG G 39 -13.74 8.87 25.80
N GLN G 40 -12.60 8.78 25.12
CA GLN G 40 -11.30 8.91 25.76
C GLN G 40 -10.43 9.81 24.90
N ALA G 41 -10.14 11.01 25.39
CA ALA G 41 -9.19 11.88 24.73
C ALA G 41 -7.78 11.32 24.91
N PRO G 42 -6.85 11.66 24.02
CA PRO G 42 -5.48 11.17 24.18
C PRO G 42 -4.87 11.63 25.49
N GLY G 43 -4.23 10.69 26.19
CA GLY G 43 -3.64 10.97 27.49
C GLY G 43 -4.65 11.39 28.53
N GLN G 44 -5.87 10.86 28.49
CA GLN G 44 -6.93 11.23 29.41
C GLN G 44 -7.72 9.98 29.78
N ARG G 45 -8.40 10.05 30.92
CA ARG G 45 -9.24 8.95 31.34
C ARG G 45 -10.54 8.92 30.52
N LEU G 46 -11.18 7.76 30.52
CA LEU G 46 -12.45 7.63 29.83
C LEU G 46 -13.49 8.55 30.46
N GLU G 47 -14.32 9.16 29.61
CA GLU G 47 -15.35 10.10 30.05
C GLU G 47 -16.71 9.58 29.60
N TRP G 48 -17.55 9.23 30.56
CA TRP G 48 -18.89 8.75 30.24
C TRP G 48 -19.72 9.88 29.64
N MET G 49 -20.42 9.59 28.55
CA MET G 49 -21.21 10.58 27.84
C MET G 49 -22.72 10.40 28.06
N GLY G 50 -23.24 9.22 27.78
CA GLY G 50 -24.65 8.98 27.95
C GLY G 50 -24.99 7.52 27.69
N TRP G 51 -26.28 7.22 27.72
CA TRP G 51 -26.73 5.85 27.56
C TRP G 51 -28.20 5.85 27.19
N ILE G 52 -28.64 4.75 26.57
CA ILE G 52 -29.95 4.69 25.96
C ILE G 52 -30.52 3.29 26.13
N ASN G 53 -31.86 3.22 26.22
CA ASN G 53 -32.57 1.95 26.18
C ASN G 53 -33.06 1.75 24.76
N PRO G 54 -32.41 0.89 23.96
CA PRO G 54 -32.84 0.72 22.56
C PRO G 54 -34.23 0.14 22.41
N GLY G 55 -34.78 -0.49 23.45
CA GLY G 55 -36.14 -1.01 23.35
C GLY G 55 -37.16 0.09 23.15
N ASN G 56 -37.04 1.17 23.93
CA ASN G 56 -37.99 2.27 23.88
C ASN G 56 -37.40 3.59 23.40
N GLY G 57 -36.08 3.67 23.24
CA GLY G 57 -35.44 4.85 22.69
C GLY G 57 -35.16 5.97 23.66
N ASN G 58 -35.57 5.84 24.92
CA ASN G 58 -35.31 6.88 25.90
C ASN G 58 -33.83 6.94 26.23
N ALA G 59 -33.27 8.16 26.24
CA ALA G 59 -31.84 8.36 26.41
C ALA G 59 -31.59 9.42 27.48
N LYS G 60 -30.52 9.22 28.25
CA LYS G 60 -30.08 10.15 29.28
C LYS G 60 -28.61 10.46 29.05
N TYR G 61 -28.18 11.63 29.50
CA TYR G 61 -26.87 12.15 29.15
C TYR G 61 -26.16 12.68 30.39
N SER G 62 -24.84 12.72 30.31
CA SER G 62 -24.04 13.35 31.35
C SER G 62 -24.29 14.86 31.35
N GLN G 63 -24.02 15.49 32.50
CA GLN G 63 -24.26 16.91 32.64
C GLN G 63 -23.35 17.73 31.72
N ARG G 64 -22.11 17.30 31.56
CA ARG G 64 -21.15 18.05 30.75
C ARG G 64 -21.49 18.02 29.26
N PHE G 65 -22.35 17.11 28.82
CA PHE G 65 -22.66 16.97 27.41
C PHE G 65 -24.11 17.26 27.06
N GLN G 66 -24.96 17.55 28.04
CA GLN G 66 -26.36 17.84 27.76
C GLN G 66 -26.47 19.06 26.85
N GLY G 67 -27.30 18.94 25.81
CA GLY G 67 -27.47 19.99 24.83
C GLY G 67 -26.52 19.92 23.65
N ARG G 68 -25.54 19.01 23.68
CA ARG G 68 -24.59 18.84 22.59
C ARG G 68 -24.59 17.43 22.00
N VAL G 69 -25.02 16.43 22.75
CA VAL G 69 -25.00 15.04 22.31
C VAL G 69 -26.42 14.54 22.16
N ILE G 70 -26.65 13.73 21.12
CA ILE G 70 -27.90 13.02 20.92
C ILE G 70 -27.59 11.56 20.66
N ILE G 71 -28.14 10.68 21.47
CA ILE G 71 -27.99 9.24 21.31
C ILE G 71 -29.30 8.67 20.83
N SER G 72 -29.26 7.94 19.72
CA SER G 72 -30.44 7.36 19.09
C SER G 72 -30.14 5.91 18.73
N ARG G 73 -31.16 5.24 18.17
CA ARG G 73 -30.99 3.85 17.78
C ARG G 73 -31.92 3.54 16.63
N ASP G 74 -31.58 2.48 15.89
CA ASP G 74 -32.39 1.97 14.79
C ASP G 74 -32.60 0.48 15.02
N THR G 75 -33.81 0.10 15.46
CA THR G 75 -34.08 -1.28 15.80
C THR G 75 -33.97 -2.20 14.58
N SER G 76 -34.44 -1.72 13.42
CA SER G 76 -34.38 -2.54 12.21
C SER G 76 -32.95 -2.87 11.83
N ALA G 77 -32.05 -1.91 11.98
CA ALA G 77 -30.63 -2.13 11.73
C ALA G 77 -29.87 -2.61 12.96
N THR G 78 -30.53 -2.67 14.11
CA THR G 78 -29.90 -3.01 15.39
C THR G 78 -28.66 -2.15 15.63
N THR G 79 -28.80 -0.86 15.37
CA THR G 79 -27.70 0.08 15.41
C THR G 79 -28.03 1.23 16.36
N SER G 80 -27.03 1.65 17.14
CA SER G 80 -27.14 2.83 18.00
C SER G 80 -26.23 3.92 17.46
N TYR G 81 -26.71 5.16 17.54
CA TYR G 81 -26.01 6.30 16.96
C TYR G 81 -25.73 7.34 18.05
N MET G 82 -24.58 7.98 17.95
CA MET G 82 -24.22 9.10 18.81
C MET G 82 -23.82 10.27 17.93
N GLU G 83 -24.50 11.40 18.10
CA GLU G 83 -24.20 12.60 17.32
C GLU G 83 -23.72 13.69 18.27
N LEU G 84 -22.53 14.20 18.02
CA LEU G 84 -21.94 15.28 18.82
C LEU G 84 -21.84 16.53 17.95
N SER G 85 -22.35 17.64 18.47
CA SER G 85 -22.48 18.87 17.71
C SER G 85 -21.57 19.95 18.31
N SER G 86 -21.31 20.98 17.51
CA SER G 86 -20.44 22.09 17.87
C SER G 86 -19.07 21.58 18.33
N LEU G 87 -18.45 20.80 17.44
CA LEU G 87 -17.17 20.18 17.74
C LEU G 87 -16.09 21.25 17.93
N THR G 88 -15.19 20.98 18.86
CA THR G 88 -14.00 21.80 19.09
C THR G 88 -12.79 20.88 19.19
N SER G 89 -11.61 21.48 19.33
CA SER G 89 -10.38 20.70 19.44
C SER G 89 -10.40 19.79 20.66
N GLU G 90 -11.14 20.18 21.70
CA GLU G 90 -11.23 19.37 22.90
C GLU G 90 -12.10 18.13 22.71
N ASP G 91 -12.80 18.02 21.59
CA ASP G 91 -13.64 16.87 21.30
C ASP G 91 -12.91 15.76 20.55
N THR G 92 -11.64 15.97 20.22
CA THR G 92 -10.83 14.92 19.61
C THR G 92 -10.61 13.79 20.61
N ALA G 93 -11.08 12.60 20.27
CA ALA G 93 -11.02 11.46 21.18
C ALA G 93 -11.41 10.20 20.42
N VAL G 94 -11.22 9.06 21.07
CA VAL G 94 -11.71 7.78 20.58
C VAL G 94 -13.08 7.54 21.20
N TYR G 95 -14.09 7.30 20.36
CA TYR G 95 -15.46 7.15 20.82
C TYR G 95 -15.84 5.67 20.77
N SER G 96 -16.41 5.18 21.87
CA SER G 96 -16.71 3.76 22.01
C SER G 96 -18.13 3.56 22.51
N CYS G 97 -18.76 2.49 22.05
CA CYS G 97 -20.06 2.05 22.53
C CYS G 97 -19.90 0.71 23.24
N ALA G 98 -20.66 0.52 24.32
CA ALA G 98 -20.56 -0.67 25.15
C ALA G 98 -21.94 -1.17 25.52
N ARG G 99 -22.11 -2.49 25.51
CA ARG G 99 -23.37 -3.10 25.91
C ARG G 99 -23.42 -3.26 27.42
N ASP G 100 -24.55 -2.90 28.01
CA ASP G 100 -24.76 -3.01 29.46
C ASP G 100 -25.47 -4.32 29.75
N ARG G 101 -24.72 -5.30 30.26
CA ARG G 101 -25.29 -6.60 30.58
C ARG G 101 -26.30 -6.54 31.72
N GLY G 102 -26.28 -5.46 32.50
CA GLY G 102 -27.30 -5.25 33.52
C GLY G 102 -27.11 -6.11 34.76
N PHE G 103 -28.18 -6.15 35.55
CA PHE G 103 -28.23 -6.89 36.80
C PHE G 103 -28.92 -8.23 36.60
N ASP G 104 -28.35 -9.27 37.21
CA ASP G 104 -29.03 -10.55 37.33
C ASP G 104 -30.06 -10.45 38.45
N LEU G 105 -31.33 -10.72 38.12
CA LEU G 105 -32.39 -10.58 39.10
C LEU G 105 -32.23 -11.56 40.26
N LEU G 106 -31.87 -12.81 39.95
CA LEU G 106 -31.80 -13.83 40.98
C LEU G 106 -30.68 -13.56 41.98
N THR G 107 -29.48 -13.30 41.48
CA THR G 107 -28.32 -13.09 42.34
C THR G 107 -28.13 -11.63 42.76
N GLY G 108 -28.77 -10.69 42.07
CA GLY G 108 -28.51 -9.29 42.34
C GLY G 108 -27.16 -8.80 41.87
N HIS G 109 -26.40 -9.64 41.17
CA HIS G 109 -25.07 -9.29 40.72
C HIS G 109 -25.14 -8.38 39.50
N TYR G 110 -24.19 -7.45 39.41
CA TYR G 110 -24.03 -6.65 38.21
C TYR G 110 -23.05 -7.35 37.27
N LEU G 111 -23.45 -7.51 36.02
CA LEU G 111 -22.75 -8.36 35.07
C LEU G 111 -21.70 -7.63 34.25
N GLY G 112 -21.56 -6.31 34.43
CA GLY G 112 -20.53 -5.55 33.77
C GLY G 112 -20.96 -5.00 32.42
N LEU G 113 -20.12 -4.11 31.89
CA LEU G 113 -20.31 -3.56 30.55
C LEU G 113 -19.54 -4.44 29.57
N ASP G 114 -20.27 -5.13 28.69
CA ASP G 114 -19.66 -6.11 27.81
C ASP G 114 -20.63 -6.50 26.70
N PRO G 115 -20.16 -6.61 25.45
CA PRO G 115 -18.80 -6.27 25.05
C PRO G 115 -18.62 -4.80 24.71
N TRP G 116 -17.47 -4.47 24.13
CA TRP G 116 -17.11 -3.11 23.78
C TRP G 116 -16.90 -2.99 22.28
N GLY G 117 -17.28 -1.84 21.72
CA GLY G 117 -16.93 -1.55 20.35
C GLY G 117 -15.44 -1.29 20.18
N GLN G 118 -14.96 -1.43 18.94
CA GLN G 118 -13.54 -1.24 18.69
C GLN G 118 -13.11 0.22 18.78
N GLY G 119 -14.05 1.16 18.84
CA GLY G 119 -13.74 2.56 18.97
C GLY G 119 -13.75 3.27 17.62
N THR G 120 -13.90 4.60 17.70
CA THR G 120 -13.83 5.45 16.52
C THR G 120 -13.02 6.69 16.89
N LEU G 121 -11.90 6.89 16.20
CA LEU G 121 -11.10 8.08 16.40
C LEU G 121 -11.73 9.24 15.63
N VAL G 122 -12.16 10.27 16.35
CA VAL G 122 -12.70 11.49 15.76
C VAL G 122 -11.70 12.60 16.03
N THR G 123 -11.12 13.14 14.96
CA THR G 123 -10.15 14.23 15.04
C THR G 123 -10.82 15.52 14.60
N VAL G 124 -10.83 16.51 15.49
CA VAL G 124 -11.37 17.82 15.19
C VAL G 124 -10.17 18.76 15.01
N SER G 125 -9.89 19.10 13.76
CA SER G 125 -8.73 19.94 13.43
C SER G 125 -9.12 20.94 12.36
N SER G 126 -8.62 22.17 12.50
CA SER G 126 -8.86 23.19 11.49
C SER G 126 -8.02 22.98 10.24
N ALA G 127 -7.00 22.13 10.30
CA ALA G 127 -6.15 21.88 9.15
C ALA G 127 -6.93 21.17 8.03
N SER G 128 -6.52 21.42 6.81
CA SER G 128 -7.09 20.80 5.62
C SER G 128 -6.12 19.79 5.04
N THR G 129 -6.63 18.91 4.18
CA THR G 129 -5.82 17.84 3.62
C THR G 129 -4.63 18.42 2.87
N LYS G 130 -3.45 17.85 3.13
CA LYS G 130 -2.22 18.31 2.50
C LYS G 130 -1.27 17.14 2.34
N GLY G 131 -0.68 17.02 1.15
CA GLY G 131 0.34 16.03 0.89
C GLY G 131 1.64 16.41 1.57
N PRO G 132 2.51 15.43 1.78
CA PRO G 132 3.75 15.69 2.50
C PRO G 132 4.85 16.26 1.60
N SER G 133 5.79 16.94 2.23
CA SER G 133 7.08 17.27 1.62
C SER G 133 8.10 16.26 2.12
N VAL G 134 8.90 15.73 1.20
CA VAL G 134 9.85 14.67 1.51
C VAL G 134 11.26 15.21 1.30
N PHE G 135 12.09 15.12 2.33
CA PHE G 135 13.45 15.61 2.29
C PHE G 135 14.41 14.47 2.61
N PRO G 136 15.53 14.36 1.90
CA PRO G 136 16.51 13.32 2.23
C PRO G 136 17.20 13.61 3.55
N LEU G 137 17.56 12.53 4.24
CA LEU G 137 18.31 12.61 5.50
C LEU G 137 19.63 11.89 5.31
N ALA G 138 20.73 12.62 5.46
CA ALA G 138 22.06 12.07 5.26
C ALA G 138 22.95 12.46 6.43
N PRO G 139 23.95 11.61 6.76
CA PRO G 139 24.87 11.91 7.86
C PRO G 139 25.81 13.08 7.54
N GLY G 147 31.86 2.18 10.75
CA GLY G 147 31.37 0.89 10.33
C GLY G 147 30.25 0.94 9.32
N THR G 148 29.06 1.35 9.78
CA THR G 148 27.89 1.44 8.93
C THR G 148 27.39 2.89 8.89
N ALA G 149 26.40 3.13 8.03
CA ALA G 149 25.84 4.46 7.83
C ALA G 149 24.33 4.38 7.81
N ALA G 150 23.69 5.51 8.16
CA ALA G 150 22.24 5.60 8.24
C ALA G 150 21.74 6.66 7.27
N LEU G 151 20.80 6.29 6.42
CA LEU G 151 20.16 7.19 5.47
C LEU G 151 18.66 7.19 5.73
N GLY G 152 18.03 8.35 5.50
CA GLY G 152 16.62 8.48 5.86
C GLY G 152 15.87 9.45 4.97
N CYS G 153 14.55 9.45 5.14
CA CYS G 153 13.65 10.36 4.45
C CYS G 153 12.78 11.08 5.48
N LEU G 154 12.72 12.40 5.38
CA LEU G 154 11.89 13.22 6.26
C LEU G 154 10.56 13.50 5.57
N VAL G 155 9.50 12.86 6.04
CA VAL G 155 8.15 13.09 5.54
C VAL G 155 7.51 14.16 6.41
N LYS G 156 7.36 15.36 5.86
CA LYS G 156 7.02 16.54 6.65
C LYS G 156 5.74 17.20 6.15
N ASP G 157 4.98 17.75 7.09
CA ASP G 157 3.87 18.66 6.82
C ASP G 157 2.77 18.00 5.99
N TYR G 158 2.18 16.94 6.54
CA TYR G 158 1.06 16.28 5.90
C TYR G 158 -0.10 16.16 6.89
N PHE G 159 -1.29 15.91 6.33
CA PHE G 159 -2.52 15.77 7.10
C PHE G 159 -3.61 15.17 6.22
N PRO G 160 -4.40 14.20 6.72
CA PRO G 160 -4.23 13.55 8.02
C PRO G 160 -3.40 12.27 7.93
N GLU G 161 -3.46 11.46 8.98
CA GLU G 161 -2.85 10.14 8.98
C GLU G 161 -3.60 9.20 8.03
N PRO G 162 -2.97 8.12 7.57
CA PRO G 162 -1.56 7.75 7.77
C PRO G 162 -0.69 7.95 6.53
N VAL G 163 0.61 7.72 6.68
CA VAL G 163 1.56 7.67 5.57
C VAL G 163 2.26 6.33 5.61
N THR G 164 2.33 5.67 4.46
CA THR G 164 3.11 4.44 4.31
C THR G 164 4.43 4.76 3.64
N VAL G 165 5.50 4.18 4.16
CA VAL G 165 6.85 4.40 3.63
C VAL G 165 7.48 3.05 3.33
N SER G 166 8.05 2.91 2.13
CA SER G 166 8.75 1.72 1.73
C SER G 166 10.02 2.12 1.01
N TRP G 167 10.98 1.19 0.95
CA TRP G 167 12.30 1.46 0.40
C TRP G 167 12.56 0.55 -0.80
N ASN G 168 12.96 1.15 -1.92
CA ASN G 168 13.22 0.44 -3.17
C ASN G 168 12.01 -0.40 -3.58
N SER G 169 10.83 0.20 -3.46
CA SER G 169 9.57 -0.42 -3.87
C SER G 169 9.32 -1.74 -3.13
N GLY G 170 9.74 -1.80 -1.87
CA GLY G 170 9.55 -2.97 -1.04
C GLY G 170 10.68 -3.98 -1.06
N ALA G 171 11.67 -3.81 -1.95
CA ALA G 171 12.78 -4.75 -2.00
C ALA G 171 13.63 -4.67 -0.73
N LEU G 172 13.87 -3.47 -0.23
CA LEU G 172 14.67 -3.27 0.98
C LEU G 172 13.77 -3.27 2.20
N THR G 173 13.95 -4.26 3.07
CA THR G 173 13.16 -4.37 4.29
C THR G 173 14.05 -4.51 5.51
N SER G 174 15.23 -5.10 5.33
CA SER G 174 16.18 -5.27 6.42
C SER G 174 16.85 -3.94 6.73
N GLY G 175 16.84 -3.54 8.00
CA GLY G 175 17.39 -2.27 8.42
C GLY G 175 16.43 -1.10 8.32
N VAL G 176 15.26 -1.30 7.73
CA VAL G 176 14.25 -0.24 7.63
C VAL G 176 13.56 -0.08 8.97
N HIS G 177 13.43 1.16 9.41
CA HIS G 177 12.67 1.43 10.64
C HIS G 177 12.00 2.79 10.50
N THR G 178 10.67 2.79 10.50
CA THR G 178 9.87 4.00 10.32
C THR G 178 9.22 4.37 11.65
N PHE G 179 9.60 5.52 12.20
CA PHE G 179 9.04 5.96 13.48
C PHE G 179 7.60 6.45 13.31
N PRO G 180 6.82 6.41 14.38
CA PRO G 180 5.51 7.07 14.36
C PRO G 180 5.67 8.58 14.26
N ALA G 181 4.66 9.22 13.68
CA ALA G 181 4.73 10.64 13.39
C ALA G 181 4.48 11.47 14.64
N VAL G 182 4.86 12.75 14.54
CA VAL G 182 4.59 13.74 15.58
C VAL G 182 3.57 14.72 15.05
N LEU G 183 2.80 15.32 15.95
CA LEU G 183 1.84 16.35 15.61
C LEU G 183 2.37 17.69 16.14
N GLN G 184 2.84 18.53 15.23
CA GLN G 184 3.44 19.80 15.59
C GLN G 184 2.39 20.91 15.66
N SER G 185 2.82 22.08 16.14
CA SER G 185 1.89 23.15 16.46
C SER G 185 1.13 23.66 15.24
N SER G 186 1.66 23.47 14.03
CA SER G 186 0.97 23.92 12.83
C SER G 186 -0.27 23.07 12.52
N GLY G 187 -0.48 21.98 13.24
CA GLY G 187 -1.57 21.06 12.95
C GLY G 187 -1.24 20.00 11.93
N LEU G 188 0.02 19.90 11.50
CA LEU G 188 0.45 18.95 10.49
C LEU G 188 1.32 17.87 11.13
N TYR G 189 1.35 16.71 10.50
CA TYR G 189 2.12 15.58 10.99
C TYR G 189 3.47 15.49 10.29
N SER G 190 4.43 14.85 10.96
CA SER G 190 5.76 14.64 10.40
C SER G 190 6.36 13.39 11.01
N LEU G 191 6.87 12.50 10.16
CA LEU G 191 7.57 11.30 10.61
C LEU G 191 8.88 11.17 9.82
N SER G 192 9.70 10.22 10.25
CA SER G 192 10.95 9.91 9.58
C SER G 192 11.07 8.40 9.41
N SER G 193 11.76 8.00 8.35
CA SER G 193 12.09 6.60 8.10
C SER G 193 13.58 6.54 7.78
N VAL G 194 14.29 5.59 8.38
CA VAL G 194 15.72 5.44 8.16
C VAL G 194 16.05 4.00 7.85
N VAL G 195 17.17 3.83 7.14
CA VAL G 195 17.71 2.51 6.80
C VAL G 195 19.19 2.49 7.16
N THR G 196 19.63 1.41 7.79
CA THR G 196 21.04 1.21 8.09
C THR G 196 21.67 0.49 6.91
N VAL G 197 22.71 1.08 6.33
CA VAL G 197 23.34 0.55 5.12
C VAL G 197 24.84 0.45 5.34
N PRO G 198 25.51 -0.52 4.74
CA PRO G 198 26.97 -0.57 4.85
C PRO G 198 27.62 0.66 4.24
N SER G 199 28.71 1.11 4.88
CA SER G 199 29.38 2.33 4.43
C SER G 199 29.98 2.17 3.05
N SER G 200 30.46 0.97 2.72
CA SER G 200 31.06 0.75 1.41
C SER G 200 30.03 0.93 0.30
N SER G 201 28.81 0.42 0.50
CA SER G 201 27.77 0.54 -0.51
C SER G 201 27.26 1.96 -0.67
N LEU G 202 27.57 2.86 0.27
CA LEU G 202 27.18 4.26 0.16
C LEU G 202 27.93 4.88 -1.01
N GLY G 203 27.21 5.20 -2.08
CA GLY G 203 27.83 5.74 -3.27
C GLY G 203 27.63 4.84 -4.48
N THR G 204 27.72 3.53 -4.26
CA THR G 204 27.52 2.57 -5.35
C THR G 204 26.06 2.17 -5.43
N GLN G 205 25.50 1.65 -4.33
CA GLN G 205 24.10 1.30 -4.27
C GLN G 205 23.24 2.56 -4.14
N THR G 206 22.01 2.47 -4.61
CA THR G 206 21.06 3.57 -4.54
C THR G 206 19.87 3.16 -3.66
N TYR G 207 19.38 4.10 -2.87
CA TYR G 207 18.31 3.84 -1.92
C TYR G 207 17.21 4.85 -2.14
N ILE G 208 16.03 4.38 -2.53
CA ILE G 208 14.90 5.23 -2.85
C ILE G 208 13.76 4.89 -1.90
N CYS G 209 13.27 5.87 -1.16
CA CYS G 209 12.13 5.68 -0.29
C CYS G 209 10.85 6.05 -1.03
N ASN G 210 9.82 5.23 -0.84
CA ASN G 210 8.54 5.40 -1.51
C ASN G 210 7.51 5.82 -0.48
N VAL G 211 6.93 7.00 -0.67
CA VAL G 211 5.97 7.58 0.27
C VAL G 211 4.60 7.61 -0.39
N ASN G 212 3.59 7.13 0.33
CA ASN G 212 2.23 7.09 -0.18
C ASN G 212 1.31 7.71 0.87
N HIS G 213 0.62 8.78 0.49
CA HIS G 213 -0.34 9.48 1.35
C HIS G 213 -1.70 9.39 0.67
N LYS G 214 -2.46 8.35 1.02
CA LYS G 214 -3.77 8.15 0.41
C LYS G 214 -4.74 9.34 0.58
N PRO G 215 -4.86 9.98 1.75
CA PRO G 215 -5.86 11.06 1.87
C PRO G 215 -5.68 12.19 0.88
N SER G 216 -4.46 12.45 0.41
CA SER G 216 -4.21 13.48 -0.59
C SER G 216 -3.82 12.89 -1.95
N ASN G 217 -3.88 11.57 -2.09
CA ASN G 217 -3.51 10.89 -3.34
C ASN G 217 -2.10 11.28 -3.78
N THR G 218 -1.18 11.32 -2.84
CA THR G 218 0.19 11.76 -3.07
C THR G 218 1.13 10.57 -3.06
N LYS G 219 1.95 10.45 -4.11
CA LYS G 219 3.00 9.46 -4.20
C LYS G 219 4.31 10.18 -4.48
N VAL G 220 5.31 9.97 -3.62
CA VAL G 220 6.60 10.63 -3.75
C VAL G 220 7.68 9.57 -3.73
N ASP G 221 8.57 9.60 -4.73
CA ASP G 221 9.74 8.73 -4.79
C ASP G 221 10.98 9.62 -4.70
N LYS G 222 11.68 9.54 -3.58
CA LYS G 222 12.84 10.39 -3.31
C LYS G 222 14.02 9.50 -2.97
N LYS G 223 15.12 9.64 -3.73
CA LYS G 223 16.33 8.91 -3.41
C LYS G 223 17.13 9.67 -2.36
N VAL G 224 17.67 8.93 -1.40
CA VAL G 224 18.51 9.49 -0.34
C VAL G 224 19.95 9.09 -0.60
N GLU G 225 20.85 10.07 -0.51
CA GLU G 225 22.27 9.86 -0.79
C GLU G 225 23.08 10.73 0.16
N PRO G 226 24.32 10.34 0.45
CA PRO G 226 25.17 11.19 1.30
C PRO G 226 25.47 12.53 0.64
N LYS G 227 25.59 13.56 1.48
CA LYS G 227 25.90 14.89 1.01
C LYS G 227 27.37 15.02 0.60
N LEU H 272 -16.53 13.97 41.49
CA LEU H 272 -15.86 12.82 42.08
C LEU H 272 -15.44 11.83 41.00
N THR H 273 -14.17 11.44 41.02
CA THR H 273 -13.59 10.53 40.05
C THR H 273 -12.84 9.42 40.77
N LEU H 274 -12.33 8.46 39.99
CA LEU H 274 -11.62 7.31 40.51
C LEU H 274 -10.12 7.53 40.38
N THR H 275 -9.40 7.44 41.49
CA THR H 275 -7.96 7.63 41.50
C THR H 275 -7.26 6.28 41.38
N GLN H 276 -6.27 6.20 40.50
CA GLN H 276 -5.62 4.95 40.14
C GLN H 276 -4.17 5.26 39.79
N PRO H 277 -3.21 4.44 40.25
CA PRO H 277 -1.80 4.75 39.99
C PRO H 277 -1.48 4.81 38.50
N ALA H 278 -0.56 5.71 38.16
CA ALA H 278 -0.24 5.95 36.75
C ALA H 278 0.37 4.74 36.08
N SER H 279 1.26 4.03 36.77
CA SER H 279 1.99 2.93 36.14
C SER H 279 2.30 1.86 37.17
N ALA H 280 2.58 0.66 36.66
CA ALA H 280 2.99 -0.47 37.47
C ALA H 280 3.78 -1.43 36.58
N SER H 281 4.71 -2.16 37.20
CA SER H 281 5.57 -3.05 36.44
C SER H 281 6.09 -4.15 37.35
N ALA H 282 6.36 -5.31 36.74
CA ALA H 282 6.95 -6.44 37.43
C ALA H 282 7.47 -7.43 36.40
N THR H 283 8.36 -8.31 36.85
CA THR H 283 8.92 -9.35 35.99
C THR H 283 7.92 -10.48 35.79
N PRO H 284 8.09 -11.27 34.72
CA PRO H 284 7.13 -12.35 34.46
C PRO H 284 7.08 -13.35 35.60
N GLY H 285 5.88 -13.88 35.86
CA GLY H 285 5.67 -14.84 36.91
C GLY H 285 5.38 -14.25 38.28
N GLN H 286 5.46 -12.93 38.43
CA GLN H 286 5.21 -12.29 39.71
C GLN H 286 3.76 -11.86 39.83
N ARG H 287 3.43 -11.30 41.00
CA ARG H 287 2.10 -10.80 41.30
C ARG H 287 2.16 -9.28 41.44
N VAL H 288 1.24 -8.59 40.77
CA VAL H 288 1.16 -7.13 40.84
C VAL H 288 -0.26 -6.75 41.22
N THR H 289 -0.39 -5.70 42.04
CA THR H 289 -1.68 -5.21 42.48
C THR H 289 -1.87 -3.77 42.02
N ILE H 290 -3.06 -3.48 41.51
CA ILE H 290 -3.43 -2.17 40.99
C ILE H 290 -4.56 -1.64 41.86
N SER H 291 -4.37 -0.47 42.45
CA SER H 291 -5.35 0.12 43.34
C SER H 291 -6.35 0.98 42.59
N CYS H 292 -7.49 1.23 43.23
CA CYS H 292 -8.52 2.11 42.69
C CYS H 292 -9.23 2.76 43.87
N SER H 293 -9.18 4.09 43.94
CA SER H 293 -9.71 4.86 45.05
C SER H 293 -10.95 5.61 44.60
N GLY H 294 -12.03 5.52 45.40
CA GLY H 294 -13.26 6.22 45.10
C GLY H 294 -13.83 6.92 46.30
N SER H 295 -15.13 7.21 46.26
CA SER H 295 -15.82 7.92 47.33
C SER H 295 -17.06 7.16 47.72
N SER H 296 -17.84 7.75 48.64
CA SER H 296 -19.08 7.12 49.08
C SER H 296 -20.09 7.00 47.95
N SER H 297 -20.01 7.89 46.97
CA SER H 297 -21.02 7.95 45.92
C SER H 297 -20.76 6.99 44.76
N ASN H 298 -19.54 6.49 44.61
CA ASN H 298 -19.22 5.59 43.49
C ASN H 298 -18.81 4.20 43.95
N ILE H 299 -17.76 4.07 44.76
CA ILE H 299 -17.32 2.73 45.18
C ILE H 299 -17.99 2.32 46.49
N GLY H 300 -18.18 3.27 47.41
CA GLY H 300 -18.78 2.93 48.69
C GLY H 300 -20.16 2.31 48.55
N GLY H 301 -20.94 2.80 47.59
CA GLY H 301 -22.30 2.33 47.43
C GLY H 301 -22.54 1.40 46.26
N ASN H 302 -21.63 1.39 45.29
CA ASN H 302 -21.81 0.64 44.06
C ASN H 302 -20.60 -0.25 43.81
N THR H 303 -20.74 -1.17 42.87
CA THR H 303 -19.72 -2.16 42.59
C THR H 303 -18.64 -1.59 41.65
N VAL H 304 -17.46 -2.21 41.72
CA VAL H 304 -16.31 -1.82 40.91
C VAL H 304 -16.06 -2.89 39.85
N ASN H 305 -15.77 -2.44 38.64
CA ASN H 305 -15.55 -3.33 37.50
C ASN H 305 -14.19 -3.04 36.88
N TRP H 306 -13.47 -4.10 36.49
CA TRP H 306 -12.11 -3.97 35.99
C TRP H 306 -12.05 -4.38 34.52
N TYR H 307 -11.23 -3.66 33.75
CA TYR H 307 -11.13 -3.86 32.31
C TYR H 307 -9.67 -3.91 31.88
N GLN H 308 -9.36 -4.85 31.00
CA GLN H 308 -8.06 -4.91 30.33
C GLN H 308 -8.17 -4.19 28.99
N HIS H 309 -7.35 -3.18 28.78
CA HIS H 309 -7.41 -2.36 27.57
C HIS H 309 -6.10 -2.53 26.81
N LEU H 310 -6.10 -3.42 25.82
CA LEU H 310 -4.93 -3.62 24.98
C LEU H 310 -4.71 -2.40 24.10
N PRO H 311 -3.47 -2.17 23.65
CA PRO H 311 -3.21 -0.98 22.81
C PRO H 311 -4.05 -0.92 21.55
N GLY H 312 -4.34 -2.05 20.92
CA GLY H 312 -5.12 -2.03 19.69
C GLY H 312 -6.36 -2.89 19.72
N ALA H 313 -7.07 -2.91 20.85
CA ALA H 313 -8.27 -3.71 20.97
C ALA H 313 -9.27 -3.02 21.89
N ALA H 314 -10.53 -3.44 21.77
CA ALA H 314 -11.57 -2.95 22.65
C ALA H 314 -11.34 -3.45 24.07
N PRO H 315 -11.73 -2.68 25.08
CA PRO H 315 -11.52 -3.11 26.47
C PRO H 315 -12.20 -4.45 26.75
N LYS H 316 -11.52 -5.27 27.53
CA LYS H 316 -11.98 -6.61 27.86
C LYS H 316 -12.31 -6.67 29.35
N LEU H 317 -13.53 -7.11 29.67
CA LEU H 317 -13.96 -7.22 31.06
C LEU H 317 -13.21 -8.34 31.76
N LEU H 318 -12.57 -8.01 32.88
CA LEU H 318 -11.86 -8.97 33.69
C LEU H 318 -12.60 -9.32 34.98
N ILE H 319 -13.07 -8.32 35.70
CA ILE H 319 -13.76 -8.51 36.97
C ILE H 319 -15.00 -7.64 36.99
N HIS H 320 -16.15 -8.23 37.32
CA HIS H 320 -17.38 -7.50 37.52
C HIS H 320 -17.95 -7.88 38.88
N ASN H 321 -18.75 -6.97 39.45
CA ASN H 321 -19.28 -7.12 40.80
C ASN H 321 -18.15 -7.34 41.81
N ASN H 322 -17.05 -6.63 41.60
CA ASN H 322 -15.93 -6.45 42.53
C ASN H 322 -15.04 -7.67 42.67
N ASP H 323 -15.53 -8.86 42.31
CA ASP H 323 -14.67 -10.03 42.35
C ASP H 323 -15.04 -11.14 41.36
N LEU H 324 -16.05 -10.95 40.52
CA LEU H 324 -16.54 -12.03 39.67
C LEU H 324 -15.90 -11.94 38.29
N ARG H 325 -15.47 -13.08 37.77
CA ARG H 325 -14.82 -13.04 36.48
C ARG H 325 -15.67 -13.72 35.41
N PRO H 326 -15.67 -13.21 34.18
CA PRO H 326 -16.37 -13.90 33.09
C PRO H 326 -15.76 -15.26 32.81
N SER H 327 -16.42 -15.99 31.91
CA SER H 327 -16.03 -17.37 31.62
C SER H 327 -14.60 -17.47 31.11
N GLY H 328 -14.22 -16.56 30.22
CA GLY H 328 -12.92 -16.62 29.56
C GLY H 328 -11.76 -16.01 30.29
N VAL H 329 -11.97 -15.46 31.48
CA VAL H 329 -10.89 -14.82 32.23
C VAL H 329 -10.16 -15.86 33.07
N PRO H 330 -8.84 -15.95 32.95
CA PRO H 330 -8.10 -17.00 33.66
C PRO H 330 -8.10 -16.79 35.17
N ASP H 331 -7.58 -17.80 35.87
CA ASP H 331 -7.51 -17.75 37.34
C ASP H 331 -6.56 -16.68 37.85
N ARG H 332 -5.69 -16.14 37.00
CA ARG H 332 -4.68 -15.20 37.45
C ARG H 332 -5.30 -13.91 38.00
N PHE H 333 -6.34 -13.42 37.35
CA PHE H 333 -6.95 -12.14 37.71
C PHE H 333 -7.93 -12.31 38.86
N SER H 334 -7.78 -11.49 39.91
CA SER H 334 -8.69 -11.53 41.04
C SER H 334 -8.94 -10.11 41.52
N GLY H 335 -10.09 -9.90 42.16
CA GLY H 335 -10.47 -8.57 42.62
C GLY H 335 -10.84 -8.56 44.08
N SER H 336 -10.50 -7.47 44.76
CA SER H 336 -10.84 -7.27 46.16
C SER H 336 -11.41 -5.88 46.36
N LYS H 337 -12.30 -5.75 47.35
CA LYS H 337 -12.96 -4.49 47.64
C LYS H 337 -13.01 -4.28 49.16
N SER H 338 -12.77 -3.05 49.58
CA SER H 338 -12.86 -2.66 50.99
C SER H 338 -13.38 -1.22 51.04
N GLY H 339 -14.68 -1.08 51.28
CA GLY H 339 -15.27 0.25 51.40
C GLY H 339 -15.16 1.00 50.10
N THR H 340 -14.50 2.15 50.15
CA THR H 340 -14.30 3.01 48.99
C THR H 340 -13.06 2.65 48.18
N SER H 341 -12.33 1.61 48.56
CA SER H 341 -11.12 1.21 47.86
C SER H 341 -11.32 -0.15 47.21
N ALA H 342 -10.63 -0.36 46.08
CA ALA H 342 -10.68 -1.63 45.38
C ALA H 342 -9.30 -1.93 44.81
N SER H 343 -9.09 -3.19 44.43
CA SER H 343 -7.78 -3.62 43.97
C SER H 343 -7.93 -4.79 43.02
N LEU H 344 -7.09 -4.80 41.98
CA LEU H 344 -7.00 -5.91 41.04
C LEU H 344 -5.63 -6.56 41.20
N ALA H 345 -5.61 -7.86 41.45
CA ALA H 345 -4.40 -8.64 41.65
C ALA H 345 -4.19 -9.56 40.45
N VAL H 346 -3.01 -9.49 39.85
CA VAL H 346 -2.63 -10.35 38.74
C VAL H 346 -1.45 -11.19 39.20
N SER H 347 -1.62 -12.51 39.17
CA SER H 347 -0.59 -13.44 39.62
C SER H 347 -0.07 -14.23 38.43
N GLY H 348 1.24 -14.49 38.43
CA GLY H 348 1.87 -15.17 37.31
C GLY H 348 1.79 -14.37 36.03
N LEU H 349 2.50 -13.24 35.99
CA LEU H 349 2.46 -12.36 34.83
C LEU H 349 3.00 -13.07 33.59
N GLN H 350 2.41 -12.74 32.44
CA GLN H 350 2.84 -13.25 31.15
C GLN H 350 2.97 -12.07 30.19
N SER H 351 3.67 -12.32 29.07
CA SER H 351 3.89 -11.26 28.09
C SER H 351 2.58 -10.70 27.55
N GLU H 352 1.56 -11.54 27.43
CA GLU H 352 0.26 -11.09 26.94
C GLU H 352 -0.43 -10.14 27.93
N ASP H 353 -0.02 -10.13 29.19
CA ASP H 353 -0.66 -9.31 30.21
C ASP H 353 -0.24 -7.85 30.16
N GLU H 354 0.76 -7.50 29.35
CA GLU H 354 1.21 -6.11 29.23
C GLU H 354 0.14 -5.31 28.49
N ALA H 355 -0.63 -4.52 29.23
CA ALA H 355 -1.72 -3.74 28.67
C ALA H 355 -2.09 -2.64 29.66
N ASP H 356 -3.21 -1.98 29.42
CA ASP H 356 -3.72 -0.93 30.30
C ASP H 356 -4.92 -1.47 31.08
N TYR H 357 -4.93 -1.22 32.38
CA TYR H 357 -5.98 -1.68 33.27
C TYR H 357 -6.62 -0.48 33.94
N PHE H 358 -7.95 -0.39 33.85
CA PHE H 358 -8.68 0.71 34.48
C PHE H 358 -9.91 0.17 35.20
N CYS H 359 -10.24 0.80 36.32
CA CYS H 359 -11.42 0.48 37.09
C CYS H 359 -12.59 1.36 36.67
N ALA H 360 -13.80 0.89 36.95
CA ALA H 360 -15.01 1.57 36.51
C ALA H 360 -16.10 1.38 37.55
N ALA H 361 -16.86 2.45 37.82
CA ALA H 361 -17.93 2.36 38.80
C ALA H 361 -18.99 3.40 38.50
N TRP H 362 -20.23 3.07 38.84
CA TRP H 362 -21.31 4.04 38.73
C TRP H 362 -21.18 5.11 39.81
N ASP H 363 -21.44 6.36 39.46
CA ASP H 363 -21.45 7.47 40.39
C ASP H 363 -22.86 8.04 40.45
N ASP H 364 -23.39 8.15 41.67
CA ASP H 364 -24.75 8.61 41.87
C ASP H 364 -24.87 10.10 41.60
N GLY H 365 -23.87 10.89 41.99
CA GLY H 365 -23.91 12.32 41.74
C GLY H 365 -23.91 12.64 40.25
N LEU H 366 -23.02 12.00 39.51
CA LEU H 366 -23.02 12.16 38.06
C LEU H 366 -24.22 11.47 37.41
N ASN H 367 -24.85 10.54 38.14
CA ASN H 367 -25.85 9.64 37.55
C ASN H 367 -25.27 8.94 36.33
N GLY H 368 -24.02 8.52 36.43
CA GLY H 368 -23.37 7.91 35.29
C GLY H 368 -22.06 7.26 35.69
N TRP H 369 -21.46 6.57 34.72
CA TRP H 369 -20.22 5.88 34.98
C TRP H 369 -19.06 6.86 35.17
N VAL H 370 -18.12 6.48 36.02
CA VAL H 370 -16.83 7.14 36.17
C VAL H 370 -15.76 6.06 36.06
N PHE H 371 -14.59 6.47 35.58
CA PHE H 371 -13.51 5.56 35.26
C PHE H 371 -12.23 6.04 35.91
N GLY H 372 -11.36 5.10 36.23
CA GLY H 372 -10.04 5.45 36.70
C GLY H 372 -9.16 5.97 35.57
N GLY H 373 -8.06 6.59 35.95
CA GLY H 373 -7.13 7.09 34.97
C GLY H 373 -6.44 6.01 34.17
N GLY H 374 -6.40 4.78 34.70
CA GLY H 374 -5.73 3.69 34.04
C GLY H 374 -4.32 3.49 34.53
N THR H 375 -3.89 2.24 34.66
CA THR H 375 -2.53 1.90 35.07
C THR H 375 -1.89 1.11 33.94
N LYS H 376 -0.87 1.68 33.32
CA LYS H 376 -0.14 0.99 32.26
C LYS H 376 0.75 -0.07 32.89
N LEU H 377 0.44 -1.34 32.65
CA LEU H 377 1.20 -2.45 33.19
C LEU H 377 2.16 -2.98 32.13
N THR H 378 3.45 -2.92 32.43
CA THR H 378 4.49 -3.46 31.57
C THR H 378 5.14 -4.64 32.28
N VAL H 379 5.19 -5.79 31.61
CA VAL H 379 5.86 -6.96 32.14
C VAL H 379 7.32 -6.92 31.70
N LEU H 380 8.23 -6.82 32.66
CA LEU H 380 9.64 -6.66 32.38
C LEU H 380 10.28 -7.96 31.93
N GLN H 382 12.79 -8.26 29.66
CA GLN H 382 14.13 -8.19 29.10
C GLN H 382 14.99 -7.16 29.84
N PRO H 383 16.31 -7.28 29.76
CA PRO H 383 17.18 -6.34 30.47
C PRO H 383 17.17 -4.95 29.86
N LYS H 384 17.65 -4.00 30.67
CA LYS H 384 17.71 -2.60 30.25
C LYS H 384 18.68 -2.42 29.08
N ALA H 385 18.29 -1.58 28.13
CA ALA H 385 19.09 -1.30 26.95
C ALA H 385 19.23 0.21 26.79
N ALA H 386 20.47 0.67 26.63
CA ALA H 386 20.70 2.09 26.42
C ALA H 386 20.21 2.49 25.03
N PRO H 387 19.67 3.71 24.89
CA PRO H 387 19.14 4.12 23.58
C PRO H 387 20.25 4.40 22.57
N SER H 388 19.94 4.10 21.31
CA SER H 388 20.76 4.50 20.18
C SER H 388 20.17 5.77 19.59
N VAL H 389 20.99 6.80 19.47
CA VAL H 389 20.56 8.13 19.06
C VAL H 389 21.25 8.49 17.75
N THR H 390 20.45 8.94 16.77
CA THR H 390 20.99 9.46 15.52
C THR H 390 20.38 10.83 15.27
N LEU H 391 21.22 11.81 14.95
CA LEU H 391 20.79 13.18 14.77
C LEU H 391 21.07 13.63 13.34
N PHE H 392 20.03 14.05 12.63
CA PHE H 392 20.11 14.53 11.26
C PHE H 392 19.95 16.04 11.21
N PRO H 393 20.90 16.73 10.59
CA PRO H 393 20.74 18.16 10.33
C PRO H 393 19.77 18.40 9.19
N PRO H 394 19.22 19.61 9.07
CA PRO H 394 18.31 19.89 7.96
C PRO H 394 19.01 19.72 6.61
N SER H 395 18.29 19.15 5.66
CA SER H 395 18.82 18.94 4.33
C SER H 395 18.96 20.28 3.60
N SER H 396 19.84 20.30 2.60
CA SER H 396 20.00 21.50 1.80
C SER H 396 18.70 21.88 1.08
N GLU H 397 17.90 20.88 0.70
CA GLU H 397 16.61 21.16 0.07
C GLU H 397 15.68 21.90 1.03
N GLU H 398 15.62 21.46 2.29
CA GLU H 398 14.75 22.12 3.25
C GLU H 398 15.23 23.54 3.53
N LEU H 399 16.54 23.73 3.67
CA LEU H 399 17.09 25.06 3.84
C LEU H 399 16.73 25.95 2.65
N GLN H 400 16.80 25.39 1.43
CA GLN H 400 16.40 26.13 0.25
C GLN H 400 14.90 26.39 0.22
N ALA H 401 14.12 25.65 1.02
CA ALA H 401 12.71 25.92 1.20
C ALA H 401 12.44 26.92 2.32
N ASN H 402 13.50 27.55 2.85
CA ASN H 402 13.40 28.50 3.97
C ASN H 402 12.82 27.84 5.21
N LYS H 403 13.22 26.60 5.46
CA LYS H 403 12.83 25.86 6.66
C LYS H 403 14.02 25.04 7.15
N ALA H 404 13.99 24.70 8.44
CA ALA H 404 15.04 23.86 9.01
C ALA H 404 14.45 22.98 10.09
N THR H 405 14.78 21.69 10.05
CA THR H 405 14.31 20.73 11.04
C THR H 405 15.45 19.80 11.42
N LEU H 406 15.79 19.79 12.71
CA LEU H 406 16.68 18.79 13.27
C LEU H 406 15.88 17.56 13.66
N VAL H 407 16.38 16.38 13.29
CA VAL H 407 15.67 15.13 13.51
C VAL H 407 16.50 14.26 14.45
N CYS H 408 15.98 14.00 15.65
CA CYS H 408 16.67 13.19 16.64
C CYS H 408 15.89 11.89 16.80
N LEU H 409 16.52 10.77 16.46
CA LEU H 409 15.89 9.47 16.40
C LEU H 409 16.46 8.59 17.49
N ILE H 410 15.57 8.00 18.29
CA ILE H 410 15.93 7.23 19.48
C ILE H 410 15.38 5.83 19.29
N SER H 411 16.24 4.82 19.39
CA SER H 411 15.82 3.46 19.08
C SER H 411 16.47 2.47 20.04
N ASP H 412 15.82 1.32 20.18
CA ASP H 412 16.39 0.15 20.87
C ASP H 412 16.72 0.45 22.33
N PHE H 413 15.81 1.11 23.02
CA PHE H 413 15.95 1.35 24.46
C PHE H 413 14.85 0.62 25.22
N TYR H 414 15.13 0.31 26.48
CA TYR H 414 14.19 -0.41 27.32
C TYR H 414 14.52 -0.17 28.79
N PRO H 415 13.52 0.14 29.64
CA PRO H 415 12.10 0.28 29.33
C PRO H 415 11.76 1.57 28.57
N GLY H 416 10.51 1.69 28.13
CA GLY H 416 10.10 2.78 27.26
C GLY H 416 9.86 4.11 27.95
N ALA H 417 10.93 4.76 28.36
CA ALA H 417 10.85 6.08 28.98
C ALA H 417 12.12 6.85 28.64
N VAL H 418 11.97 8.00 27.99
CA VAL H 418 13.09 8.82 27.55
C VAL H 418 12.80 10.27 27.88
N THR H 419 13.84 11.00 28.28
CA THR H 419 13.80 12.45 28.41
C THR H 419 14.66 13.05 27.30
N VAL H 420 14.11 14.02 26.58
CA VAL H 420 14.81 14.63 25.44
C VAL H 420 15.05 16.09 25.75
N ALA H 421 16.31 16.52 25.58
CA ALA H 421 16.68 17.92 25.72
C ALA H 421 17.43 18.35 24.46
N TRP H 422 17.32 19.64 24.14
CA TRP H 422 17.99 20.22 22.99
C TRP H 422 18.92 21.33 23.44
N LYS H 423 20.10 21.40 22.84
CA LYS H 423 21.10 22.38 23.23
C LYS H 423 21.58 23.15 22.00
N ALA H 424 21.73 24.46 22.18
CA ALA H 424 22.30 25.37 21.19
C ALA H 424 23.52 26.04 21.82
N ASP H 425 24.71 25.62 21.39
CA ASP H 425 25.96 26.10 21.98
C ASP H 425 25.95 25.93 23.50
N SER H 426 25.51 24.75 23.93
CA SER H 426 25.38 24.32 25.32
C SER H 426 24.27 25.05 26.08
N SER H 427 23.54 25.96 25.44
CA SER H 427 22.43 26.54 26.18
C SER H 427 21.13 25.80 25.87
N PRO H 428 20.24 25.61 26.84
CA PRO H 428 19.03 24.83 26.57
C PRO H 428 18.11 25.53 25.58
N VAL H 429 17.37 24.71 24.82
CA VAL H 429 16.36 25.19 23.87
C VAL H 429 15.06 24.48 24.19
N LYS H 430 13.99 25.24 24.38
CA LYS H 430 12.69 24.70 24.74
C LYS H 430 11.64 24.87 23.65
N ALA H 431 11.59 26.02 23.00
CA ALA H 431 10.58 26.27 21.98
C ALA H 431 10.95 25.55 20.68
N GLY H 432 9.92 25.23 19.90
CA GLY H 432 10.12 24.54 18.65
C GLY H 432 10.49 23.08 18.80
N VAL H 433 10.18 22.46 19.93
CA VAL H 433 10.53 21.07 20.21
C VAL H 433 9.24 20.25 20.23
N GLU H 434 9.22 19.16 19.46
CA GLU H 434 8.09 18.25 19.45
C GLU H 434 8.62 16.83 19.59
N THR H 435 8.26 16.16 20.69
CA THR H 435 8.72 14.81 20.97
C THR H 435 7.57 13.84 20.90
N THR H 436 7.79 12.71 20.25
CA THR H 436 6.76 11.67 20.16
C THR H 436 6.73 10.84 21.44
N THR H 437 5.58 10.21 21.68
CA THR H 437 5.49 9.23 22.74
C THR H 437 6.23 7.96 22.33
N PRO H 438 6.79 7.22 23.28
CA PRO H 438 7.49 5.98 22.93
C PRO H 438 6.54 4.98 22.30
N SER H 439 7.08 4.19 21.38
CA SER H 439 6.31 3.18 20.66
C SER H 439 7.03 1.85 20.69
N LYS H 440 6.26 0.77 20.64
CA LYS H 440 6.84 -0.56 20.67
C LYS H 440 7.49 -0.89 19.33
N GLN H 441 8.59 -1.62 19.39
CA GLN H 441 9.37 -2.01 18.22
C GLN H 441 9.28 -3.52 18.02
N SER H 442 9.71 -3.98 16.84
CA SER H 442 9.59 -5.39 16.50
C SER H 442 10.37 -6.27 17.46
N ASN H 443 11.56 -5.81 17.88
CA ASN H 443 12.37 -6.54 18.84
C ASN H 443 11.92 -6.33 20.28
N ASN H 444 10.70 -5.83 20.48
CA ASN H 444 10.08 -5.58 21.77
C ASN H 444 10.78 -4.48 22.56
N LYS H 445 11.68 -3.72 21.94
CA LYS H 445 12.23 -2.53 22.54
C LYS H 445 11.39 -1.32 22.12
N TYR H 446 11.82 -0.13 22.49
CA TYR H 446 11.01 1.07 22.30
C TYR H 446 11.74 2.07 21.42
N ALA H 447 10.95 2.92 20.75
CA ALA H 447 11.46 3.94 19.85
C ALA H 447 10.79 5.27 20.14
N ALA H 448 11.53 6.36 19.92
CA ALA H 448 11.01 7.71 20.11
C ALA H 448 11.64 8.63 19.07
N SER H 449 10.99 9.77 18.86
CA SER H 449 11.46 10.72 17.86
C SER H 449 11.22 12.13 18.38
N SER H 450 12.21 12.99 18.19
CA SER H 450 12.12 14.39 18.60
C SER H 450 12.54 15.28 17.45
N TYR H 451 11.76 16.33 17.20
CA TYR H 451 12.00 17.25 16.10
C TYR H 451 12.20 18.65 16.65
N LEU H 452 13.20 19.35 16.11
CA LEU H 452 13.49 20.72 16.48
C LEU H 452 13.33 21.58 15.24
N SER H 453 12.24 22.36 15.19
CA SER H 453 11.97 23.23 14.05
C SER H 453 12.56 24.60 14.27
N LEU H 454 13.15 25.15 13.21
CA LEU H 454 13.85 26.43 13.30
C LEU H 454 14.04 26.99 11.90
N THR H 455 14.39 28.27 11.86
CA THR H 455 14.65 28.99 10.63
C THR H 455 16.08 28.78 10.18
N PRO H 456 16.37 28.92 8.88
CA PRO H 456 17.76 28.80 8.42
C PRO H 456 18.70 29.80 9.07
N GLU H 457 18.22 31.01 9.39
CA GLU H 457 19.05 31.97 10.09
C GLU H 457 19.46 31.45 11.47
N GLN H 458 18.52 30.85 12.19
CA GLN H 458 18.85 30.26 13.49
C GLN H 458 19.85 29.12 13.34
N TRP H 459 19.67 28.28 12.32
CA TRP H 459 20.59 27.18 12.09
C TRP H 459 22.00 27.66 11.79
N LYS H 460 22.13 28.70 10.97
CA LYS H 460 23.46 29.21 10.65
C LYS H 460 24.04 30.11 11.73
N SER H 461 23.21 30.59 12.66
CA SER H 461 23.69 31.54 13.67
C SER H 461 24.47 30.89 14.79
N HIS H 462 24.33 29.58 15.00
CA HIS H 462 25.01 28.89 16.09
C HIS H 462 26.05 27.92 15.55
N LYS H 463 27.07 27.67 16.36
CA LYS H 463 28.16 26.78 15.94
C LYS H 463 27.67 25.34 15.77
N SER H 464 26.84 24.86 16.69
CA SER H 464 26.33 23.50 16.59
C SER H 464 25.10 23.36 17.48
N TYR H 465 24.31 22.32 17.20
CA TYR H 465 23.17 21.93 18.01
C TYR H 465 23.34 20.50 18.47
N SER H 466 22.73 20.19 19.62
CA SER H 466 22.87 18.88 20.24
C SER H 466 21.54 18.34 20.71
N CYS H 467 21.38 17.03 20.60
CA CYS H 467 20.24 16.29 21.15
C CYS H 467 20.75 15.40 22.28
N GLN H 468 20.17 15.57 23.46
CA GLN H 468 20.55 14.84 24.67
C GLN H 468 19.40 13.94 25.09
N VAL H 469 19.67 12.64 25.19
CA VAL H 469 18.66 11.63 25.48
C VAL H 469 19.01 10.99 26.82
N THR H 470 18.13 11.14 27.80
CA THR H 470 18.32 10.61 29.14
C THR H 470 17.43 9.39 29.33
N HIS H 471 18.03 8.31 29.80
CA HIS H 471 17.37 7.03 29.99
C HIS H 471 17.94 6.38 31.24
N GLU H 472 17.09 6.14 32.23
CA GLU H 472 17.49 5.49 33.48
C GLU H 472 18.66 6.20 34.14
N GLY H 473 18.63 7.53 34.09
CA GLY H 473 19.66 8.34 34.71
C GLY H 473 20.95 8.48 33.92
N SER H 474 21.04 7.92 32.72
CA SER H 474 22.25 8.02 31.91
C SER H 474 21.92 8.74 30.60
N THR H 475 22.81 9.62 30.18
CA THR H 475 22.56 10.49 29.03
C THR H 475 23.49 10.15 27.87
N VAL H 476 22.93 10.23 26.66
CA VAL H 476 23.67 10.05 25.42
C VAL H 476 23.40 11.26 24.54
N GLU H 477 24.45 11.86 24.00
CA GLU H 477 24.33 13.14 23.30
C GLU H 477 24.90 13.03 21.89
N LYS H 478 24.21 13.67 20.95
CA LYS H 478 24.69 13.78 19.57
C LYS H 478 24.70 15.25 19.16
N THR H 479 25.58 15.59 18.23
CA THR H 479 25.79 16.98 17.85
C THR H 479 25.96 17.10 16.35
N VAL H 480 25.31 18.11 15.76
CA VAL H 480 25.44 18.42 14.34
C VAL H 480 25.74 19.90 14.18
N ALA H 481 26.40 20.25 13.07
CA ALA H 481 26.82 21.62 12.80
C ALA H 481 26.55 21.95 11.33
N PRO H 482 26.36 23.23 11.01
CA PRO H 482 26.18 23.61 9.61
C PRO H 482 27.41 23.28 8.78
N THR H 483 27.17 22.87 7.54
CA THR H 483 28.23 22.51 6.60
C THR H 483 28.56 23.70 5.70
N GLU H 484 29.85 23.85 5.38
CA GLU H 484 30.29 24.96 4.54
C GLU H 484 31.42 24.51 3.62
N GLU I 271 -8.44 1.03 -6.63
CA GLU I 271 -9.66 0.38 -6.16
C GLU I 271 -9.38 -1.05 -5.67
N LEU I 272 -10.30 -1.96 -5.96
CA LEU I 272 -10.24 -3.34 -5.49
C LEU I 272 -10.28 -4.26 -6.71
N THR I 273 -9.11 -4.75 -7.12
CA THR I 273 -8.99 -5.58 -8.31
C THR I 273 -8.24 -6.87 -7.96
N LEU I 274 -8.20 -7.76 -8.94
CA LEU I 274 -7.55 -9.06 -8.79
C LEU I 274 -6.19 -9.01 -9.47
N THR I 275 -5.16 -9.48 -8.78
CA THR I 275 -3.80 -9.48 -9.29
C THR I 275 -3.41 -10.90 -9.69
N GLN I 276 -2.87 -11.04 -10.89
CA GLN I 276 -2.62 -12.34 -11.51
C GLN I 276 -1.36 -12.21 -12.36
N PRO I 277 -0.45 -13.18 -12.30
CA PRO I 277 0.82 -13.04 -13.03
C PRO I 277 0.60 -12.92 -14.53
N ALA I 278 1.48 -12.15 -15.19
CA ALA I 278 1.30 -11.87 -16.61
C ALA I 278 1.41 -13.13 -17.45
N SER I 279 2.35 -14.01 -17.11
CA SER I 279 2.56 -15.22 -17.91
C SER I 279 3.09 -16.33 -17.02
N ALA I 280 2.99 -17.55 -17.53
CA ALA I 280 3.53 -18.74 -16.88
C ALA I 280 3.84 -19.75 -17.97
N SER I 281 4.78 -20.66 -17.67
CA SER I 281 5.24 -21.58 -18.70
C SER I 281 5.85 -22.82 -18.06
N ALA I 282 5.71 -23.95 -18.74
CA ALA I 282 6.37 -25.19 -18.37
C ALA I 282 6.35 -26.13 -19.56
N THR I 283 7.21 -27.15 -19.50
CA THR I 283 7.30 -28.14 -20.56
C THR I 283 6.08 -29.06 -20.51
N PRO I 284 5.80 -29.77 -21.62
CA PRO I 284 4.65 -30.70 -21.60
C PRO I 284 4.82 -31.77 -20.53
N GLY I 285 3.69 -32.13 -19.92
CA GLY I 285 3.67 -33.14 -18.88
C GLY I 285 4.00 -32.65 -17.49
N GLN I 286 4.28 -31.36 -17.32
CA GLN I 286 4.63 -30.81 -16.01
C GLN I 286 3.40 -30.21 -15.34
N ARG I 287 3.60 -29.70 -14.13
CA ARG I 287 2.56 -29.03 -13.36
C ARG I 287 2.90 -27.55 -13.24
N VAL I 288 1.91 -26.71 -13.50
CA VAL I 288 2.09 -25.26 -13.42
C VAL I 288 0.95 -24.67 -12.60
N THR I 289 1.27 -23.66 -11.79
CA THR I 289 0.31 -23.01 -10.92
C THR I 289 0.19 -21.54 -11.29
N ILE I 290 -1.04 -21.04 -11.31
CA ILE I 290 -1.34 -19.65 -11.61
C ILE I 290 -2.00 -19.04 -10.38
N SER I 291 -1.44 -17.93 -9.90
CA SER I 291 -1.91 -17.28 -8.69
C SER I 291 -2.99 -16.24 -9.01
N CYS I 292 -3.85 -16.00 -8.02
CA CYS I 292 -4.87 -14.95 -8.10
C CYS I 292 -5.02 -14.34 -6.72
N SER I 293 -4.56 -13.10 -6.56
CA SER I 293 -4.58 -12.41 -5.29
C SER I 293 -5.69 -11.37 -5.25
N GLY I 294 -6.36 -11.26 -4.12
CA GLY I 294 -7.41 -10.27 -3.94
C GLY I 294 -7.41 -9.68 -2.54
N SER I 295 -8.58 -9.24 -2.09
CA SER I 295 -8.75 -8.71 -0.75
C SER I 295 -9.99 -9.32 -0.11
N SER I 296 -10.31 -8.87 1.09
CA SER I 296 -11.47 -9.41 1.81
C SER I 296 -12.79 -9.06 1.14
N SER I 297 -12.81 -8.04 0.29
CA SER I 297 -14.05 -7.64 -0.36
C SER I 297 -14.45 -8.57 -1.50
N ASN I 298 -13.49 -9.22 -2.16
CA ASN I 298 -13.78 -10.02 -3.33
C ASN I 298 -13.48 -11.50 -3.15
N ILE I 299 -12.24 -11.88 -2.82
CA ILE I 299 -11.92 -13.30 -2.67
C ILE I 299 -12.14 -13.77 -1.25
N GLY I 300 -11.72 -13.00 -0.26
CA GLY I 300 -11.88 -13.39 1.13
C GLY I 300 -13.32 -13.59 1.55
N GLY I 301 -14.27 -12.97 0.85
CA GLY I 301 -15.67 -13.05 1.24
C GLY I 301 -16.57 -13.75 0.25
N ASN I 302 -16.02 -14.16 -0.90
CA ASN I 302 -16.81 -14.79 -1.95
C ASN I 302 -16.03 -15.96 -2.52
N THR I 303 -16.47 -16.46 -3.67
CA THR I 303 -15.86 -17.61 -4.31
C THR I 303 -15.08 -17.19 -5.55
N VAL I 304 -14.01 -17.92 -5.84
CA VAL I 304 -13.15 -17.66 -6.99
C VAL I 304 -13.53 -18.60 -8.12
N ASN I 305 -13.63 -18.06 -9.33
CA ASN I 305 -13.98 -18.81 -10.52
C ASN I 305 -12.85 -18.69 -11.54
N TRP I 306 -12.59 -19.78 -12.26
CA TRP I 306 -11.47 -19.86 -13.19
C TRP I 306 -11.96 -20.18 -14.59
N TYR I 307 -11.37 -19.51 -15.58
CA TYR I 307 -11.82 -19.60 -16.97
C TYR I 307 -10.63 -19.78 -17.90
N GLN I 308 -10.84 -20.60 -18.93
CA GLN I 308 -9.88 -20.77 -20.01
C GLN I 308 -10.37 -19.97 -21.21
N HIS I 309 -9.47 -19.17 -21.81
CA HIS I 309 -9.84 -18.27 -22.89
C HIS I 309 -8.92 -18.55 -24.07
N LEU I 310 -9.33 -19.49 -24.92
CA LEU I 310 -8.61 -19.76 -26.16
C LEU I 310 -8.80 -18.60 -27.14
N PRO I 311 -7.80 -18.35 -28.00
CA PRO I 311 -7.98 -17.32 -29.03
C PRO I 311 -9.11 -17.69 -29.97
N GLY I 312 -9.94 -16.69 -30.29
CA GLY I 312 -11.09 -16.93 -31.15
C GLY I 312 -12.17 -17.79 -30.54
N ALA I 313 -12.19 -17.95 -29.22
CA ALA I 313 -13.18 -18.78 -28.55
C ALA I 313 -13.72 -18.05 -27.33
N ALA I 314 -14.94 -18.42 -26.94
CA ALA I 314 -15.54 -17.87 -25.74
C ALA I 314 -14.86 -18.43 -24.49
N PRO I 315 -14.92 -17.71 -23.38
CA PRO I 315 -14.35 -18.24 -22.13
C PRO I 315 -15.01 -19.56 -21.73
N LYS I 316 -14.19 -20.47 -21.22
CA LYS I 316 -14.63 -21.80 -20.79
C LYS I 316 -14.49 -21.91 -19.29
N LEU I 317 -15.59 -22.24 -18.61
CA LEU I 317 -15.56 -22.40 -17.16
C LEU I 317 -14.74 -23.63 -16.79
N LEU I 318 -13.67 -23.41 -16.04
CA LEU I 318 -12.82 -24.50 -15.56
C LEU I 318 -13.11 -24.86 -14.10
N ILE I 319 -13.16 -23.87 -13.22
CA ILE I 319 -13.38 -24.08 -11.80
C ILE I 319 -14.41 -23.08 -11.31
N HIS I 320 -15.42 -23.58 -10.58
CA HIS I 320 -16.38 -22.72 -9.90
C HIS I 320 -16.45 -23.12 -8.43
N ASN I 321 -16.80 -22.15 -7.59
CA ASN I 321 -16.87 -22.35 -6.14
C ASN I 321 -15.52 -22.82 -5.59
N ASN I 322 -14.45 -22.28 -6.17
CA ASN I 322 -13.07 -22.35 -5.71
C ASN I 322 -12.39 -23.69 -5.92
N ASP I 323 -13.14 -24.78 -6.10
CA ASP I 323 -12.52 -26.05 -6.39
C ASP I 323 -13.35 -26.97 -7.29
N LEU I 324 -14.63 -26.67 -7.45
CA LEU I 324 -15.52 -27.53 -8.23
C LEU I 324 -15.25 -27.35 -9.72
N ARG I 325 -15.07 -28.46 -10.44
CA ARG I 325 -14.92 -28.40 -11.89
C ARG I 325 -16.13 -29.02 -12.56
N PRO I 326 -16.68 -28.39 -13.59
CA PRO I 326 -17.83 -28.96 -14.29
C PRO I 326 -17.47 -30.24 -15.03
N SER I 327 -18.50 -31.05 -15.28
CA SER I 327 -18.31 -32.25 -16.08
C SER I 327 -17.88 -31.85 -17.49
N GLY I 328 -16.87 -32.56 -18.00
CA GLY I 328 -16.25 -32.23 -19.27
C GLY I 328 -14.94 -31.49 -19.13
N VAL I 329 -14.68 -30.87 -17.99
CA VAL I 329 -13.38 -30.27 -17.69
C VAL I 329 -12.49 -31.37 -17.12
N PRO I 330 -11.32 -31.62 -17.69
CA PRO I 330 -10.48 -32.72 -17.22
C PRO I 330 -10.01 -32.50 -15.80
N ASP I 331 -9.71 -33.61 -15.11
CA ASP I 331 -9.24 -33.57 -13.73
C ASP I 331 -7.86 -32.94 -13.59
N ARG I 332 -7.17 -32.68 -14.70
CA ARG I 332 -5.88 -32.00 -14.63
C ARG I 332 -6.03 -30.62 -13.98
N PHE I 333 -7.14 -29.95 -14.24
CA PHE I 333 -7.39 -28.62 -13.70
C PHE I 333 -7.94 -28.75 -12.27
N SER I 334 -7.24 -28.14 -11.31
CA SER I 334 -7.67 -28.16 -9.91
C SER I 334 -7.52 -26.78 -9.31
N GLY I 335 -8.46 -26.41 -8.46
CA GLY I 335 -8.49 -25.09 -7.85
C GLY I 335 -8.28 -25.18 -6.35
N SER I 336 -7.60 -24.18 -5.80
CA SER I 336 -7.39 -24.09 -4.36
C SER I 336 -7.57 -22.64 -3.92
N LYS I 337 -8.03 -22.46 -2.69
CA LYS I 337 -8.26 -21.14 -2.11
C LYS I 337 -7.75 -21.11 -0.67
N SER I 338 -7.14 -19.98 -0.30
CA SER I 338 -6.72 -19.76 1.08
C SER I 338 -6.87 -18.27 1.36
N GLY I 339 -7.92 -17.91 2.10
CA GLY I 339 -8.15 -16.52 2.44
C GLY I 339 -8.39 -15.66 1.21
N THR I 340 -7.61 -14.59 1.10
CA THR I 340 -7.76 -13.65 -0.01
C THR I 340 -6.97 -14.06 -1.25
N SER I 341 -6.29 -15.21 -1.21
CA SER I 341 -5.53 -15.70 -2.35
C SER I 341 -6.13 -17.01 -2.84
N ALA I 342 -5.91 -17.29 -4.13
CA ALA I 342 -6.35 -18.54 -4.74
C ALA I 342 -5.40 -18.88 -5.86
N SER I 343 -5.43 -20.14 -6.30
CA SER I 343 -4.51 -20.60 -7.32
C SER I 343 -5.16 -21.65 -8.18
N LEU I 344 -4.71 -21.73 -9.43
CA LEU I 344 -5.14 -22.73 -10.39
C LEU I 344 -3.95 -23.61 -10.73
N ALA I 345 -4.16 -24.93 -10.69
CA ALA I 345 -3.11 -25.90 -10.95
C ALA I 345 -3.49 -26.74 -12.16
N VAL I 346 -2.56 -26.87 -13.10
CA VAL I 346 -2.73 -27.71 -14.28
C VAL I 346 -1.65 -28.78 -14.25
N SER I 347 -2.06 -30.03 -14.14
CA SER I 347 -1.14 -31.16 -14.09
C SER I 347 -1.07 -31.82 -15.46
N GLY I 348 0.11 -32.38 -15.77
CA GLY I 348 0.33 -33.04 -17.04
C GLY I 348 -0.02 -32.16 -18.22
N LEU I 349 0.77 -31.11 -18.44
CA LEU I 349 0.48 -30.15 -19.51
C LEU I 349 0.46 -30.84 -20.87
N GLN I 350 -0.56 -30.53 -21.65
CA GLN I 350 -0.64 -30.88 -23.06
C GLN I 350 -0.53 -29.62 -23.90
N SER I 351 -0.22 -29.79 -25.18
CA SER I 351 -0.02 -28.64 -26.06
C SER I 351 -1.29 -27.79 -26.16
N GLU I 352 -2.46 -28.43 -26.07
CA GLU I 352 -3.72 -27.72 -26.16
C GLU I 352 -4.01 -26.86 -24.93
N ASP I 353 -3.22 -27.00 -23.87
CA ASP I 353 -3.42 -26.19 -22.67
C ASP I 353 -2.93 -24.76 -22.82
N GLU I 354 -2.17 -24.46 -23.86
CA GLU I 354 -1.65 -23.11 -24.09
C GLU I 354 -2.81 -22.17 -24.40
N ALA I 355 -3.08 -21.25 -23.49
CA ALA I 355 -4.21 -20.33 -23.59
C ALA I 355 -4.05 -19.26 -22.53
N ASP I 356 -5.06 -18.39 -22.43
CA ASP I 356 -5.13 -17.37 -21.39
C ASP I 356 -6.07 -17.85 -20.29
N TYR I 357 -5.63 -17.70 -19.03
CA TYR I 357 -6.39 -18.12 -17.88
C TYR I 357 -6.59 -16.93 -16.95
N PHE I 358 -7.84 -16.67 -16.57
CA PHE I 358 -8.13 -15.55 -15.68
C PHE I 358 -9.08 -16.00 -14.58
N CYS I 359 -8.92 -15.40 -13.41
CA CYS I 359 -9.78 -15.62 -12.26
C CYS I 359 -10.85 -14.54 -12.19
N ALA I 360 -12.01 -14.92 -11.64
CA ALA I 360 -13.14 -14.01 -11.53
C ALA I 360 -13.78 -14.16 -10.17
N ALA I 361 -14.14 -13.03 -9.56
CA ALA I 361 -14.78 -13.04 -8.25
C ALA I 361 -15.67 -11.82 -8.11
N TRP I 362 -16.75 -11.98 -7.34
CA TRP I 362 -17.60 -10.86 -6.99
C TRP I 362 -16.90 -9.97 -5.97
N ASP I 363 -16.93 -8.66 -6.19
CA ASP I 363 -16.39 -7.69 -5.24
C ASP I 363 -17.55 -6.96 -4.59
N ASP I 364 -17.55 -6.92 -3.26
CA ASP I 364 -18.69 -6.34 -2.53
C ASP I 364 -18.71 -4.83 -2.67
N GLY I 365 -17.55 -4.18 -2.55
CA GLY I 365 -17.50 -2.73 -2.69
C GLY I 365 -17.91 -2.25 -4.07
N LEU I 366 -17.43 -2.93 -5.11
CA LEU I 366 -17.79 -2.59 -6.47
C LEU I 366 -19.20 -3.04 -6.85
N ASN I 367 -19.81 -3.91 -6.04
CA ASN I 367 -21.14 -4.44 -6.32
C ASN I 367 -21.21 -5.07 -7.71
N GLY I 368 -20.19 -5.83 -8.04
CA GLY I 368 -20.13 -6.47 -9.35
C GLY I 368 -18.89 -7.32 -9.47
N TRP I 369 -18.77 -7.97 -10.62
CA TRP I 369 -17.64 -8.85 -10.87
C TRP I 369 -16.37 -8.06 -11.09
N VAL I 370 -15.26 -8.62 -10.61
CA VAL I 370 -13.92 -8.14 -10.95
C VAL I 370 -13.15 -9.33 -11.52
N PHE I 371 -12.22 -9.04 -12.43
CA PHE I 371 -11.54 -10.06 -13.19
C PHE I 371 -10.04 -9.87 -13.07
N GLY I 372 -9.31 -10.99 -13.15
CA GLY I 372 -7.87 -10.92 -13.22
C GLY I 372 -7.41 -10.44 -14.59
N GLY I 373 -6.17 -9.96 -14.64
CA GLY I 373 -5.59 -9.56 -15.90
C GLY I 373 -5.29 -10.70 -16.84
N GLY I 374 -5.42 -11.94 -16.38
CA GLY I 374 -5.13 -13.10 -17.19
C GLY I 374 -3.67 -13.53 -17.09
N THR I 375 -3.45 -14.79 -17.43
CA THR I 375 -2.10 -15.36 -17.49
C THR I 375 -1.97 -16.13 -18.79
N LYS I 376 -0.89 -15.86 -19.53
CA LYS I 376 -0.60 -16.59 -20.76
C LYS I 376 0.23 -17.82 -20.39
N LEU I 377 -0.40 -18.99 -20.44
CA LEU I 377 0.29 -20.24 -20.16
C LEU I 377 0.86 -20.78 -21.46
N THR I 378 2.18 -20.93 -21.51
CA THR I 378 2.88 -21.41 -22.70
C THR I 378 3.44 -22.79 -22.44
N VAL I 379 3.08 -23.74 -23.30
CA VAL I 379 3.64 -25.08 -23.27
C VAL I 379 4.87 -25.09 -24.16
N LEU I 380 6.04 -25.18 -23.54
CA LEU I 380 7.30 -24.99 -24.26
C LEU I 380 7.51 -26.06 -25.31
N GLY I 381 7.62 -25.65 -26.57
CA GLY I 381 7.94 -26.57 -27.64
C GLY I 381 9.35 -26.35 -28.16
N GLN I 382 9.97 -25.26 -27.72
CA GLN I 382 11.34 -24.92 -28.07
C GLN I 382 12.00 -24.29 -26.85
N PRO I 383 13.33 -24.34 -26.77
CA PRO I 383 14.02 -23.64 -25.68
C PRO I 383 13.78 -22.14 -25.72
N LYS I 384 13.82 -21.52 -24.54
CA LYS I 384 13.57 -20.09 -24.42
C LYS I 384 14.63 -19.29 -25.16
N ALA I 385 14.19 -18.26 -25.88
CA ALA I 385 15.07 -17.44 -26.72
C ALA I 385 14.99 -15.99 -26.28
N ALA I 386 16.16 -15.36 -26.12
CA ALA I 386 16.20 -13.95 -25.78
C ALA I 386 15.85 -13.09 -26.99
N PRO I 387 15.21 -11.95 -26.79
CA PRO I 387 14.79 -11.11 -27.92
C PRO I 387 15.95 -10.34 -28.53
N SER I 388 15.97 -10.30 -29.86
CA SER I 388 16.88 -9.44 -30.60
C SER I 388 16.20 -8.12 -30.89
N VAL I 389 16.90 -7.02 -30.64
CA VAL I 389 16.33 -5.68 -30.69
C VAL I 389 17.09 -4.83 -31.67
N THR I 390 16.36 -4.14 -32.56
CA THR I 390 16.93 -3.17 -33.48
C THR I 390 16.19 -1.84 -33.29
N LEU I 391 16.94 -0.77 -33.09
CA LEU I 391 16.38 0.55 -32.80
C LEU I 391 16.84 1.53 -33.88
N PHE I 392 15.87 2.21 -34.50
CA PHE I 392 16.14 3.18 -35.56
C PHE I 392 15.86 4.59 -35.10
N PRO I 393 16.77 5.53 -35.34
CA PRO I 393 16.47 6.94 -35.08
C PRO I 393 15.52 7.49 -36.13
N PRO I 394 14.88 8.63 -35.87
CA PRO I 394 14.01 9.22 -36.90
C PRO I 394 14.79 9.59 -38.15
N SER I 395 14.16 9.39 -39.30
CA SER I 395 14.80 9.71 -40.57
C SER I 395 14.87 11.22 -40.77
N SER I 396 15.83 11.64 -41.61
CA SER I 396 15.96 13.05 -41.94
C SER I 396 14.73 13.58 -42.67
N GLU I 397 14.15 12.74 -43.53
CA GLU I 397 12.92 13.14 -44.21
C GLU I 397 11.79 13.40 -43.21
N GLU I 398 11.65 12.53 -42.22
CA GLU I 398 10.59 12.70 -41.22
C GLU I 398 10.80 13.97 -40.41
N LEU I 399 12.05 14.27 -40.04
CA LEU I 399 12.34 15.49 -39.31
C LEU I 399 11.96 16.73 -40.12
N GLN I 400 12.24 16.70 -41.43
CA GLN I 400 11.81 17.78 -42.32
C GLN I 400 10.29 17.90 -42.37
N ALA I 401 9.57 16.85 -41.97
CA ALA I 401 8.11 16.87 -41.89
C ALA I 401 7.60 17.31 -40.53
N ASN I 402 8.49 17.81 -39.66
CA ASN I 402 8.13 18.24 -38.31
C ASN I 402 7.56 17.09 -37.48
N LYS I 403 8.09 15.90 -37.69
CA LYS I 403 7.73 14.73 -36.92
C LYS I 403 8.99 13.94 -36.58
N ALA I 404 8.93 13.18 -35.50
CA ALA I 404 10.01 12.29 -35.10
C ALA I 404 9.41 11.00 -34.56
N THR I 405 9.99 9.87 -34.98
CA THR I 405 9.52 8.57 -34.54
C THR I 405 10.71 7.67 -34.30
N LEU I 406 10.76 7.05 -33.12
CA LEU I 406 11.75 6.04 -32.79
C LEU I 406 11.12 4.67 -32.94
N VAL I 407 11.74 3.81 -33.72
CA VAL I 407 11.21 2.48 -34.04
C VAL I 407 12.09 1.45 -33.33
N CYS I 408 11.48 0.70 -32.41
CA CYS I 408 12.17 -0.35 -31.66
C CYS I 408 11.56 -1.68 -32.07
N LEU I 409 12.36 -2.53 -32.69
CA LEU I 409 11.87 -3.77 -33.30
C LEU I 409 12.39 -4.95 -32.49
N ILE I 410 11.48 -5.78 -32.00
CA ILE I 410 11.80 -6.92 -31.15
C ILE I 410 11.40 -8.19 -31.91
N SER I 411 12.32 -9.14 -31.98
CA SER I 411 12.06 -10.37 -32.74
C SER I 411 12.77 -11.54 -32.10
N ASP I 412 12.27 -12.74 -32.42
CA ASP I 412 12.93 -14.00 -32.08
C ASP I 412 13.01 -14.22 -30.57
N PHE I 413 11.90 -13.99 -29.87
CA PHE I 413 11.82 -14.26 -28.45
C PHE I 413 10.71 -15.25 -28.16
N TYR I 414 10.90 -16.04 -27.10
CA TYR I 414 10.02 -17.12 -26.69
C TYR I 414 10.23 -17.31 -25.20
N PRO I 415 9.19 -17.63 -24.40
CA PRO I 415 7.79 -17.99 -24.69
C PRO I 415 6.92 -16.90 -25.32
N GLY I 416 7.43 -15.67 -25.44
CA GLY I 416 6.70 -14.65 -26.15
C GLY I 416 5.92 -13.65 -25.32
N ALA I 417 6.56 -13.10 -24.29
CA ALA I 417 5.98 -12.02 -23.50
C ALA I 417 7.11 -11.08 -23.10
N VAL I 418 7.01 -9.82 -23.49
CA VAL I 418 8.03 -8.82 -23.20
C VAL I 418 7.37 -7.56 -22.65
N THR I 419 8.19 -6.74 -21.98
CA THR I 419 7.80 -5.42 -21.54
C THR I 419 8.85 -4.43 -22.03
N VAL I 420 8.40 -3.33 -22.63
CA VAL I 420 9.27 -2.37 -23.27
C VAL I 420 9.32 -1.10 -22.44
N ALA I 421 10.52 -0.59 -22.20
CA ALA I 421 10.71 0.66 -21.47
C ALA I 421 11.61 1.58 -22.28
N TRP I 422 11.28 2.86 -22.27
CA TRP I 422 12.02 3.89 -23.02
C TRP I 422 12.74 4.81 -22.05
N LYS I 423 14.04 4.99 -22.27
CA LYS I 423 14.87 5.83 -21.41
C LYS I 423 15.37 7.03 -22.18
N ALA I 424 15.16 8.23 -21.62
CA ALA I 424 15.66 9.48 -22.18
C ALA I 424 16.67 10.05 -21.19
N ASP I 425 17.95 9.94 -21.51
CA ASP I 425 19.03 10.36 -20.62
C ASP I 425 18.88 9.70 -19.24
N SER I 426 18.64 8.39 -19.26
CA SER I 426 18.42 7.56 -18.08
C SER I 426 17.13 7.91 -17.35
N SER I 427 16.33 8.84 -17.88
CA SER I 427 15.04 9.18 -17.29
C SER I 427 13.94 8.49 -18.08
N PRO I 428 13.12 7.64 -17.46
CA PRO I 428 12.08 6.94 -18.22
C PRO I 428 11.06 7.91 -18.81
N VAL I 429 10.59 7.59 -20.02
CA VAL I 429 9.57 8.36 -20.70
C VAL I 429 8.45 7.42 -21.10
N LYS I 430 7.21 7.81 -20.80
CA LYS I 430 6.04 6.98 -21.09
C LYS I 430 5.09 7.59 -22.10
N ALA I 431 4.97 8.91 -22.14
CA ALA I 431 4.09 9.56 -23.12
C ALA I 431 4.64 9.38 -24.53
N GLY I 432 3.76 9.10 -25.47
CA GLY I 432 4.16 8.88 -26.84
C GLY I 432 4.67 7.50 -27.15
N VAL I 433 4.43 6.52 -26.28
CA VAL I 433 4.90 5.15 -26.46
C VAL I 433 3.73 4.28 -26.88
N GLU I 434 3.90 3.56 -27.99
CA GLU I 434 2.90 2.62 -28.48
C GLU I 434 3.57 1.30 -28.78
N THR I 435 3.16 0.24 -28.09
CA THR I 435 3.73 -1.08 -28.23
C THR I 435 2.65 -2.05 -28.71
N THR I 436 3.02 -2.92 -29.65
CA THR I 436 2.12 -3.95 -30.15
C THR I 436 2.18 -5.18 -29.26
N THR I 437 1.06 -5.89 -29.18
CA THR I 437 1.08 -7.19 -28.54
C THR I 437 1.91 -8.15 -29.38
N PRO I 438 2.64 -9.07 -28.75
CA PRO I 438 3.47 -9.99 -29.51
C PRO I 438 2.64 -10.86 -30.46
N SER I 439 3.25 -11.22 -31.58
CA SER I 439 2.61 -12.04 -32.60
C SER I 439 3.52 -13.20 -32.96
N LYS I 440 2.90 -14.35 -33.25
CA LYS I 440 3.65 -15.56 -33.59
C LYS I 440 4.18 -15.45 -35.01
N GLN I 441 5.49 -15.56 -35.16
CA GLN I 441 6.13 -15.44 -36.46
C GLN I 441 6.37 -16.85 -37.04
N SER I 442 7.10 -16.90 -38.15
CA SER I 442 7.18 -18.14 -38.93
C SER I 442 7.87 -19.27 -38.17
N ASN I 443 8.97 -18.97 -37.47
CA ASN I 443 9.72 -20.00 -36.75
C ASN I 443 9.16 -20.29 -35.37
N ASN I 444 7.89 -19.97 -35.13
CA ASN I 444 7.15 -20.19 -33.89
C ASN I 444 7.69 -19.35 -32.74
N LYS I 445 8.69 -18.50 -32.97
CA LYS I 445 9.08 -17.50 -31.99
C LYS I 445 8.12 -16.32 -32.11
N TYR I 446 8.41 -15.22 -31.43
CA TYR I 446 7.49 -14.10 -31.37
C TYR I 446 8.20 -12.80 -31.71
N ALA I 447 7.43 -11.84 -32.20
CA ALA I 447 7.94 -10.53 -32.60
C ALA I 447 7.01 -9.45 -32.05
N ALA I 448 7.60 -8.27 -31.85
CA ALA I 448 6.85 -7.12 -31.35
C ALA I 448 7.59 -5.85 -31.76
N SER I 449 6.89 -4.73 -31.64
CA SER I 449 7.45 -3.44 -32.02
C SER I 449 6.89 -2.36 -31.12
N SER I 450 7.74 -1.39 -30.77
CA SER I 450 7.35 -0.26 -29.94
C SER I 450 7.79 1.03 -30.62
N TYR I 451 6.89 2.01 -30.65
CA TYR I 451 7.11 3.27 -31.35
C TYR I 451 7.07 4.42 -30.36
N LEU I 452 8.10 5.27 -30.40
CA LEU I 452 8.16 6.47 -29.59
C LEU I 452 8.02 7.68 -30.51
N SER I 453 6.90 8.39 -30.40
CA SER I 453 6.63 9.56 -31.21
C SER I 453 7.05 10.82 -30.46
N LEU I 454 7.72 11.72 -31.17
CA LEU I 454 8.31 12.90 -30.55
C LEU I 454 8.30 14.05 -31.54
N THR I 455 8.52 15.26 -31.01
CA THR I 455 8.82 16.41 -31.86
C THR I 455 10.31 16.43 -32.19
N PRO I 456 10.70 17.01 -33.33
CA PRO I 456 12.13 17.10 -33.66
C PRO I 456 12.94 17.85 -32.62
N GLU I 457 12.33 18.84 -31.95
CA GLU I 457 13.05 19.58 -30.91
C GLU I 457 13.40 18.68 -29.72
N GLN I 458 12.48 17.81 -29.32
CA GLN I 458 12.76 16.89 -28.22
C GLN I 458 13.86 15.91 -28.58
N TRP I 459 13.86 15.42 -29.83
CA TRP I 459 14.92 14.51 -30.27
C TRP I 459 16.29 15.18 -30.24
N LYS I 460 16.38 16.43 -30.70
CA LYS I 460 17.67 17.10 -30.79
C LYS I 460 18.20 17.53 -29.43
N SER I 461 17.32 17.72 -28.44
CA SER I 461 17.77 18.25 -27.15
C SER I 461 18.55 17.21 -26.36
N HIS I 462 18.06 15.96 -26.31
CA HIS I 462 18.66 14.96 -25.44
C HIS I 462 19.93 14.38 -26.06
N LYS I 463 20.75 13.78 -25.20
CA LYS I 463 22.02 13.19 -25.63
C LYS I 463 21.81 11.88 -26.37
N SER I 464 20.94 11.01 -25.86
CA SER I 464 20.70 9.71 -26.47
C SER I 464 19.44 9.10 -25.87
N TYR I 465 18.83 8.19 -26.63
CA TYR I 465 17.63 7.48 -26.21
C TYR I 465 17.87 5.98 -26.23
N SER I 466 17.25 5.28 -25.29
CA SER I 466 17.40 3.84 -25.14
C SER I 466 16.03 3.16 -25.16
N CYS I 467 15.95 2.04 -25.86
CA CYS I 467 14.80 1.15 -25.81
C CYS I 467 15.22 -0.11 -25.06
N GLN I 468 14.53 -0.40 -23.96
CA GLN I 468 14.87 -1.53 -23.09
C GLN I 468 13.76 -2.55 -23.15
N VAL I 469 14.12 -3.78 -23.54
CA VAL I 469 13.16 -4.87 -23.74
C VAL I 469 13.43 -5.94 -22.69
N THR I 470 12.46 -6.17 -21.81
CA THR I 470 12.59 -7.13 -20.73
C THR I 470 11.92 -8.43 -21.13
N HIS I 471 12.65 -9.54 -20.97
CA HIS I 471 12.14 -10.86 -21.33
C HIS I 471 12.70 -11.87 -20.34
N GLU I 472 11.80 -12.59 -19.65
CA GLU I 472 12.18 -13.59 -18.66
C GLU I 472 13.13 -13.01 -17.62
N GLY I 473 12.82 -11.79 -17.17
CA GLY I 473 13.63 -11.13 -16.16
C GLY I 473 14.96 -10.60 -16.64
N SER I 474 15.21 -10.60 -17.94
CA SER I 474 16.45 -10.10 -18.52
C SER I 474 16.14 -9.01 -19.53
N THR I 475 16.90 -7.92 -19.47
CA THR I 475 16.68 -6.75 -20.30
C THR I 475 17.70 -6.67 -21.42
N VAL I 476 17.22 -6.45 -22.64
CA VAL I 476 18.07 -6.17 -23.79
C VAL I 476 17.77 -4.74 -24.23
N GLU I 477 18.81 -3.91 -24.29
CA GLU I 477 18.65 -2.50 -24.62
C GLU I 477 19.48 -2.14 -25.85
N LYS I 478 18.96 -1.20 -26.61
CA LYS I 478 19.66 -0.59 -27.73
C LYS I 478 19.55 0.92 -27.61
N THR I 479 20.62 1.62 -28.00
CA THR I 479 20.69 3.07 -27.85
C THR I 479 21.04 3.71 -29.19
N VAL I 480 20.39 4.84 -29.48
CA VAL I 480 20.62 5.61 -30.69
C VAL I 480 20.91 7.05 -30.30
N ALA I 481 21.59 7.76 -31.20
CA ALA I 481 22.02 9.13 -30.97
C ALA I 481 21.42 10.07 -32.02
N PRO I 482 21.14 11.33 -31.64
CA PRO I 482 20.54 12.27 -32.60
C PRO I 482 21.39 12.55 -33.82
N THR I 483 22.72 12.55 -33.67
CA THR I 483 23.68 12.96 -34.71
C THR I 483 23.16 14.04 -35.67
N GLU J 5 33.69 61.34 -15.96
CA GLU J 5 34.71 61.93 -16.83
C GLU J 5 34.08 62.87 -17.85
N VAL J 6 34.93 63.61 -18.57
CA VAL J 6 34.44 64.56 -19.57
C VAL J 6 33.91 63.81 -20.78
N ALA J 7 32.78 64.28 -21.30
CA ALA J 7 32.17 63.66 -22.47
C ALA J 7 33.03 63.90 -23.71
N THR J 8 33.28 62.82 -24.46
CA THR J 8 34.11 62.90 -25.66
C THR J 8 33.39 62.26 -26.84
N PRO J 9 33.55 62.83 -28.04
CA PRO J 9 32.89 62.25 -29.21
C PRO J 9 33.45 60.89 -29.58
N HIS J 10 32.73 60.20 -30.46
CA HIS J 10 33.08 58.82 -30.81
C HIS J 10 34.41 58.75 -31.56
N ARG J 11 34.61 59.62 -32.55
CA ARG J 11 35.88 59.62 -33.28
C ARG J 11 37.04 59.97 -32.36
N ALA J 12 36.85 60.97 -31.50
CA ALA J 12 37.91 61.36 -30.58
C ALA J 12 38.26 60.24 -29.62
N ALA J 13 37.24 59.55 -29.10
CA ALA J 13 37.49 58.43 -28.19
C ALA J 13 38.22 57.29 -28.91
N TRP J 14 37.82 56.98 -30.15
CA TRP J 14 38.49 55.93 -30.89
C TRP J 14 39.96 56.29 -31.14
N LEU J 15 40.22 57.54 -31.52
CA LEU J 15 41.59 57.98 -31.74
C LEU J 15 42.40 57.93 -30.46
N ALA J 16 41.81 58.35 -29.33
CA ALA J 16 42.52 58.31 -28.06
C ALA J 16 42.87 56.89 -27.67
N MET J 17 41.94 55.95 -27.85
CA MET J 17 42.22 54.56 -27.52
C MET J 17 43.27 53.96 -28.43
N MET J 18 43.14 54.20 -29.74
CA MET J 18 44.00 53.54 -30.72
C MET J 18 45.32 54.25 -30.96
N LEU J 19 45.51 55.45 -30.43
CA LEU J 19 46.78 56.16 -30.50
C LEU J 19 47.43 56.34 -29.13
N GLY J 20 46.84 55.77 -28.08
CA GLY J 20 47.44 55.82 -26.76
C GLY J 20 47.28 57.14 -26.03
N ILE J 21 46.47 58.06 -26.54
CA ILE J 21 46.28 59.35 -25.90
C ILE J 21 45.54 59.19 -24.57
N SER J 24 42.79 63.30 -23.96
CA SER J 24 42.11 64.43 -24.57
C SER J 24 43.08 65.32 -25.34
N LYS J 25 44.33 64.85 -25.46
CA LYS J 25 45.36 65.57 -26.19
C LYS J 25 45.25 65.40 -27.71
N VAL J 26 44.14 64.85 -28.20
CA VAL J 26 43.98 64.62 -29.63
C VAL J 26 43.90 65.95 -30.37
N LYS J 27 43.26 66.95 -29.77
CA LYS J 27 43.11 68.27 -30.38
C LYS J 27 44.46 68.88 -30.74
N VAL J 34 40.65 50.33 -44.56
CA VAL J 34 41.79 50.02 -45.40
C VAL J 34 43.08 50.10 -44.60
N ILE J 35 43.39 51.28 -44.07
CA ILE J 35 44.62 51.54 -43.35
C ILE J 35 44.30 51.66 -41.87
N THR J 36 45.05 50.93 -41.05
CA THR J 36 44.86 50.96 -39.60
C THR J 36 45.76 52.02 -38.99
N VAL J 37 45.68 52.17 -37.67
CA VAL J 37 46.49 53.17 -36.97
C VAL J 37 47.95 52.76 -37.00
N GLU J 38 48.24 51.46 -36.89
CA GLU J 38 49.62 51.01 -36.99
C GLU J 38 50.20 51.27 -38.37
N ASP J 39 49.35 51.31 -39.40
CA ASP J 39 49.84 51.59 -40.75
C ASP J 39 50.22 53.06 -40.91
N VAL J 40 49.38 53.97 -40.42
CA VAL J 40 49.68 55.39 -40.56
C VAL J 40 50.88 55.78 -39.69
N LYS J 41 51.09 55.08 -38.57
CA LYS J 41 52.28 55.32 -37.77
C LYS J 41 53.55 55.00 -38.55
N ARG J 42 53.53 53.90 -39.29
CA ARG J 42 54.66 53.57 -40.16
C ARG J 42 54.82 54.60 -41.27
N TRP J 43 53.70 55.07 -41.84
CA TRP J 43 53.77 56.08 -42.88
C TRP J 43 54.32 57.40 -42.34
N ALA J 44 53.91 57.79 -41.14
CA ALA J 44 54.39 59.02 -40.52
C ALA J 44 55.46 58.73 -39.48
N VAL K 2 39.55 33.85 -42.11
CA VAL K 2 38.34 34.63 -41.87
C VAL K 2 38.39 35.22 -40.47
N GLN K 3 37.97 36.48 -40.35
CA GLN K 3 37.95 37.17 -39.06
C GLN K 3 36.93 36.49 -38.15
N LEU K 4 37.41 35.78 -37.14
CA LEU K 4 36.57 34.99 -36.25
C LEU K 4 36.94 35.29 -34.80
N LEU K 5 35.93 35.38 -33.94
CA LEU K 5 36.11 35.56 -32.51
C LEU K 5 35.43 34.39 -31.79
N GLU K 6 36.24 33.43 -31.34
CA GLU K 6 35.72 32.27 -30.61
C GLU K 6 35.72 32.58 -29.12
N GLN K 7 34.59 32.32 -28.47
CA GLN K 7 34.40 32.73 -27.08
C GLN K 7 34.17 31.50 -26.21
N SER K 8 34.61 31.59 -24.95
CA SER K 8 34.68 30.45 -24.07
C SER K 8 33.28 29.93 -23.72
N GLY K 9 33.25 28.81 -23.01
CA GLY K 9 32.01 28.13 -22.69
C GLY K 9 31.26 28.73 -21.51
N ALA K 10 30.08 28.19 -21.27
CA ALA K 10 29.16 28.71 -20.27
C ALA K 10 29.75 28.56 -18.86
N GLU K 11 29.29 29.45 -17.96
CA GLU K 11 29.77 29.50 -16.59
C GLU K 11 28.59 29.50 -15.63
N VAL K 12 28.75 28.77 -14.52
CA VAL K 12 27.78 28.78 -13.42
C VAL K 12 28.56 29.04 -12.14
N LYS K 13 28.22 30.12 -11.44
CA LYS K 13 28.96 30.52 -10.26
C LYS K 13 28.01 31.06 -9.20
N ARG K 14 28.47 31.03 -7.94
CA ARG K 14 27.72 31.51 -6.78
C ARG K 14 27.93 33.00 -6.59
N PRO K 15 26.95 33.70 -6.01
CA PRO K 15 27.11 35.14 -5.79
C PRO K 15 28.30 35.45 -4.89
N GLY K 16 28.98 36.55 -5.20
CA GLY K 16 30.18 36.95 -4.50
C GLY K 16 31.47 36.48 -5.15
N ALA K 17 31.41 35.60 -6.14
CA ALA K 17 32.59 35.08 -6.80
C ALA K 17 32.97 35.99 -7.97
N SER K 18 33.91 35.53 -8.80
CA SER K 18 34.32 36.25 -9.99
C SER K 18 34.41 35.28 -11.16
N VAL K 19 34.16 35.80 -12.36
CA VAL K 19 34.16 35.00 -13.58
C VAL K 19 35.13 35.63 -14.57
N LYS K 20 35.88 34.78 -15.29
CA LYS K 20 36.81 35.21 -16.33
C LYS K 20 36.41 34.58 -17.64
N VAL K 21 35.98 35.41 -18.60
CA VAL K 21 35.54 34.97 -19.92
C VAL K 21 36.61 35.37 -20.93
N SER K 22 36.91 34.46 -21.86
CA SER K 22 37.94 34.69 -22.86
C SER K 22 37.31 34.86 -24.24
N CYS K 23 38.08 35.51 -25.13
CA CYS K 23 37.65 35.78 -26.50
C CYS K 23 38.90 35.71 -27.38
N LYS K 24 39.07 34.59 -28.07
CA LYS K 24 40.24 34.36 -28.91
C LYS K 24 39.94 34.79 -30.34
N ALA K 25 40.78 35.67 -30.88
CA ALA K 25 40.60 36.21 -32.22
C ALA K 25 41.48 35.47 -33.23
N SER K 26 41.02 35.44 -34.47
CA SER K 26 41.76 34.82 -35.56
C SER K 26 41.33 35.45 -36.87
N GLY K 27 42.15 35.26 -37.89
CA GLY K 27 41.85 35.75 -39.22
C GLY K 27 42.17 37.20 -39.47
N TYR K 28 42.78 37.90 -38.50
CA TYR K 28 43.17 39.28 -38.69
C TYR K 28 44.27 39.60 -37.68
N THR K 29 44.76 40.84 -37.73
CA THR K 29 45.81 41.30 -36.82
C THR K 29 45.18 41.66 -35.49
N PHE K 30 45.49 40.89 -34.45
CA PHE K 30 44.84 41.07 -33.15
C PHE K 30 45.16 42.43 -32.56
N THR K 31 46.39 42.90 -32.72
CA THR K 31 46.85 44.12 -32.07
C THR K 31 46.38 45.40 -32.75
N SER K 32 45.70 45.31 -33.89
CA SER K 32 45.34 46.49 -34.68
C SER K 32 43.85 46.83 -34.62
N TYR K 33 43.08 46.20 -33.73
CA TYR K 33 41.65 46.47 -33.65
C TYR K 33 41.19 46.36 -32.21
N ALA K 34 40.47 47.38 -31.74
CA ALA K 34 40.00 47.39 -30.36
C ALA K 34 38.95 46.31 -30.12
N ILE K 35 38.83 45.89 -28.86
CA ILE K 35 37.90 44.85 -28.46
C ILE K 35 36.91 45.42 -27.46
N HIS K 36 35.63 45.17 -27.68
CA HIS K 36 34.56 45.62 -26.80
C HIS K 36 33.95 44.43 -26.08
N TRP K 37 33.64 44.62 -24.80
CA TRP K 37 32.91 43.65 -23.99
C TRP K 37 31.57 44.25 -23.61
N VAL K 38 30.49 43.54 -23.94
CA VAL K 38 29.13 43.92 -23.64
C VAL K 38 28.41 42.74 -23.01
N ARG K 39 27.22 42.99 -22.47
CA ARG K 39 26.44 41.91 -21.88
C ARG K 39 24.96 42.16 -22.13
N GLN K 40 24.20 41.07 -22.10
CA GLN K 40 22.75 41.14 -22.27
C GLN K 40 22.10 40.21 -21.26
N ALA K 41 21.40 40.78 -20.28
CA ALA K 41 20.62 39.98 -19.36
C ALA K 41 19.37 39.45 -20.06
N PRO K 42 18.82 38.32 -19.60
CA PRO K 42 17.64 37.75 -20.26
C PRO K 42 16.46 38.72 -20.23
N GLY K 43 15.90 38.96 -21.41
CA GLY K 43 14.77 39.87 -21.53
C GLY K 43 15.10 41.33 -21.35
N GLN K 44 16.36 41.73 -21.52
CA GLN K 44 16.77 43.10 -21.33
C GLN K 44 17.68 43.52 -22.47
N ARG K 45 17.89 44.83 -22.60
CA ARG K 45 18.75 45.34 -23.66
C ARG K 45 20.21 45.06 -23.36
N LEU K 46 21.00 44.98 -24.43
CA LEU K 46 22.44 44.80 -24.27
C LEU K 46 23.04 45.97 -23.50
N GLU K 47 24.05 45.67 -22.70
CA GLU K 47 24.68 46.66 -21.82
C GLU K 47 26.17 46.66 -22.10
N TRP K 48 26.68 47.78 -22.59
CA TRP K 48 28.10 47.91 -22.86
C TRP K 48 28.88 47.95 -21.56
N MET K 49 29.97 47.19 -21.50
CA MET K 49 30.81 47.12 -20.30
C MET K 49 32.13 47.85 -20.46
N GLY K 50 32.89 47.56 -21.50
CA GLY K 50 34.18 48.21 -21.62
C GLY K 50 34.87 47.88 -22.93
N TRP K 51 36.12 48.34 -23.04
CA TRP K 51 36.83 48.20 -24.30
C TRP K 51 38.32 48.43 -24.10
N ILE K 52 39.11 47.68 -24.88
CA ILE K 52 40.55 47.62 -24.71
C ILE K 52 41.24 47.70 -26.07
N ASN K 53 42.49 48.20 -26.04
CA ASN K 53 43.38 48.19 -27.18
C ASN K 53 44.32 47.00 -27.05
N PRO K 54 44.25 46.00 -27.93
CA PRO K 54 45.08 44.79 -27.74
C PRO K 54 46.57 45.03 -27.78
N GLY K 55 47.04 46.11 -28.40
CA GLY K 55 48.45 46.42 -28.40
C GLY K 55 48.86 47.27 -27.22
N ASN K 56 48.17 48.40 -27.07
CA ASN K 56 48.45 49.29 -25.95
C ASN K 56 48.17 48.61 -24.62
N GLY K 57 47.07 47.86 -24.54
CA GLY K 57 46.59 47.33 -23.29
C GLY K 57 45.75 48.27 -22.47
N ASN K 58 45.62 49.53 -22.90
CA ASN K 58 44.75 50.47 -22.22
C ASN K 58 43.31 49.99 -22.30
N ALA K 59 42.62 50.00 -21.16
CA ALA K 59 41.24 49.53 -21.08
C ALA K 59 40.41 50.57 -20.36
N LYS K 60 39.21 50.82 -20.88
CA LYS K 60 38.29 51.77 -20.29
C LYS K 60 36.95 51.09 -20.05
N TYR K 61 36.25 51.53 -19.01
CA TYR K 61 35.08 50.84 -18.51
C TYR K 61 33.94 51.83 -18.28
N SER K 62 32.72 51.32 -18.35
CA SER K 62 31.56 52.13 -18.00
C SER K 62 31.55 52.42 -16.50
N GLN K 63 30.92 53.55 -16.14
CA GLN K 63 30.83 53.94 -14.73
C GLN K 63 30.05 52.93 -13.91
N ARG K 64 29.15 52.15 -14.53
CA ARG K 64 28.43 51.11 -13.83
C ARG K 64 29.33 49.96 -13.40
N PHE K 65 30.53 49.86 -13.97
CA PHE K 65 31.41 48.71 -13.75
C PHE K 65 32.80 49.11 -13.28
N GLN K 66 33.03 50.38 -12.94
CA GLN K 66 34.35 50.81 -12.50
C GLN K 66 34.69 50.16 -11.17
N GLY K 67 35.87 49.53 -11.11
CA GLY K 67 36.32 48.86 -9.91
C GLY K 67 35.83 47.43 -9.75
N ARG K 68 34.99 46.95 -10.66
CA ARG K 68 34.47 45.59 -10.59
C ARG K 68 34.87 44.70 -11.76
N VAL K 69 35.29 45.26 -12.88
CA VAL K 69 35.61 44.50 -14.07
C VAL K 69 37.00 44.88 -14.56
N ILE K 70 37.73 43.87 -15.04
CA ILE K 70 39.06 44.06 -15.61
C ILE K 70 39.09 43.42 -16.98
N ILE K 71 39.42 44.21 -18.01
CA ILE K 71 39.61 43.70 -19.36
C ILE K 71 41.10 43.72 -19.67
N SER K 72 41.60 42.60 -20.16
CA SER K 72 43.03 42.41 -20.36
C SER K 72 43.26 41.75 -21.72
N ARG K 73 44.53 41.73 -22.12
CA ARG K 73 44.92 41.21 -23.43
C ARG K 73 46.02 40.17 -23.28
N ASP K 74 46.12 39.30 -24.27
CA ASP K 74 47.22 38.35 -24.41
C ASP K 74 47.52 38.26 -25.91
N THR K 75 48.49 39.06 -26.36
CA THR K 75 48.80 39.13 -27.78
C THR K 75 49.38 37.82 -28.30
N SER K 76 50.14 37.11 -27.45
CA SER K 76 50.72 35.85 -27.89
C SER K 76 49.64 34.83 -28.24
N ALA K 77 48.58 34.77 -27.45
CA ALA K 77 47.43 33.92 -27.75
C ALA K 77 46.32 34.66 -28.47
N THR K 78 46.50 35.96 -28.72
CA THR K 78 45.49 36.80 -29.38
C THR K 78 44.13 36.66 -28.69
N THR K 79 44.14 36.75 -27.36
CA THR K 79 42.93 36.52 -26.57
C THR K 79 42.67 37.71 -25.67
N SER K 80 41.44 38.21 -25.69
CA SER K 80 40.99 39.23 -24.75
C SER K 80 40.25 38.57 -23.59
N TYR K 81 40.49 39.05 -22.38
CA TYR K 81 39.92 38.48 -21.18
C TYR K 81 39.08 39.53 -20.48
N MET K 82 37.97 39.09 -19.87
CA MET K 82 37.08 39.96 -19.11
C MET K 82 36.78 39.26 -17.80
N GLU K 83 37.22 39.84 -16.69
CA GLU K 83 37.00 39.29 -15.36
C GLU K 83 36.06 40.22 -14.60
N LEU K 84 34.94 39.66 -14.14
CA LEU K 84 33.94 40.41 -13.38
C LEU K 84 33.89 39.85 -11.96
N SER K 85 34.03 40.74 -10.98
CA SER K 85 34.14 40.38 -9.58
C SER K 85 32.87 40.77 -8.82
N SER K 86 32.74 40.19 -7.63
CA SER K 86 31.57 40.41 -6.76
C SER K 86 30.27 40.13 -7.50
N LEU K 87 30.18 38.93 -8.08
CA LEU K 87 29.03 38.57 -8.91
C LEU K 87 27.76 38.53 -8.08
N THR K 88 26.67 39.03 -8.66
CA THR K 88 25.34 38.95 -8.08
C THR K 88 24.41 38.31 -9.09
N SER K 89 23.19 37.99 -8.65
CA SER K 89 22.21 37.41 -9.55
C SER K 89 21.87 38.36 -10.69
N GLU K 90 22.01 39.67 -10.47
CA GLU K 90 21.81 40.64 -11.53
C GLU K 90 22.90 40.58 -12.59
N ASP K 91 24.02 39.91 -12.31
CA ASP K 91 25.09 39.74 -13.28
C ASP K 91 24.90 38.51 -14.17
N THR K 92 23.81 37.76 -13.98
CA THR K 92 23.51 36.63 -14.85
C THR K 92 23.11 37.14 -16.22
N ALA K 93 23.90 36.80 -17.24
CA ALA K 93 23.67 37.36 -18.57
C ALA K 93 24.52 36.61 -19.58
N VAL K 94 24.29 36.94 -20.85
CA VAL K 94 25.16 36.49 -21.93
C VAL K 94 26.21 37.57 -22.17
N TYR K 95 27.48 37.21 -22.00
CA TYR K 95 28.61 38.11 -22.15
C TYR K 95 29.19 37.93 -23.55
N SER K 96 29.39 39.04 -24.25
CA SER K 96 29.81 39.00 -25.65
C SER K 96 31.00 39.92 -25.88
N CYS K 97 31.88 39.50 -26.79
CA CYS K 97 33.00 40.29 -27.26
C CYS K 97 32.79 40.64 -28.72
N ALA K 98 33.22 41.84 -29.10
CA ALA K 98 33.07 42.32 -30.47
C ALA K 98 34.33 43.07 -30.89
N ARG K 99 34.66 42.96 -32.18
CA ARG K 99 35.79 43.70 -32.73
C ARG K 99 35.31 45.07 -33.23
N ASP K 100 36.07 46.11 -32.89
CA ASP K 100 35.77 47.46 -33.33
C ASP K 100 36.55 47.71 -34.62
N ARG K 101 35.85 47.75 -35.76
CA ARG K 101 36.52 47.98 -37.03
C ARG K 101 37.03 49.40 -37.17
N GLY K 102 36.56 50.33 -36.33
CA GLY K 102 37.10 51.65 -36.29
C GLY K 102 36.63 52.53 -37.44
N PHE K 103 37.41 53.58 -37.70
CA PHE K 103 37.11 54.58 -38.71
C PHE K 103 38.00 54.39 -39.92
N ASP K 104 37.41 54.43 -41.11
CA ASP K 104 38.18 54.57 -42.34
C ASP K 104 38.68 56.01 -42.44
N LEU K 105 40.00 56.19 -42.42
CA LEU K 105 40.55 57.55 -42.40
C LEU K 105 40.39 58.25 -43.74
N LEU K 106 40.30 57.48 -44.84
CA LEU K 106 40.12 58.10 -46.15
C LEU K 106 38.72 58.70 -46.28
N THR K 107 37.69 57.93 -45.94
CA THR K 107 36.31 58.37 -46.11
C THR K 107 35.70 58.97 -44.85
N GLY K 108 36.32 58.78 -43.69
CA GLY K 108 35.71 59.23 -42.45
C GLY K 108 34.57 58.36 -41.98
N HIS K 109 34.31 57.24 -42.64
CA HIS K 109 33.21 56.37 -42.29
C HIS K 109 33.56 55.50 -41.08
N TYR K 110 32.54 55.15 -40.31
CA TYR K 110 32.69 54.18 -39.23
C TYR K 110 32.23 52.82 -39.73
N LEU K 111 33.09 51.82 -39.55
CA LEU K 111 32.89 50.52 -40.16
C LEU K 111 32.09 49.55 -39.29
N GLY K 112 31.74 49.95 -38.07
CA GLY K 112 30.86 49.15 -37.23
C GLY K 112 31.59 48.16 -36.35
N LEU K 113 30.83 47.55 -35.45
CA LEU K 113 31.33 46.48 -34.59
C LEU K 113 31.11 45.16 -35.32
N ASP K 114 32.20 44.51 -35.70
CA ASP K 114 32.13 43.33 -36.56
C ASP K 114 33.47 42.61 -36.51
N PRO K 115 33.51 41.30 -36.25
CA PRO K 115 32.36 40.44 -35.92
C PRO K 115 32.03 40.39 -34.43
N TRP K 116 31.14 39.48 -34.08
CA TRP K 116 30.66 39.27 -32.72
C TRP K 116 31.03 37.87 -32.25
N GLY K 117 31.23 37.73 -30.94
CA GLY K 117 31.35 36.42 -30.37
C GLY K 117 30.00 35.73 -30.26
N GLN K 118 30.05 34.39 -30.13
CA GLN K 118 28.81 33.63 -30.01
C GLN K 118 28.12 33.85 -28.67
N GLY K 119 28.78 34.47 -27.72
CA GLY K 119 28.20 34.71 -26.40
C GLY K 119 28.57 33.63 -25.40
N THR K 120 28.58 34.03 -24.13
CA THR K 120 28.86 33.12 -23.02
C THR K 120 27.79 33.33 -21.95
N LEU K 121 27.01 32.30 -21.68
CA LEU K 121 25.99 32.39 -20.65
C LEU K 121 26.62 32.21 -19.28
N VAL K 122 26.56 33.25 -18.46
CA VAL K 122 27.05 33.21 -17.09
C VAL K 122 25.84 33.30 -16.17
N THR K 123 25.62 32.24 -15.39
CA THR K 123 24.53 32.15 -14.44
C THR K 123 25.08 32.30 -13.03
N VAL K 124 24.45 33.18 -12.25
CA VAL K 124 24.84 33.44 -10.87
C VAL K 124 23.63 33.18 -9.99
N SER K 125 23.74 32.17 -9.12
CA SER K 125 22.69 31.87 -8.17
C SER K 125 23.28 31.05 -7.03
N SER K 126 22.75 31.26 -5.83
CA SER K 126 23.14 30.49 -4.65
C SER K 126 22.29 29.24 -4.47
N ALA K 127 21.36 28.97 -5.38
CA ALA K 127 20.47 27.82 -5.25
C ALA K 127 21.24 26.52 -5.46
N SER K 128 20.80 25.49 -4.76
CA SER K 128 21.31 24.13 -4.90
C SER K 128 20.17 23.19 -5.28
N THR K 129 20.51 21.93 -5.54
CA THR K 129 19.53 20.98 -6.02
C THR K 129 18.38 20.83 -5.04
N LYS K 130 17.16 20.91 -5.56
CA LYS K 130 15.96 20.84 -4.74
C LYS K 130 14.84 20.20 -5.53
N GLY K 131 14.14 19.24 -4.91
CA GLY K 131 13.01 18.60 -5.53
C GLY K 131 11.80 19.53 -5.56
N PRO K 132 10.92 19.32 -6.54
CA PRO K 132 9.79 20.22 -6.71
C PRO K 132 8.70 20.00 -5.67
N SER K 133 7.90 21.04 -5.47
CA SER K 133 6.68 20.97 -4.67
C SER K 133 5.50 21.00 -5.63
N VAL K 134 4.67 19.96 -5.60
CA VAL K 134 3.59 19.77 -6.55
C VAL K 134 2.27 20.07 -5.85
N PHE K 135 1.47 20.95 -6.46
CA PHE K 135 0.17 21.31 -5.92
C PHE K 135 -0.91 21.15 -6.99
N PRO K 136 -2.07 20.62 -6.62
CA PRO K 136 -3.16 20.53 -7.60
C PRO K 136 -3.73 21.91 -7.90
N LEU K 137 -4.16 22.07 -9.16
CA LEU K 137 -4.78 23.32 -9.62
C LEU K 137 -6.20 23.00 -10.06
N ALA K 138 -7.17 23.36 -9.21
CA ALA K 138 -8.58 23.11 -9.46
C ALA K 138 -9.27 24.35 -9.99
N PRO K 139 -10.31 24.20 -10.84
CA PRO K 139 -11.01 25.35 -11.43
C PRO K 139 -11.74 26.21 -10.39
N GLY K 147 -19.17 22.21 -20.06
CA GLY K 147 -18.32 22.14 -21.22
C GLY K 147 -17.00 21.43 -20.96
N THR K 148 -15.90 22.17 -21.09
CA THR K 148 -14.56 21.65 -20.89
C THR K 148 -13.99 22.25 -19.60
N ALA K 149 -13.42 21.39 -18.76
CA ALA K 149 -12.86 21.79 -17.48
C ALA K 149 -11.35 21.92 -17.58
N ALA K 150 -10.80 22.89 -16.86
CA ALA K 150 -9.37 23.17 -16.87
C ALA K 150 -8.80 22.90 -15.48
N LEU K 151 -7.93 21.89 -15.39
CA LEU K 151 -7.25 21.54 -14.15
C LEU K 151 -5.84 21.08 -14.46
N GLY K 152 -4.98 21.16 -13.45
CA GLY K 152 -3.58 20.81 -13.67
C GLY K 152 -2.80 20.78 -12.37
N CYS K 153 -1.48 20.73 -12.51
CA CYS K 153 -0.57 20.66 -11.38
C CYS K 153 0.42 21.81 -11.44
N LEU K 154 0.67 22.42 -10.28
CA LEU K 154 1.70 23.46 -10.14
C LEU K 154 2.98 22.82 -9.61
N VAL K 155 4.01 22.81 -10.44
CA VAL K 155 5.33 22.29 -10.08
C VAL K 155 6.16 23.49 -9.66
N LYS K 156 6.40 23.64 -8.36
CA LYS K 156 6.94 24.88 -7.82
C LYS K 156 8.23 24.65 -7.05
N ASP K 157 9.14 25.63 -7.14
CA ASP K 157 10.33 25.72 -6.31
C ASP K 157 11.23 24.48 -6.44
N TYR K 158 11.76 24.29 -7.64
CA TYR K 158 12.71 23.22 -7.91
C TYR K 158 13.94 23.78 -8.61
N PHE K 159 15.03 23.03 -8.54
CA PHE K 159 16.30 23.42 -9.14
C PHE K 159 17.19 22.20 -9.22
N PRO K 160 17.93 21.99 -10.32
CA PRO K 160 17.83 22.79 -11.53
C PRO K 160 16.78 22.24 -12.51
N GLU K 161 16.82 22.76 -13.74
CA GLU K 161 16.03 22.21 -14.83
C GLU K 161 16.70 20.94 -15.36
N PRO K 162 15.96 20.08 -16.08
CA PRO K 162 14.53 20.16 -16.39
C PRO K 162 13.67 19.29 -15.49
N VAL K 163 12.35 19.42 -15.64
CA VAL K 163 11.38 18.53 -15.02
C VAL K 163 10.42 18.06 -16.11
N THR K 164 10.02 16.80 -16.04
CA THR K 164 9.13 16.20 -17.03
C THR K 164 7.79 15.91 -16.38
N VAL K 165 6.71 16.26 -17.07
CA VAL K 165 5.35 16.12 -16.56
C VAL K 165 4.55 15.28 -17.55
N SER K 166 3.86 14.27 -17.04
CA SER K 166 2.95 13.46 -17.83
C SER K 166 1.69 13.20 -17.01
N TRP K 167 0.64 12.78 -17.69
CA TRP K 167 -0.66 12.57 -17.07
C TRP K 167 -1.09 11.11 -17.24
N ASN K 168 -1.49 10.49 -16.14
CA ASN K 168 -1.91 9.09 -16.12
C ASN K 168 -0.83 8.18 -16.71
N SER K 169 0.41 8.43 -16.32
CA SER K 169 1.57 7.64 -16.78
C SER K 169 1.68 7.65 -18.30
N GLY K 170 1.37 8.80 -18.91
CA GLY K 170 1.48 8.96 -20.35
C GLY K 170 0.29 8.50 -21.15
N ALA K 171 -0.72 7.91 -20.51
CA ALA K 171 -1.90 7.45 -21.23
C ALA K 171 -2.66 8.62 -21.84
N LEU K 172 -2.74 9.74 -21.13
CA LEU K 172 -3.48 10.91 -21.58
C LEU K 172 -2.50 11.91 -22.20
N THR K 173 -2.67 12.16 -23.50
CA THR K 173 -1.84 13.12 -24.22
C THR K 173 -2.64 14.20 -24.90
N SER K 174 -3.90 13.94 -25.27
CA SER K 174 -4.73 14.97 -25.87
C SER K 174 -5.18 15.96 -24.81
N GLY K 175 -5.06 17.26 -25.13
CA GLY K 175 -5.46 18.30 -24.21
C GLY K 175 -4.43 18.65 -23.15
N VAL K 176 -3.23 18.08 -23.21
CA VAL K 176 -2.18 18.35 -22.25
C VAL K 176 -1.29 19.46 -22.80
N HIS K 177 -1.01 20.47 -21.98
CA HIS K 177 -0.16 21.59 -22.36
C HIS K 177 0.74 21.91 -21.17
N THR K 178 2.04 21.63 -21.32
CA THR K 178 3.01 21.90 -20.26
C THR K 178 3.77 23.17 -20.60
N PHE K 179 3.60 24.20 -19.77
CA PHE K 179 4.21 25.49 -19.99
C PHE K 179 5.67 25.50 -19.54
N PRO K 180 6.51 26.31 -20.18
CA PRO K 180 7.91 26.43 -19.74
C PRO K 180 8.00 27.05 -18.34
N ALA K 181 9.09 26.71 -17.66
CA ALA K 181 9.26 27.13 -16.28
C ALA K 181 9.60 28.61 -16.19
N VAL K 182 9.44 29.16 -14.99
CA VAL K 182 9.80 30.53 -14.67
C VAL K 182 10.95 30.50 -13.68
N LEU K 183 11.74 31.57 -13.68
CA LEU K 183 12.88 31.73 -12.78
C LEU K 183 12.51 32.82 -11.77
N GLN K 184 12.12 32.41 -10.57
CA GLN K 184 11.71 33.36 -9.54
C GLN K 184 12.93 33.98 -8.87
N SER K 185 12.66 34.96 -8.00
CA SER K 185 13.73 35.70 -7.34
C SER K 185 14.56 34.84 -6.40
N SER K 186 13.98 33.74 -5.89
CA SER K 186 14.73 32.85 -5.01
C SER K 186 15.77 32.02 -5.75
N GLY K 187 15.79 32.08 -7.08
CA GLY K 187 16.67 31.25 -7.88
C GLY K 187 16.09 29.91 -8.27
N LEU K 188 14.91 29.58 -7.75
CA LEU K 188 14.27 28.30 -8.04
C LEU K 188 13.35 28.43 -9.26
N TYR K 189 12.97 27.29 -9.82
CA TYR K 189 12.12 27.23 -10.99
C TYR K 189 10.72 26.76 -10.61
N SER K 190 9.76 27.13 -11.46
CA SER K 190 8.37 26.74 -11.27
C SER K 190 7.68 26.73 -12.62
N LEU K 191 6.94 25.66 -12.92
CA LEU K 191 6.12 25.60 -14.11
C LEU K 191 4.76 25.00 -13.77
N SER K 192 3.86 25.03 -14.74
CA SER K 192 2.53 24.50 -14.60
C SER K 192 2.20 23.62 -15.80
N SER K 193 1.39 22.59 -15.56
CA SER K 193 0.91 21.71 -16.62
C SER K 193 -0.59 21.52 -16.42
N VAL K 194 -1.37 21.94 -17.41
CA VAL K 194 -2.82 21.89 -17.34
C VAL K 194 -3.35 21.00 -18.47
N VAL K 195 -4.39 20.24 -18.16
CA VAL K 195 -5.03 19.35 -19.12
C VAL K 195 -6.49 19.76 -19.27
N THR K 196 -6.95 19.83 -20.51
CA THR K 196 -8.34 20.16 -20.81
C THR K 196 -9.13 18.86 -20.94
N VAL K 197 -10.16 18.70 -20.10
CA VAL K 197 -10.91 17.45 -20.04
C VAL K 197 -12.40 17.75 -20.15
N PRO K 198 -13.21 16.81 -20.63
CA PRO K 198 -14.66 17.02 -20.62
C PRO K 198 -15.20 17.05 -19.19
N SER K 199 -16.26 17.85 -19.01
CA SER K 199 -16.87 17.98 -17.69
C SER K 199 -17.59 16.71 -17.27
N SER K 200 -18.21 16.00 -18.23
CA SER K 200 -18.97 14.80 -17.90
C SER K 200 -18.08 13.71 -17.34
N SER K 201 -16.87 13.56 -17.90
CA SER K 201 -15.97 12.49 -17.47
C SER K 201 -15.35 12.73 -16.09
N LEU K 202 -15.56 13.91 -15.49
CA LEU K 202 -14.95 14.21 -14.21
C LEU K 202 -15.43 13.25 -13.12
N GLY K 203 -16.72 12.89 -13.14
CA GLY K 203 -17.25 12.03 -12.10
C GLY K 203 -16.66 10.63 -12.15
N THR K 204 -16.41 10.11 -13.35
CA THR K 204 -15.99 8.72 -13.52
C THR K 204 -14.50 8.55 -13.73
N GLN K 205 -13.80 9.57 -14.22
CA GLN K 205 -12.38 9.47 -14.54
C GLN K 205 -11.56 10.39 -13.66
N THR K 206 -10.42 9.89 -13.19
CA THR K 206 -9.48 10.65 -12.37
C THR K 206 -8.26 11.03 -13.22
N TYR K 207 -7.60 12.11 -12.81
CA TYR K 207 -6.46 12.64 -13.54
C TYR K 207 -5.30 12.84 -12.57
N ILE K 208 -4.19 12.15 -12.82
CA ILE K 208 -3.01 12.21 -11.97
C ILE K 208 -1.83 12.67 -12.82
N CYS K 209 -1.16 13.73 -12.39
CA CYS K 209 0.02 14.22 -13.07
C CYS K 209 1.26 13.53 -12.53
N ASN K 210 2.21 13.26 -13.42
CA ASN K 210 3.43 12.52 -13.09
C ASN K 210 4.61 13.49 -13.22
N VAL K 211 5.00 14.06 -12.10
CA VAL K 211 6.11 15.02 -12.06
C VAL K 211 7.39 14.26 -11.78
N ASN K 212 8.34 14.32 -12.73
CA ASN K 212 9.61 13.63 -12.63
C ASN K 212 10.74 14.64 -12.73
N HIS K 213 11.58 14.71 -11.69
CA HIS K 213 12.69 15.65 -11.61
C HIS K 213 13.97 14.84 -11.37
N LYS K 214 14.61 14.43 -12.47
CA LYS K 214 15.81 13.62 -12.37
C LYS K 214 16.96 14.25 -11.58
N PRO K 215 17.27 15.55 -11.71
CA PRO K 215 18.44 16.08 -10.99
C PRO K 215 18.40 15.86 -9.49
N SER K 216 17.21 15.87 -8.87
CA SER K 216 17.08 15.53 -7.46
C SER K 216 16.58 14.10 -7.25
N ASN K 217 16.48 13.32 -8.33
CA ASN K 217 15.97 11.94 -8.26
C ASN K 217 14.62 11.89 -7.57
N THR K 218 13.73 12.78 -7.98
CA THR K 218 12.42 12.96 -7.36
C THR K 218 11.34 12.57 -8.36
N LYS K 219 10.40 11.74 -7.90
CA LYS K 219 9.19 11.43 -8.67
C LYS K 219 7.99 11.70 -7.78
N VAL K 220 7.06 12.53 -8.26
CA VAL K 220 5.88 12.90 -7.51
C VAL K 220 4.65 12.59 -8.36
N ASP K 221 3.69 11.87 -7.78
CA ASP K 221 2.40 11.64 -8.41
C ASP K 221 1.33 12.31 -7.57
N LYS K 222 0.57 13.20 -8.19
CA LYS K 222 -0.46 13.97 -7.49
C LYS K 222 -1.74 13.93 -8.30
N LYS K 223 -2.86 13.67 -7.63
CA LYS K 223 -4.17 13.69 -8.26
C LYS K 223 -4.80 15.06 -8.05
N VAL K 224 -5.25 15.68 -9.13
CA VAL K 224 -5.89 16.98 -9.09
C VAL K 224 -7.37 16.79 -9.42
N GLU K 225 -8.22 17.30 -8.55
CA GLU K 225 -9.66 17.15 -8.61
C GLU K 225 -10.33 18.49 -8.38
N PRO K 226 -11.55 18.67 -8.85
CA PRO K 226 -12.24 19.95 -8.62
C PRO K 226 -12.40 20.24 -7.14
N LYS K 227 -12.24 21.51 -6.79
CA LYS K 227 -12.31 21.94 -5.40
C LYS K 227 -13.75 21.91 -4.89
N LEU L 272 20.64 58.34 -20.60
CA LEU L 272 20.61 58.52 -22.05
C LEU L 272 20.73 57.20 -22.78
N THR L 273 19.60 56.65 -23.20
CA THR L 273 19.53 55.35 -23.86
C THR L 273 18.77 55.48 -25.17
N LEU L 274 18.73 54.39 -25.92
CA LEU L 274 18.07 54.35 -27.22
C LEU L 274 16.70 53.70 -27.06
N THR L 275 15.68 54.33 -27.63
CA THR L 275 14.30 53.85 -27.55
C THR L 275 13.90 53.24 -28.88
N GLN L 276 13.34 52.04 -28.84
CA GLN L 276 13.08 51.23 -30.01
C GLN L 276 11.81 50.44 -29.77
N PRO L 277 10.92 50.34 -30.76
CA PRO L 277 9.64 49.67 -30.53
C PRO L 277 9.83 48.21 -30.15
N ALA L 278 8.91 47.71 -29.30
CA ALA L 278 9.05 46.37 -28.76
C ALA L 278 8.95 45.30 -29.86
N SER L 279 8.03 45.48 -30.81
CA SER L 279 7.83 44.48 -31.84
C SER L 279 7.31 45.13 -33.12
N ALA L 280 7.40 44.39 -34.21
CA ALA L 280 6.86 44.81 -35.50
C ALA L 280 6.54 43.56 -36.31
N SER L 281 5.61 43.71 -37.25
CA SER L 281 5.15 42.55 -38.01
C SER L 281 4.54 43.02 -39.33
N ALA L 282 4.69 42.17 -40.35
CA ALA L 282 4.03 42.37 -41.63
C ALA L 282 4.06 41.06 -42.40
N THR L 283 3.20 40.97 -43.41
CA THR L 283 3.13 39.78 -44.24
C THR L 283 4.36 39.69 -45.15
N PRO L 284 4.65 38.50 -45.68
CA PRO L 284 5.81 38.37 -46.58
C PRO L 284 5.67 39.27 -47.80
N GLY L 285 6.79 39.82 -48.25
CA GLY L 285 6.83 40.70 -49.40
C GLY L 285 6.50 42.14 -49.13
N GLN L 286 6.20 42.51 -47.89
CA GLN L 286 5.86 43.88 -47.54
C GLN L 286 7.08 44.63 -47.03
N ARG L 287 6.87 45.90 -46.69
CA ARG L 287 7.91 46.78 -46.17
C ARG L 287 7.59 47.11 -44.71
N VAL L 288 8.60 47.03 -43.85
CA VAL L 288 8.45 47.31 -42.43
C VAL L 288 9.53 48.28 -42.00
N THR L 289 9.18 49.19 -41.10
CA THR L 289 10.09 50.22 -40.59
C THR L 289 10.26 50.06 -39.09
N ILE L 290 11.51 50.17 -38.64
CA ILE L 290 11.88 50.07 -37.23
C ILE L 290 12.51 51.40 -36.82
N SER L 291 11.98 52.01 -35.77
CA SER L 291 12.47 53.30 -35.30
C SER L 291 13.53 53.12 -34.23
N CYS L 292 14.42 54.11 -34.13
CA CYS L 292 15.43 54.17 -33.08
C CYS L 292 15.60 55.64 -32.70
N SER L 293 15.13 56.00 -31.50
CA SER L 293 15.17 57.37 -31.03
C SER L 293 16.27 57.54 -29.99
N GLY L 294 16.97 58.66 -30.05
CA GLY L 294 18.01 58.98 -29.10
C GLY L 294 18.04 60.46 -28.76
N SER L 295 19.22 60.96 -28.40
CA SER L 295 19.42 62.38 -28.11
C SER L 295 20.67 62.86 -28.83
N SER L 296 21.02 64.12 -28.60
CA SER L 296 22.18 64.70 -29.26
C SER L 296 23.49 64.07 -28.80
N SER L 297 23.49 63.40 -27.64
CA SER L 297 24.72 62.81 -27.12
C SER L 297 25.08 61.52 -27.84
N ASN L 298 24.11 60.77 -28.37
CA ASN L 298 24.39 59.47 -28.97
C ASN L 298 24.08 59.43 -30.47
N ILE L 299 22.86 59.72 -30.89
CA ILE L 299 22.54 59.65 -32.32
C ILE L 299 22.80 60.98 -33.01
N GLY L 300 22.39 62.09 -32.39
CA GLY L 300 22.57 63.39 -33.00
C GLY L 300 24.01 63.77 -33.28
N GLY L 301 24.96 63.16 -32.57
CA GLY L 301 26.35 63.53 -32.72
C GLY L 301 27.23 62.43 -33.29
N ASN L 302 26.68 61.25 -33.51
CA ASN L 302 27.45 60.09 -33.95
C ASN L 302 26.65 59.35 -35.02
N THR L 303 27.10 58.14 -35.33
CA THR L 303 26.48 57.32 -36.37
C THR L 303 25.70 56.17 -35.74
N VAL L 304 24.62 55.77 -36.41
CA VAL L 304 23.76 54.68 -35.97
C VAL L 304 24.14 53.41 -36.70
N ASN L 305 24.22 52.30 -35.98
CA ASN L 305 24.56 50.99 -36.53
C ASN L 305 23.41 50.04 -36.28
N TRP L 306 23.15 49.15 -37.23
CA TRP L 306 22.01 48.25 -37.18
C TRP L 306 22.47 46.80 -37.23
N TYR L 307 21.83 45.96 -36.42
CA TYR L 307 22.25 44.58 -36.25
C TYR L 307 21.05 43.64 -36.30
N GLN L 308 21.25 42.48 -36.93
CA GLN L 308 20.29 41.40 -36.94
C GLN L 308 20.75 40.33 -35.95
N HIS L 309 19.84 39.89 -35.08
CA HIS L 309 20.19 38.95 -34.02
C HIS L 309 19.26 37.74 -34.11
N LEU L 310 19.67 36.75 -34.90
CA LEU L 310 18.95 35.50 -34.97
C LEU L 310 19.11 34.71 -33.67
N PRO L 311 18.10 33.91 -33.30
CA PRO L 311 18.26 33.06 -32.12
C PRO L 311 19.40 32.05 -32.31
N GLY L 312 20.20 31.89 -31.26
CA GLY L 312 21.34 30.99 -31.33
C GLY L 312 22.44 31.44 -32.25
N ALA L 313 22.47 32.72 -32.62
CA ALA L 313 23.49 33.24 -33.53
C ALA L 313 24.02 34.57 -33.00
N ALA L 314 25.25 34.89 -33.40
CA ALA L 314 25.86 36.15 -33.03
C ALA L 314 25.19 37.29 -33.79
N PRO L 315 25.26 38.52 -33.25
CA PRO L 315 24.71 39.67 -33.98
C PRO L 315 25.38 39.83 -35.34
N LYS L 316 24.57 40.19 -36.33
CA LYS L 316 25.02 40.36 -37.71
C LYS L 316 24.92 41.83 -38.08
N LEU L 317 26.04 42.41 -38.52
CA LEU L 317 26.04 43.81 -38.94
C LEU L 317 25.25 43.98 -40.23
N LEU L 318 24.20 44.78 -40.17
CA LEU L 318 23.38 45.09 -41.34
C LEU L 318 23.73 46.44 -41.95
N ILE L 319 23.80 47.48 -41.12
CA ILE L 319 24.07 48.83 -41.58
C ILE L 319 25.08 49.49 -40.65
N HIS L 320 26.09 50.13 -41.22
CA HIS L 320 27.05 50.94 -40.49
C HIS L 320 27.10 52.32 -41.14
N ASN L 321 27.43 53.32 -40.33
CA ASN L 321 27.47 54.72 -40.78
C ASN L 321 26.12 55.15 -41.33
N ASN L 322 25.06 54.65 -40.71
CA ASN L 322 23.67 55.09 -40.85
C ASN L 322 23.00 54.66 -42.16
N ASP L 323 23.78 54.33 -43.18
CA ASP L 323 23.15 53.83 -44.42
C ASP L 323 23.99 52.79 -45.15
N LEU L 324 25.27 52.68 -44.82
CA LEU L 324 26.15 51.76 -45.55
C LEU L 324 25.89 50.33 -45.11
N ARG L 325 25.67 49.44 -46.08
CA ARG L 325 25.50 48.03 -45.77
C ARG L 325 26.68 47.23 -46.28
N PRO L 326 27.20 46.30 -45.48
CA PRO L 326 28.33 45.48 -45.95
C PRO L 326 27.91 44.57 -47.10
N SER L 327 28.92 44.17 -47.87
CA SER L 327 28.68 43.21 -48.94
C SER L 327 28.18 41.89 -48.36
N GLY L 328 27.14 41.34 -48.96
CA GLY L 328 26.45 40.18 -48.45
C GLY L 328 25.16 40.50 -47.72
N VAL L 329 24.99 41.74 -47.30
CA VAL L 329 23.71 42.18 -46.73
C VAL L 329 22.78 42.58 -47.88
N PRO L 330 21.57 42.03 -47.95
CA PRO L 330 20.70 42.33 -49.09
C PRO L 330 20.33 43.80 -49.16
N ASP L 331 20.05 44.26 -50.38
CA ASP L 331 19.65 45.65 -50.58
C ASP L 331 18.28 45.96 -49.98
N ARG L 332 17.54 44.93 -49.55
CA ARG L 332 16.27 45.16 -48.88
C ARG L 332 16.45 46.00 -47.63
N PHE L 333 17.56 45.81 -46.92
CA PHE L 333 17.82 46.54 -45.69
C PHE L 333 18.37 47.92 -46.04
N SER L 334 17.70 48.97 -45.56
CA SER L 334 18.12 50.34 -45.84
C SER L 334 18.03 51.15 -44.55
N GLY L 335 18.96 52.09 -44.41
CA GLY L 335 19.06 52.90 -43.21
C GLY L 335 18.75 54.35 -43.51
N SER L 336 18.12 55.01 -42.54
CA SER L 336 17.83 56.44 -42.63
C SER L 336 18.14 57.09 -41.29
N LYS L 337 18.57 58.35 -41.36
CA LYS L 337 18.88 59.10 -40.15
C LYS L 337 18.36 60.52 -40.30
N SER L 338 17.78 61.06 -39.22
CA SER L 338 17.34 62.46 -39.19
C SER L 338 17.53 62.95 -37.75
N GLY L 339 18.58 63.74 -37.55
CA GLY L 339 18.83 64.29 -36.23
C GLY L 339 19.07 63.20 -35.22
N THR L 340 18.30 63.23 -34.15
CA THR L 340 18.40 62.26 -33.06
C THR L 340 17.59 60.99 -33.31
N SER L 341 16.95 60.88 -34.47
CA SER L 341 16.17 59.71 -34.80
C SER L 341 16.79 58.98 -35.99
N ALA L 342 16.50 57.68 -36.07
CA ALA L 342 16.97 56.87 -37.19
C ALA L 342 15.96 55.75 -37.42
N SER L 343 16.05 55.14 -38.61
CA SER L 343 15.09 54.11 -38.95
C SER L 343 15.75 53.06 -39.84
N LEU L 344 15.23 51.84 -39.73
CA LEU L 344 15.62 50.71 -40.56
C LEU L 344 14.42 50.28 -41.38
N ALA L 345 14.61 50.12 -42.69
CA ALA L 345 13.53 49.74 -43.59
C ALA L 345 13.87 48.40 -44.22
N VAL L 346 12.94 47.46 -44.16
CA VAL L 346 13.08 46.16 -44.79
C VAL L 346 11.97 46.01 -45.83
N SER L 347 12.37 45.91 -47.09
CA SER L 347 11.44 45.76 -48.20
C SER L 347 11.38 44.30 -48.63
N GLY L 348 10.21 43.89 -49.12
CA GLY L 348 10.01 42.52 -49.57
C GLY L 348 10.39 41.50 -48.53
N LEU L 349 9.60 41.42 -47.45
CA LEU L 349 9.91 40.52 -46.35
C LEU L 349 9.96 39.07 -46.82
N GLN L 350 11.00 38.36 -46.40
CA GLN L 350 11.10 36.91 -46.54
C GLN L 350 11.03 36.28 -45.15
N SER L 351 10.75 34.98 -45.12
CA SER L 351 10.58 34.29 -43.85
C SER L 351 11.85 34.35 -43.00
N GLU L 352 13.02 34.38 -43.64
CA GLU L 352 14.28 34.45 -42.91
C GLU L 352 14.51 35.79 -42.23
N ASP L 353 13.68 36.80 -42.51
CA ASP L 353 13.84 38.10 -41.88
C ASP L 353 13.35 38.15 -40.44
N GLU L 354 12.62 37.13 -40.00
CA GLU L 354 12.09 37.10 -38.63
C GLU L 354 13.25 36.97 -37.65
N ALA L 355 13.51 38.03 -36.89
CA ALA L 355 14.64 38.08 -35.97
C ALA L 355 14.48 39.31 -35.08
N ASP L 356 15.49 39.54 -34.24
CA ASP L 356 15.56 40.73 -33.42
C ASP L 356 16.51 41.73 -34.06
N TYR L 357 16.09 42.99 -34.12
CA TYR L 357 16.88 44.06 -34.72
C TYR L 357 17.10 45.15 -33.68
N PHE L 358 18.34 45.55 -33.47
CA PHE L 358 18.66 46.61 -32.52
C PHE L 358 19.64 47.59 -33.12
N CYS L 359 19.49 48.85 -32.73
CA CYS L 359 20.38 49.93 -33.12
C CYS L 359 21.45 50.15 -32.06
N ALA L 360 22.61 50.63 -32.50
CA ALA L 360 23.75 50.86 -31.61
C ALA L 360 24.39 52.19 -31.95
N ALA L 361 24.74 52.95 -30.91
CA ALA L 361 25.38 54.24 -31.14
C ALA L 361 26.29 54.58 -29.96
N TRP L 362 27.37 55.29 -30.26
CA TRP L 362 28.23 55.80 -29.20
C TRP L 362 27.56 56.96 -28.48
N ASP L 363 27.59 56.92 -27.15
CA ASP L 363 27.09 58.00 -26.32
C ASP L 363 28.29 58.67 -25.65
N ASP L 364 28.35 60.00 -25.79
CA ASP L 364 29.49 60.77 -25.32
C ASP L 364 29.47 60.91 -23.80
N GLY L 365 28.31 61.18 -23.21
CA GLY L 365 28.22 61.31 -21.77
C GLY L 365 28.57 60.02 -21.06
N LEU L 366 28.06 58.89 -21.57
CA LEU L 366 28.40 57.59 -21.02
C LEU L 366 29.79 57.14 -21.44
N ASN L 367 30.39 57.81 -22.44
CA ASN L 367 31.70 57.45 -22.97
C ASN L 367 31.72 55.99 -23.40
N GLY L 368 30.68 55.57 -24.10
CA GLY L 368 30.63 54.18 -24.50
C GLY L 368 29.40 53.89 -25.34
N TRP L 369 29.29 52.64 -25.77
CA TRP L 369 28.18 52.25 -26.63
C TRP L 369 26.88 52.18 -25.85
N VAL L 370 25.79 52.56 -26.51
CA VAL L 370 24.43 52.32 -26.02
C VAL L 370 23.69 51.58 -27.12
N PHE L 371 22.74 50.75 -26.70
CA PHE L 371 22.05 49.83 -27.58
C PHE L 371 20.55 50.00 -27.40
N GLY L 372 19.81 49.74 -28.47
CA GLY L 372 18.36 49.71 -28.36
C GLY L 372 17.88 48.47 -27.64
N GLY L 373 16.64 48.54 -27.16
CA GLY L 373 16.03 47.39 -26.53
C GLY L 373 15.71 46.27 -27.48
N GLY L 374 15.84 46.49 -28.78
CA GLY L 374 15.53 45.50 -29.78
C GLY L 374 14.08 45.56 -30.23
N THR L 375 13.85 45.02 -31.42
CA THR L 375 12.51 44.88 -31.97
C THR L 375 12.37 43.46 -32.52
N LYS L 376 11.29 42.79 -32.12
CA LYS L 376 11.00 41.45 -32.63
C LYS L 376 10.18 41.61 -33.90
N LEU L 377 10.82 41.38 -35.04
CA LEU L 377 10.13 41.44 -36.33
C LEU L 377 9.65 40.04 -36.68
N THR L 378 8.35 39.87 -36.80
CA THR L 378 7.74 38.58 -37.14
C THR L 378 7.14 38.67 -38.53
N VAL L 379 7.53 37.74 -39.39
CA VAL L 379 6.95 37.63 -40.73
C VAL L 379 5.70 36.78 -40.60
N LEU L 380 4.54 37.42 -40.75
CA LEU L 380 3.26 36.79 -40.41
C LEU L 380 2.98 35.57 -41.28
N GLY L 381 2.83 34.41 -40.64
CA GLY L 381 2.51 33.16 -41.31
C GLY L 381 1.11 32.67 -41.00
N GLN L 382 0.46 33.32 -40.06
CA GLN L 382 -0.87 32.94 -39.61
C GLN L 382 -1.67 34.21 -39.40
N PRO L 383 -3.01 34.15 -39.47
CA PRO L 383 -3.81 35.28 -39.02
C PRO L 383 -3.61 35.46 -37.54
N LYS L 384 -3.74 36.70 -37.09
CA LYS L 384 -3.51 37.02 -35.68
C LYS L 384 -4.55 36.33 -34.80
N ALA L 385 -4.10 35.79 -33.67
CA ALA L 385 -4.95 35.04 -32.75
C ALA L 385 -4.92 35.68 -31.37
N ALA L 386 -6.10 35.89 -30.79
CA ALA L 386 -6.18 36.44 -29.45
C ALA L 386 -5.78 35.39 -28.42
N PRO L 387 -5.14 35.81 -27.32
CA PRO L 387 -4.68 34.84 -26.32
C PRO L 387 -5.81 34.31 -25.47
N SER L 388 -5.77 33.00 -25.21
CA SER L 388 -6.67 32.37 -24.25
C SER L 388 -5.96 32.30 -22.91
N VAL L 389 -6.66 32.70 -21.85
CA VAL L 389 -6.08 32.88 -20.52
C VAL L 389 -6.85 32.03 -19.53
N THR L 390 -6.12 31.28 -18.72
CA THR L 390 -6.69 30.52 -17.61
C THR L 390 -5.99 30.92 -16.32
N LEU L 391 -6.77 31.25 -15.30
CA LEU L 391 -6.22 31.75 -14.03
C LEU L 391 -6.62 30.81 -12.91
N PHE L 392 -5.63 30.32 -12.17
CA PHE L 392 -5.80 29.41 -11.06
C PHE L 392 -5.46 30.11 -9.75
N PRO L 393 -6.33 30.00 -8.75
CA PRO L 393 -6.02 30.49 -7.41
C PRO L 393 -5.05 29.56 -6.70
N PRO L 394 -4.44 30.01 -5.60
CA PRO L 394 -3.57 29.10 -4.85
C PRO L 394 -4.34 27.90 -4.30
N SER L 395 -3.67 26.75 -4.30
CA SER L 395 -4.30 25.52 -3.83
C SER L 395 -4.42 25.54 -2.31
N SER L 396 -5.35 24.74 -1.81
CA SER L 396 -5.53 24.63 -0.36
C SER L 396 -4.29 24.05 0.31
N GLU L 397 -3.62 23.10 -0.37
CA GLU L 397 -2.37 22.58 0.16
C GLU L 397 -1.32 23.68 0.28
N GLU L 398 -1.21 24.53 -0.74
CA GLU L 398 -0.24 25.61 -0.71
C GLU L 398 -0.56 26.60 0.41
N LEU L 399 -1.84 26.91 0.60
CA LEU L 399 -2.22 27.79 1.71
C LEU L 399 -1.86 27.17 3.05
N GLN L 400 -2.10 25.86 3.21
CA GLN L 400 -1.68 25.16 4.40
C GLN L 400 -0.16 25.14 4.53
N ALA L 401 0.57 25.38 3.44
CA ALA L 401 2.02 25.48 3.44
C ALA L 401 2.52 26.90 3.67
N ASN L 402 1.63 27.83 4.03
CA ASN L 402 2.00 29.24 4.26
C ASN L 402 2.57 29.89 3.01
N LYS L 403 2.03 29.50 1.85
CA LYS L 403 2.39 30.12 0.58
C LYS L 403 1.13 30.30 -0.25
N ALA L 404 1.17 31.25 -1.17
CA ALA L 404 0.08 31.48 -2.10
C ALA L 404 0.64 31.80 -3.47
N THR L 405 0.08 31.17 -4.51
CA THR L 405 0.52 31.42 -5.87
C THR L 405 -0.68 31.47 -6.80
N LEU L 406 -0.76 32.54 -7.57
CA LEU L 406 -1.75 32.69 -8.63
C LEU L 406 -1.09 32.39 -9.96
N VAL L 407 -1.68 31.47 -10.72
CA VAL L 407 -1.09 30.99 -11.97
C VAL L 407 -1.94 31.49 -13.13
N CYS L 408 -1.34 32.30 -14.00
CA CYS L 408 -2.02 32.85 -15.17
C CYS L 408 -1.36 32.27 -16.41
N LEU L 409 -2.10 31.48 -17.17
CA LEU L 409 -1.56 30.72 -18.30
C LEU L 409 -2.16 31.28 -19.59
N ILE L 410 -1.28 31.69 -20.50
CA ILE L 410 -1.67 32.32 -21.76
C ILE L 410 -1.25 31.40 -22.90
N SER L 411 -2.17 31.14 -23.83
CA SER L 411 -1.85 30.22 -24.92
C SER L 411 -2.59 30.65 -26.19
N ASP L 412 -2.05 30.19 -27.32
CA ASP L 412 -2.69 30.32 -28.64
C ASP L 412 -2.81 31.78 -29.08
N PHE L 413 -1.73 32.53 -28.93
CA PHE L 413 -1.67 33.91 -29.41
C PHE L 413 -0.53 34.08 -30.41
N TYR L 414 -0.70 35.02 -31.33
CA TYR L 414 0.20 35.28 -32.44
C TYR L 414 -0.01 36.72 -32.87
N PRO L 415 1.03 37.47 -33.28
CA PRO L 415 2.43 37.15 -33.57
C PRO L 415 3.29 36.69 -32.40
N GLY L 416 2.76 36.73 -31.18
CA GLY L 416 3.48 36.18 -30.05
C GLY L 416 4.21 37.18 -29.17
N ALA L 417 3.53 38.26 -28.81
CA ALA L 417 4.06 39.22 -27.85
C ALA L 417 2.91 39.75 -27.02
N VAL L 418 2.97 39.54 -25.70
CA VAL L 418 1.93 39.97 -24.78
C VAL L 418 2.57 40.70 -23.61
N THR L 419 1.76 41.48 -22.90
CA THR L 419 2.17 42.11 -21.66
C THR L 419 1.15 41.76 -20.59
N VAL L 420 1.62 41.32 -19.42
CA VAL L 420 0.76 40.82 -18.36
C VAL L 420 0.74 41.81 -17.21
N ALA L 421 -0.46 42.12 -16.72
CA ALA L 421 -0.65 43.03 -15.59
C ALA L 421 -1.53 42.35 -14.55
N TRP L 422 -1.21 42.56 -13.28
CA TRP L 422 -1.94 41.97 -12.17
C TRP L 422 -2.68 43.07 -11.41
N LYS L 423 -3.98 42.88 -11.20
CA LYS L 423 -4.83 43.84 -10.52
C LYS L 423 -5.36 43.21 -9.24
N ALA L 424 -5.15 43.92 -8.12
CA ALA L 424 -5.68 43.54 -6.82
C ALA L 424 -6.68 44.63 -6.40
N ASP L 425 -7.97 44.32 -6.49
CA ASP L 425 -9.03 45.27 -6.22
C ASP L 425 -8.86 46.54 -7.06
N SER L 426 -8.61 46.33 -8.35
CA SER L 426 -8.39 47.38 -9.34
C SER L 426 -7.11 48.17 -9.10
N SER L 427 -6.29 47.78 -8.13
CA SER L 427 -5.01 48.44 -7.89
C SER L 427 -3.90 47.59 -8.48
N PRO L 428 -3.09 48.11 -9.40
CA PRO L 428 -2.03 47.29 -9.98
C PRO L 428 -1.02 46.86 -8.93
N VAL L 429 -0.54 45.61 -9.06
CA VAL L 429 0.48 45.07 -8.18
C VAL L 429 1.63 44.54 -9.03
N LYS L 430 2.85 44.92 -8.66
CA LYS L 430 4.04 44.52 -9.40
C LYS L 430 4.99 43.63 -8.62
N ALA L 431 5.08 43.80 -7.30
CA ALA L 431 5.94 42.94 -6.50
C ALA L 431 5.39 41.52 -6.46
N GLY L 432 6.29 40.54 -6.58
CA GLY L 432 5.89 39.15 -6.59
C GLY L 432 5.37 38.65 -7.92
N VAL L 433 5.61 39.37 -9.00
CA VAL L 433 5.13 39.01 -10.34
C VAL L 433 6.31 38.48 -11.14
N GLU L 434 6.18 37.27 -11.68
CA GLU L 434 7.21 36.68 -12.54
C GLU L 434 6.55 36.16 -13.81
N THR L 435 6.96 36.71 -14.95
CA THR L 435 6.40 36.34 -16.24
C THR L 435 7.48 35.74 -17.12
N THR L 436 7.15 34.67 -17.82
CA THR L 436 8.06 34.04 -18.77
C THR L 436 7.96 34.72 -20.13
N THR L 437 9.08 34.73 -20.85
CA THR L 437 9.04 35.16 -22.23
C THR L 437 8.25 34.15 -23.07
N PRO L 438 7.51 34.60 -24.07
CA PRO L 438 6.69 33.68 -24.87
C PRO L 438 7.56 32.63 -25.57
N SER L 439 6.97 31.45 -25.76
CA SER L 439 7.65 30.34 -26.40
C SER L 439 6.77 29.78 -27.52
N LYS L 440 7.40 29.33 -28.59
CA LYS L 440 6.68 28.80 -29.74
C LYS L 440 6.17 27.41 -29.41
N GLN L 441 4.86 27.21 -29.51
CA GLN L 441 4.24 25.94 -29.19
C GLN L 441 4.05 25.12 -30.48
N SER L 442 3.33 23.99 -30.35
CA SER L 442 3.30 23.01 -31.43
C SER L 442 2.65 23.57 -32.69
N ASN L 443 1.53 24.27 -32.54
CA ASN L 443 0.80 24.79 -33.69
C ASN L 443 1.34 26.13 -34.19
N ASN L 444 2.60 26.43 -33.87
CA ASN L 444 3.33 27.64 -34.26
C ASN L 444 2.75 28.90 -33.62
N LYS L 445 1.75 28.79 -32.75
CA LYS L 445 1.32 29.90 -31.93
C LYS L 445 2.27 30.00 -30.72
N TYR L 446 1.94 30.84 -29.75
CA TYR L 446 2.84 31.11 -28.64
C TYR L 446 2.11 30.95 -27.30
N ALA L 447 2.90 30.65 -26.27
CA ALA L 447 2.40 30.44 -24.92
C ALA L 447 3.29 31.17 -23.94
N ALA L 448 2.72 31.52 -22.79
CA ALA L 448 3.43 32.22 -21.73
C ALA L 448 2.72 31.96 -20.41
N SER L 449 3.40 32.29 -19.32
CA SER L 449 2.83 32.08 -18.00
C SER L 449 3.33 33.16 -17.05
N SER L 450 2.44 33.59 -16.16
CA SER L 450 2.75 34.61 -15.15
C SER L 450 2.33 34.10 -13.78
N TYR L 451 3.21 34.26 -12.81
CA TYR L 451 3.00 33.76 -11.45
C TYR L 451 3.03 34.93 -10.48
N LEU L 452 1.99 35.01 -9.64
CA LEU L 452 1.91 36.01 -8.58
C LEU L 452 2.06 35.30 -7.25
N SER L 453 3.18 35.55 -6.56
CA SER L 453 3.45 34.93 -5.27
C SER L 453 3.03 35.87 -4.15
N LEU L 454 2.35 35.32 -3.15
CA LEU L 454 1.76 36.10 -2.08
C LEU L 454 1.75 35.28 -0.80
N THR L 455 1.52 35.98 0.32
CA THR L 455 1.22 35.31 1.57
C THR L 455 -0.27 34.95 1.62
N PRO L 456 -0.64 33.90 2.36
CA PRO L 456 -2.06 33.55 2.47
C PRO L 456 -2.93 34.66 3.03
N GLU L 457 -2.37 35.49 3.92
CA GLU L 457 -3.15 36.60 4.49
C GLU L 457 -3.52 37.60 3.42
N GLN L 458 -2.60 37.92 2.51
CA GLN L 458 -2.90 38.84 1.42
C GLN L 458 -3.94 38.27 0.49
N TRP L 459 -3.87 36.95 0.21
CA TRP L 459 -4.88 36.31 -0.62
C TRP L 459 -6.26 36.39 0.05
N LYS L 460 -6.33 36.11 1.34
CA LYS L 460 -7.62 36.07 2.02
C LYS L 460 -8.20 37.46 2.26
N SER L 461 -7.35 38.49 2.35
CA SER L 461 -7.84 39.83 2.68
C SER L 461 -8.61 40.46 1.52
N HIS L 462 -8.09 40.36 0.31
CA HIS L 462 -8.66 41.08 -0.82
C HIS L 462 -9.90 40.37 -1.36
N LYS L 463 -10.72 41.13 -2.09
CA LYS L 463 -11.98 40.62 -2.62
C LYS L 463 -11.76 39.70 -3.81
N SER L 464 -10.90 40.08 -4.76
CA SER L 464 -10.66 39.28 -5.96
C SER L 464 -9.42 39.80 -6.66
N TYR L 465 -8.80 38.93 -7.46
CA TYR L 465 -7.61 39.27 -8.22
C TYR L 465 -7.83 39.02 -9.70
N SER L 466 -7.23 39.86 -10.53
CA SER L 466 -7.38 39.78 -11.98
C SER L 466 -6.02 39.71 -12.66
N CYS L 467 -5.93 38.85 -13.68
CA CYS L 467 -4.81 38.79 -14.58
C CYS L 467 -5.26 39.31 -15.94
N GLN L 468 -4.61 40.37 -16.43
CA GLN L 468 -4.96 41.02 -17.68
C GLN L 468 -3.81 40.86 -18.65
N VAL L 469 -4.08 40.28 -19.81
CA VAL L 469 -3.05 39.98 -20.81
C VAL L 469 -3.36 40.81 -22.05
N THR L 470 -2.43 41.70 -22.39
CA THR L 470 -2.58 42.60 -23.53
C THR L 470 -1.83 42.02 -24.72
N HIS L 471 -2.52 41.93 -25.86
CA HIS L 471 -1.98 41.39 -27.10
C HIS L 471 -2.59 42.18 -28.24
N GLU L 472 -1.73 42.79 -29.06
CA GLU L 472 -2.16 43.57 -30.23
C GLU L 472 -3.18 44.63 -29.83
N GLY L 473 -2.94 45.29 -28.71
CA GLY L 473 -3.82 46.34 -28.25
C GLY L 473 -5.16 45.88 -27.70
N SER L 474 -5.33 44.58 -27.47
CA SER L 474 -6.57 44.04 -26.94
C SER L 474 -6.27 43.25 -25.67
N THR L 475 -7.08 43.47 -24.63
CA THR L 475 -6.85 42.87 -23.32
C THR L 475 -7.84 41.74 -23.08
N VAL L 476 -7.31 40.60 -22.65
CA VAL L 476 -8.12 39.47 -22.18
C VAL L 476 -7.83 39.32 -20.70
N GLU L 477 -8.87 39.37 -19.87
CA GLU L 477 -8.70 39.33 -18.43
C GLU L 477 -9.46 38.14 -17.83
N LYS L 478 -8.88 37.58 -16.78
CA LYS L 478 -9.53 36.55 -15.99
C LYS L 478 -9.43 36.91 -14.51
N THR L 479 -10.49 36.61 -13.76
CA THR L 479 -10.57 37.00 -12.36
C THR L 479 -10.90 35.80 -11.48
N VAL L 480 -10.24 35.74 -10.32
CA VAL L 480 -10.48 34.68 -9.34
C VAL L 480 -10.73 35.32 -7.99
N ALA L 481 -11.43 34.55 -7.13
CA ALA L 481 -11.84 34.99 -5.81
C ALA L 481 -11.29 34.05 -4.74
N PRO L 482 -10.97 34.56 -3.55
CA PRO L 482 -10.40 33.71 -2.50
C PRO L 482 -11.34 32.59 -2.05
N THR L 483 -12.65 32.83 -2.04
CA THR L 483 -13.67 31.92 -1.50
C THR L 483 -13.19 31.08 -0.31
#